data_4JAH
# 
_entry.id   4JAH 
# 
_audit_conform.dict_name       mmcif_pdbx.dic 
_audit_conform.dict_version    5.387 
_audit_conform.dict_location   http://mmcif.pdb.org/dictionaries/ascii/mmcif_pdbx.dic 
# 
loop_
_database_2.database_id 
_database_2.database_code 
_database_2.pdbx_database_accession 
_database_2.pdbx_DOI 
PDB   4JAH         pdb_00004jah 10.2210/pdb4jah/pdb 
NDB   NA2261       ?            ?                   
RCSB  RCSB077800   ?            ?                   
WWPDB D_1000077800 ?            ?                   
# 
loop_
_pdbx_audit_revision_history.ordinal 
_pdbx_audit_revision_history.data_content_type 
_pdbx_audit_revision_history.major_revision 
_pdbx_audit_revision_history.minor_revision 
_pdbx_audit_revision_history.revision_date 
1 'Structure model' 1 0 2014-01-29 
2 'Structure model' 1 1 2024-02-28 
# 
_pdbx_audit_revision_details.ordinal             1 
_pdbx_audit_revision_details.revision_ordinal    1 
_pdbx_audit_revision_details.data_content_type   'Structure model' 
_pdbx_audit_revision_details.provider            repository 
_pdbx_audit_revision_details.type                'Initial release' 
_pdbx_audit_revision_details.description         ? 
_pdbx_audit_revision_details.details             ? 
# 
loop_
_pdbx_audit_revision_group.ordinal 
_pdbx_audit_revision_group.revision_ordinal 
_pdbx_audit_revision_group.data_content_type 
_pdbx_audit_revision_group.group 
1 2 'Structure model' 'Data collection'        
2 2 'Structure model' 'Database references'    
3 2 'Structure model' 'Derived calculations'   
4 2 'Structure model' 'Refinement description' 
# 
loop_
_pdbx_audit_revision_category.ordinal 
_pdbx_audit_revision_category.revision_ordinal 
_pdbx_audit_revision_category.data_content_type 
_pdbx_audit_revision_category.category 
1 2 'Structure model' chem_comp_atom 
2 2 'Structure model' chem_comp_bond 
3 2 'Structure model' database_2     
4 2 'Structure model' software       
5 2 'Structure model' struct_conn    
6 2 'Structure model' struct_site    
# 
loop_
_pdbx_audit_revision_item.ordinal 
_pdbx_audit_revision_item.revision_ordinal 
_pdbx_audit_revision_item.data_content_type 
_pdbx_audit_revision_item.item 
1  2 'Structure model' '_database_2.pdbx_DOI'                
2  2 'Structure model' '_database_2.pdbx_database_accession' 
3  2 'Structure model' '_software.name'                      
4  2 'Structure model' '_struct_conn.conn_type_id'           
5  2 'Structure model' '_struct_conn.id'                     
6  2 'Structure model' '_struct_conn.pdbx_dist_value'        
7  2 'Structure model' '_struct_conn.pdbx_leaving_atom_flag' 
8  2 'Structure model' '_struct_conn.ptnr1_auth_asym_id'     
9  2 'Structure model' '_struct_conn.ptnr1_auth_comp_id'     
10 2 'Structure model' '_struct_conn.ptnr1_auth_seq_id'      
11 2 'Structure model' '_struct_conn.ptnr1_label_asym_id'    
12 2 'Structure model' '_struct_conn.ptnr1_label_atom_id'    
13 2 'Structure model' '_struct_conn.ptnr1_label_comp_id'    
14 2 'Structure model' '_struct_conn.ptnr1_label_seq_id'     
15 2 'Structure model' '_struct_conn.ptnr2_auth_asym_id'     
16 2 'Structure model' '_struct_conn.ptnr2_auth_comp_id'     
17 2 'Structure model' '_struct_conn.ptnr2_auth_seq_id'      
18 2 'Structure model' '_struct_conn.ptnr2_label_asym_id'    
19 2 'Structure model' '_struct_conn.ptnr2_label_atom_id'    
20 2 'Structure model' '_struct_conn.ptnr2_label_comp_id'    
21 2 'Structure model' '_struct_conn.ptnr2_label_seq_id'     
22 2 'Structure model' '_struct_site.pdbx_auth_asym_id'      
23 2 'Structure model' '_struct_site.pdbx_auth_comp_id'      
24 2 'Structure model' '_struct_site.pdbx_auth_seq_id'       
# 
_pdbx_database_status.status_code                     REL 
_pdbx_database_status.entry_id                        4JAH 
_pdbx_database_status.recvd_initial_deposition_date   2013-02-18 
_pdbx_database_status.deposit_site                    RCSB 
_pdbx_database_status.process_site                    RCSB 
_pdbx_database_status.status_code_sf                  REL 
_pdbx_database_status.status_code_mr                  ? 
_pdbx_database_status.SG_entry                        ? 
_pdbx_database_status.status_code_cs                  ? 
_pdbx_database_status.methods_development_category    ? 
_pdbx_database_status.pdb_format_compatible           Y 
_pdbx_database_status.status_code_nmr_data            ? 
# 
loop_
_pdbx_database_related.db_name 
_pdbx_database_related.db_id 
_pdbx_database_related.details 
_pdbx_database_related.content_type 
PDB 3S49 . unspecified 
PDB 4JAB . unspecified 
# 
loop_
_audit_author.name 
_audit_author.pdbx_ordinal 
'Jiang, S.' 1 
'Gan, J.'   2 
'Sun, H.'   3 
'Huang, Z.' 4 
# 
_citation.id                        primary 
_citation.title                     'Crystal structure of 2-Selenouridine containing RNA' 
_citation.journal_abbrev            'To be Published' 
_citation.journal_volume            ? 
_citation.page_first                ? 
_citation.page_last                 ? 
_citation.year                      ? 
_citation.journal_id_ASTM           ? 
_citation.country                   ? 
_citation.journal_id_ISSN           ? 
_citation.journal_id_CSD            0353 
_citation.book_publisher            ? 
_citation.pdbx_database_id_PubMed   ? 
_citation.pdbx_database_id_DOI      ? 
# 
loop_
_citation_author.citation_id 
_citation_author.name 
_citation_author.ordinal 
_citation_author.identifier_ORCID 
primary 'Jiang, S.' 1 ? 
primary 'Gan, J.'   2 ? 
primary 'Sun, H.'   3 ? 
primary 'Huang, Z.' 4 ? 
# 
loop_
_entity.id 
_entity.type 
_entity.src_method 
_entity.pdbx_description 
_entity.formula_weight 
_entity.pdbx_number_of_molecules 
_entity.pdbx_ec 
_entity.pdbx_mutation 
_entity.pdbx_fragment 
_entity.details 
1 polymer     syn 
;RNA (5'-R(*GP*UP*GP*UP*AP*(RUS)P*AP*C)-3')
;
2590.506 6   ? ? ? ? 
2 non-polymer syn 'POTASSIUM ION'                              39.098   2   ? ? ? ? 
3 water       nat water                                        18.015   143 ? ? ? ? 
# 
_entity_poly.entity_id                      1 
_entity_poly.type                           polyribonucleotide 
_entity_poly.nstd_linkage                   no 
_entity_poly.nstd_monomer                   yes 
_entity_poly.pdbx_seq_one_letter_code       'GUGUA(RUS)AC' 
_entity_poly.pdbx_seq_one_letter_code_can   GUGUAXAC 
_entity_poly.pdbx_strand_id                 A,B,D,E,C,F 
_entity_poly.pdbx_target_identifier         ? 
# 
loop_
_pdbx_entity_nonpoly.entity_id 
_pdbx_entity_nonpoly.name 
_pdbx_entity_nonpoly.comp_id 
2 'POTASSIUM ION' K   
3 water           HOH 
# 
loop_
_entity_poly_seq.entity_id 
_entity_poly_seq.num 
_entity_poly_seq.mon_id 
_entity_poly_seq.hetero 
1 1 G   n 
1 2 U   n 
1 3 G   n 
1 4 U   n 
1 5 A   n 
1 6 RUS n 
1 7 A   n 
1 8 C   n 
# 
_pdbx_entity_src_syn.entity_id              1 
_pdbx_entity_src_syn.pdbx_src_id            1 
_pdbx_entity_src_syn.pdbx_alt_source_flag   sample 
_pdbx_entity_src_syn.pdbx_beg_seq_num       ? 
_pdbx_entity_src_syn.pdbx_end_seq_num       ? 
_pdbx_entity_src_syn.organism_scientific    ? 
_pdbx_entity_src_syn.organism_common_name   'synthetic construct' 
_pdbx_entity_src_syn.ncbi_taxonomy_id       32630 
_pdbx_entity_src_syn.details                ? 
# 
loop_
_chem_comp.id 
_chem_comp.type 
_chem_comp.mon_nstd_flag 
_chem_comp.name 
_chem_comp.pdbx_synonyms 
_chem_comp.formula 
_chem_comp.formula_weight 
A   'RNA linking' y "ADENOSINE-5'-MONOPHOSPHATE"                                          ? 'C10 H14 N5 O7 P'   347.221 
C   'RNA linking' y "CYTIDINE-5'-MONOPHOSPHATE"                                           ? 'C9 H14 N3 O8 P'    323.197 
G   'RNA linking' y "GUANOSINE-5'-MONOPHOSPHATE"                                          ? 'C10 H14 N5 O8 P'   363.221 
HOH non-polymer   . WATER                                                                 ? 'H2 O'              18.015  
K   non-polymer   . 'POTASSIUM ION'                                                       ? 'K 1'               39.098  
RUS 'RNA linking' n '1-(5-O-phosphono-beta-D-ribofuranosyl)-2-selanylpyrimidin-4(1H)-one' ? 'C9 H13 N2 O8 P Se' 387.142 
U   'RNA linking' y "URIDINE-5'-MONOPHOSPHATE"                                            ? 'C9 H13 N2 O9 P'    324.181 
# 
loop_
_pdbx_poly_seq_scheme.asym_id 
_pdbx_poly_seq_scheme.entity_id 
_pdbx_poly_seq_scheme.seq_id 
_pdbx_poly_seq_scheme.mon_id 
_pdbx_poly_seq_scheme.ndb_seq_num 
_pdbx_poly_seq_scheme.pdb_seq_num 
_pdbx_poly_seq_scheme.auth_seq_num 
_pdbx_poly_seq_scheme.pdb_mon_id 
_pdbx_poly_seq_scheme.auth_mon_id 
_pdbx_poly_seq_scheme.pdb_strand_id 
_pdbx_poly_seq_scheme.pdb_ins_code 
_pdbx_poly_seq_scheme.hetero 
A 1 1 G   1 1  1  G   G   A . n 
A 1 2 U   2 2  2  U   U   A . n 
A 1 3 G   3 3  3  G   G   A . n 
A 1 4 U   4 4  4  U   U   A . n 
A 1 5 A   5 5  5  A   A   A . n 
A 1 6 RUS 6 6  6  RUS RUS A . n 
A 1 7 A   7 7  7  A   A   A . n 
A 1 8 C   8 8  8  C   C   A . n 
B 1 1 G   1 9  9  G   G   B . n 
B 1 2 U   2 10 10 U   U   B . n 
B 1 3 G   3 11 11 G   G   B . n 
B 1 4 U   4 12 12 U   U   B . n 
B 1 5 A   5 13 13 A   A   B . n 
B 1 6 RUS 6 14 14 RUS RUS B . n 
B 1 7 A   7 15 15 A   A   B . n 
B 1 8 C   8 16 16 C   C   B . n 
C 1 1 G   1 9  9  G   G   D . n 
C 1 2 U   2 10 10 U   U   D . n 
C 1 3 G   3 11 11 G   G   D . n 
C 1 4 U   4 12 12 U   U   D . n 
C 1 5 A   5 13 13 A   A   D . n 
C 1 6 RUS 6 14 14 RUS RUS D . n 
C 1 7 A   7 15 15 A   A   D . n 
C 1 8 C   8 16 16 C   C   D . n 
D 1 1 G   1 1  1  G   G   E . n 
D 1 2 U   2 2  2  U   U   E . n 
D 1 3 G   3 3  3  G   G   E . n 
D 1 4 U   4 4  4  U   U   E . n 
D 1 5 A   5 5  5  A   A   E . n 
D 1 6 RUS 6 6  6  RUS RUS E . n 
D 1 7 A   7 7  7  A   A   E . n 
D 1 8 C   8 8  8  C   C   E . n 
E 1 1 G   1 1  1  G   G   C . n 
E 1 2 U   2 2  2  U   U   C . n 
E 1 3 G   3 3  3  G   G   C . n 
E 1 4 U   4 4  4  U   U   C . n 
E 1 5 A   5 5  5  A   A   C . n 
E 1 6 RUS 6 6  6  RUS RUS C . n 
E 1 7 A   7 7  7  A   A   C . n 
E 1 8 C   8 8  8  C   C   C . n 
F 1 1 G   1 9  9  G   G   F . n 
F 1 2 U   2 10 10 U   U   F . n 
F 1 3 G   3 11 11 G   G   F . n 
F 1 4 U   4 12 12 U   U   F . n 
F 1 5 A   5 13 13 A   A   F . n 
F 1 6 RUS 6 14 14 RUS RUS F . n 
F 1 7 A   7 15 15 A   A   F . n 
F 1 8 C   8 16 16 C   C   F . n 
# 
loop_
_pdbx_nonpoly_scheme.asym_id 
_pdbx_nonpoly_scheme.entity_id 
_pdbx_nonpoly_scheme.mon_id 
_pdbx_nonpoly_scheme.ndb_seq_num 
_pdbx_nonpoly_scheme.pdb_seq_num 
_pdbx_nonpoly_scheme.auth_seq_num 
_pdbx_nonpoly_scheme.pdb_mon_id 
_pdbx_nonpoly_scheme.auth_mon_id 
_pdbx_nonpoly_scheme.pdb_strand_id 
_pdbx_nonpoly_scheme.pdb_ins_code 
G 2 K   1  101 2   K   K   A . 
H 2 K   1  101 3   K   K   C . 
I 3 HOH 1  201 4   HOH HOH A . 
I 3 HOH 2  202 5   HOH HOH A . 
I 3 HOH 3  203 19  HOH HOH A . 
I 3 HOH 4  204 24  HOH HOH A . 
I 3 HOH 5  205 27  HOH HOH A . 
I 3 HOH 6  206 36  HOH HOH A . 
I 3 HOH 7  207 38  HOH HOH A . 
I 3 HOH 8  208 40  HOH HOH A . 
I 3 HOH 9  209 41  HOH HOH A . 
I 3 HOH 10 210 48  HOH HOH A . 
I 3 HOH 11 211 55  HOH HOH A . 
I 3 HOH 12 212 60  HOH HOH A . 
I 3 HOH 13 213 63  HOH HOH A . 
I 3 HOH 14 214 66  HOH HOH A . 
I 3 HOH 15 215 70  HOH HOH A . 
I 3 HOH 16 216 84  HOH HOH A . 
I 3 HOH 17 217 90  HOH HOH A . 
I 3 HOH 18 218 91  HOH HOH A . 
I 3 HOH 19 219 97  HOH HOH A . 
I 3 HOH 20 220 117 HOH HOH A . 
I 3 HOH 21 221 118 HOH HOH A . 
I 3 HOH 22 222 124 HOH HOH A . 
I 3 HOH 23 223 135 HOH HOH A . 
I 3 HOH 24 224 136 HOH HOH A . 
I 3 HOH 25 225 144 HOH HOH A . 
I 3 HOH 26 226 33  HOH HOH A . 
I 3 HOH 27 227 31  HOH HOH A . 
J 3 HOH 1  101 10  HOH HOH B . 
J 3 HOH 2  102 13  HOH HOH B . 
J 3 HOH 3  103 14  HOH HOH B . 
J 3 HOH 4  104 17  HOH HOH B . 
J 3 HOH 5  105 22  HOH HOH B . 
J 3 HOH 6  106 25  HOH HOH B . 
J 3 HOH 7  107 32  HOH HOH B . 
J 3 HOH 8  108 37  HOH HOH B . 
J 3 HOH 9  109 47  HOH HOH B . 
J 3 HOH 10 110 61  HOH HOH B . 
J 3 HOH 11 111 68  HOH HOH B . 
J 3 HOH 12 112 74  HOH HOH B . 
J 3 HOH 13 113 78  HOH HOH B . 
J 3 HOH 14 114 82  HOH HOH B . 
J 3 HOH 15 115 83  HOH HOH B . 
J 3 HOH 16 116 87  HOH HOH B . 
J 3 HOH 17 117 88  HOH HOH B . 
J 3 HOH 18 118 95  HOH HOH B . 
J 3 HOH 19 119 98  HOH HOH B . 
J 3 HOH 20 120 100 HOH HOH B . 
J 3 HOH 21 121 107 HOH HOH B . 
J 3 HOH 22 122 108 HOH HOH B . 
J 3 HOH 23 123 112 HOH HOH B . 
J 3 HOH 24 124 140 HOH HOH B . 
J 3 HOH 25 125 142 HOH HOH B . 
J 3 HOH 26 126 146 HOH HOH B . 
J 3 HOH 27 127 147 HOH HOH B . 
J 3 HOH 28 128 20  HOH HOH B . 
K 3 HOH 1  101 62  HOH HOH D . 
K 3 HOH 2  102 3   HOH HOH D . 
K 3 HOH 3  103 6   HOH HOH D . 
K 3 HOH 4  104 23  HOH HOH D . 
K 3 HOH 5  105 26  HOH HOH D . 
K 3 HOH 6  106 49  HOH HOH D . 
K 3 HOH 7  107 51  HOH HOH D . 
K 3 HOH 8  108 56  HOH HOH D . 
K 3 HOH 9  109 69  HOH HOH D . 
K 3 HOH 10 110 77  HOH HOH D . 
K 3 HOH 11 111 79  HOH HOH D . 
K 3 HOH 12 112 93  HOH HOH D . 
K 3 HOH 13 113 94  HOH HOH D . 
K 3 HOH 14 114 96  HOH HOH D . 
K 3 HOH 15 115 99  HOH HOH D . 
K 3 HOH 16 116 103 HOH HOH D . 
K 3 HOH 17 117 116 HOH HOH D . 
K 3 HOH 18 118 119 HOH HOH D . 
K 3 HOH 19 119 127 HOH HOH D . 
K 3 HOH 20 120 132 HOH HOH D . 
K 3 HOH 21 121 134 HOH HOH D . 
K 3 HOH 22 122 137 HOH HOH D . 
K 3 HOH 23 123 139 HOH HOH D . 
L 3 HOH 1  101 11  HOH HOH E . 
L 3 HOH 2  102 15  HOH HOH E . 
L 3 HOH 3  103 18  HOH HOH E . 
L 3 HOH 4  104 35  HOH HOH E . 
L 3 HOH 5  105 43  HOH HOH E . 
L 3 HOH 6  106 45  HOH HOH E . 
L 3 HOH 7  107 46  HOH HOH E . 
L 3 HOH 8  108 50  HOH HOH E . 
L 3 HOH 9  109 52  HOH HOH E . 
L 3 HOH 10 110 57  HOH HOH E . 
L 3 HOH 11 111 58  HOH HOH E . 
L 3 HOH 12 112 109 HOH HOH E . 
L 3 HOH 13 113 111 HOH HOH E . 
L 3 HOH 14 114 114 HOH HOH E . 
L 3 HOH 15 115 115 HOH HOH E . 
L 3 HOH 16 116 120 HOH HOH E . 
L 3 HOH 17 117 121 HOH HOH E . 
L 3 HOH 18 118 130 HOH HOH E . 
L 3 HOH 19 119 141 HOH HOH E . 
L 3 HOH 20 120 153 HOH HOH E . 
L 3 HOH 21 121 155 HOH HOH E . 
M 3 HOH 1  201 21  HOH HOH C . 
M 3 HOH 2  202 16  HOH HOH C . 
M 3 HOH 3  203 34  HOH HOH C . 
M 3 HOH 4  204 39  HOH HOH C . 
M 3 HOH 5  205 53  HOH HOH C . 
M 3 HOH 6  206 54  HOH HOH C . 
M 3 HOH 7  207 64  HOH HOH C . 
M 3 HOH 8  208 67  HOH HOH C . 
M 3 HOH 9  209 71  HOH HOH C . 
M 3 HOH 10 210 80  HOH HOH C . 
M 3 HOH 11 211 85  HOH HOH C . 
M 3 HOH 12 212 86  HOH HOH C . 
M 3 HOH 13 213 89  HOH HOH C . 
M 3 HOH 14 214 92  HOH HOH C . 
M 3 HOH 15 215 101 HOH HOH C . 
M 3 HOH 16 216 104 HOH HOH C . 
M 3 HOH 17 217 110 HOH HOH C . 
M 3 HOH 18 218 113 HOH HOH C . 
M 3 HOH 19 219 138 HOH HOH C . 
M 3 HOH 20 220 150 HOH HOH C . 
M 3 HOH 21 221 151 HOH HOH C . 
M 3 HOH 22 222 44  HOH HOH C . 
N 3 HOH 1  101 30  HOH HOH F . 
N 3 HOH 2  102 8   HOH HOH F . 
N 3 HOH 3  103 9   HOH HOH F . 
N 3 HOH 4  104 12  HOH HOH F . 
N 3 HOH 5  105 28  HOH HOH F . 
N 3 HOH 6  106 29  HOH HOH F . 
N 3 HOH 7  107 42  HOH HOH F . 
N 3 HOH 8  108 65  HOH HOH F . 
N 3 HOH 9  109 72  HOH HOH F . 
N 3 HOH 10 110 73  HOH HOH F . 
N 3 HOH 11 111 75  HOH HOH F . 
N 3 HOH 12 112 76  HOH HOH F . 
N 3 HOH 13 113 102 HOH HOH F . 
N 3 HOH 14 114 106 HOH HOH F . 
N 3 HOH 15 115 123 HOH HOH F . 
N 3 HOH 16 116 125 HOH HOH F . 
N 3 HOH 17 117 128 HOH HOH F . 
N 3 HOH 18 118 129 HOH HOH F . 
N 3 HOH 19 119 131 HOH HOH F . 
N 3 HOH 20 120 133 HOH HOH F . 
N 3 HOH 21 121 145 HOH HOH F . 
N 3 HOH 22 122 152 HOH HOH F . 
# 
loop_
_software.name 
_software.classification 
_software.version 
_software.citation_id 
_software.pdbx_ordinal 
Web-Ice  'data collection' .        ? 1 
PHASER   phasing           .        ? 2 
REFMAC   refinement        5.6.0117 ? 3 
HKL-2000 'data reduction'  .        ? 4 
HKL-2000 'data scaling'    .        ? 5 
# 
_cell.entry_id           4JAH 
_cell.length_a           46.444 
_cell.length_b           46.444 
_cell.length_c           120.612 
_cell.angle_alpha        90.00 
_cell.angle_beta         90.00 
_cell.angle_gamma        120.00 
_cell.Z_PDB              36 
_cell.pdbx_unique_axis   ? 
_cell.length_a_esd       ? 
_cell.length_b_esd       ? 
_cell.length_c_esd       ? 
_cell.angle_alpha_esd    ? 
_cell.angle_beta_esd     ? 
_cell.angle_gamma_esd    ? 
# 
_symmetry.entry_id                         4JAH 
_symmetry.space_group_name_H-M             'P 31 2 1' 
_symmetry.pdbx_full_space_group_name_H-M   ? 
_symmetry.cell_setting                     ? 
_symmetry.Int_Tables_number                152 
_symmetry.space_group_name_Hall            ? 
# 
_exptl.entry_id          4JAH 
_exptl.method            'X-RAY DIFFRACTION' 
_exptl.crystals_number   1 
# 
_exptl_crystal.id                    1 
_exptl_crystal.density_meas          ? 
_exptl_crystal.density_Matthews      2.42 
_exptl_crystal.density_percent_sol   49.09 
_exptl_crystal.description           ? 
_exptl_crystal.F_000                 ? 
_exptl_crystal.preparation           ? 
# 
_exptl_crystal_grow.crystal_id      1 
_exptl_crystal_grow.method          'VAPOR DIFFUSION, HANGING DROP' 
_exptl_crystal_grow.temp            298 
_exptl_crystal_grow.temp_details    ? 
_exptl_crystal_grow.pH              7.0 
_exptl_crystal_grow.pdbx_details    
;10% v/v MPD, 40 mM NaCacodylate pH 7.0, 12 mM Spermine tetra-HCl, 80 mM Sodium Chloride, 12mM Potassium Chloride, 20 mM Magnesium Chloride , VAPOR DIFFUSION, HANGING DROP, temperature 298K
;
_exptl_crystal_grow.pdbx_pH_range   ? 
# 
_diffrn.id                     1 
_diffrn.ambient_temp           100 
_diffrn.ambient_temp_details   ? 
_diffrn.crystal_id             1 
# 
_diffrn_detector.diffrn_id              1 
_diffrn_detector.detector               CCD 
_diffrn_detector.type                   'ADSC QUANTUM 315r' 
_diffrn_detector.pdbx_collection_date   2012-07-29 
_diffrn_detector.details                ? 
# 
_diffrn_radiation.diffrn_id                        1 
_diffrn_radiation.wavelength_id                    1 
_diffrn_radiation.pdbx_monochromatic_or_laue_m_l   M 
_diffrn_radiation.monochromator                    'Double crystal, Si(111)' 
_diffrn_radiation.pdbx_diffrn_protocol             'SINGLE WAVELENGTH' 
_diffrn_radiation.pdbx_scattering_type             x-ray 
# 
_diffrn_radiation_wavelength.id           1 
_diffrn_radiation_wavelength.wavelength   0.9795 
_diffrn_radiation_wavelength.wt           1.0 
# 
_diffrn_source.diffrn_id                   1 
_diffrn_source.source                      SYNCHROTRON 
_diffrn_source.type                        'ALS BEAMLINE 8.2.2' 
_diffrn_source.pdbx_synchrotron_site       ALS 
_diffrn_source.pdbx_synchrotron_beamline   8.2.2 
_diffrn_source.pdbx_wavelength             ? 
_diffrn_source.pdbx_wavelength_list        0.9795 
# 
_reflns.entry_id                     4JAH 
_reflns.observed_criterion_sigma_I   ? 
_reflns.observed_criterion_sigma_F   . 
_reflns.d_resolution_low             40.222 
_reflns.d_resolution_high            1.50 
_reflns.number_obs                   24253 
_reflns.number_all                   24918 
_reflns.percent_possible_obs         97.33 
_reflns.pdbx_Rmerge_I_obs            ? 
_reflns.pdbx_Rsym_value              0.08 
_reflns.pdbx_netI_over_sigmaI        20.5 
_reflns.B_iso_Wilson_estimate        ? 
_reflns.pdbx_redundancy              4.1 
_reflns.R_free_details               ? 
_reflns.limit_h_max                  ? 
_reflns.limit_h_min                  ? 
_reflns.limit_k_max                  ? 
_reflns.limit_k_min                  ? 
_reflns.limit_l_max                  ? 
_reflns.limit_l_min                  ? 
_reflns.observed_criterion_F_max     ? 
_reflns.observed_criterion_F_min     ? 
_reflns.pdbx_chi_squared             ? 
_reflns.pdbx_scaling_rejects         ? 
_reflns.pdbx_ordinal                 1 
_reflns.pdbx_diffrn_id               1 
# 
_reflns_shell.d_res_high             1.50 
_reflns_shell.d_res_low              1.55 
_reflns_shell.percent_possible_all   64.6 
_reflns_shell.Rmerge_I_obs           ? 
_reflns_shell.pdbx_Rsym_value        0.35 
_reflns_shell.meanI_over_sigI_obs    2.4 
_reflns_shell.pdbx_redundancy        2.1 
_reflns_shell.percent_possible_obs   ? 
_reflns_shell.number_unique_all      ? 
_reflns_shell.number_measured_all    ? 
_reflns_shell.number_measured_obs    ? 
_reflns_shell.number_unique_obs      ? 
_reflns_shell.pdbx_chi_squared       ? 
_reflns_shell.pdbx_ordinal           1 
_reflns_shell.pdbx_diffrn_id         1 
# 
_refine.entry_id                                 4JAH 
_refine.ls_number_reflns_obs                     22895 
_refine.ls_number_reflns_all                     23662 
_refine.pdbx_ls_sigma_I                          ? 
_refine.pdbx_ls_sigma_F                          2 
_refine.pdbx_data_cutoff_high_absF               ? 
_refine.pdbx_data_cutoff_low_absF                ? 
_refine.pdbx_data_cutoff_high_rms_absF           ? 
_refine.ls_d_res_low                             40.22 
_refine.ls_d_res_high                            1.50 
_refine.ls_percent_reflns_obs                    96.76 
_refine.ls_R_factor_obs                          0.20975 
_refine.ls_R_factor_all                          0.2248 
_refine.ls_R_factor_R_work                       0.20826 
_refine.ls_R_factor_R_free                       0.23807 
_refine.ls_R_factor_R_free_error                 ? 
_refine.ls_R_factor_R_free_error_details         ? 
_refine.ls_percent_reflns_R_free                 5.1 
_refine.ls_number_reflns_R_free                  1228 
_refine.ls_number_parameters                     ? 
_refine.ls_number_restraints                     ? 
_refine.occupancy_min                            ? 
_refine.occupancy_max                            ? 
_refine.correlation_coeff_Fo_to_Fc               0.961 
_refine.correlation_coeff_Fo_to_Fc_free          0.950 
_refine.B_iso_mean                               22.552 
_refine.aniso_B[1][1]                            0.93 
_refine.aniso_B[2][2]                            0.93 
_refine.aniso_B[3][3]                            -1.39 
_refine.aniso_B[1][2]                            0.46 
_refine.aniso_B[1][3]                            -0.00 
_refine.aniso_B[2][3]                            -0.00 
_refine.solvent_model_details                    MASK 
_refine.solvent_model_param_ksol                 ? 
_refine.solvent_model_param_bsol                 ? 
_refine.pdbx_solvent_vdw_probe_radii             1.20 
_refine.pdbx_solvent_ion_probe_radii             0.80 
_refine.pdbx_solvent_shrinkage_radii             0.80 
_refine.pdbx_ls_cross_valid_method               THROUGHOUT 
_refine.details                                  'HYDROGENS HAVE BEEN USED IF PRESENT IN THE INPUT' 
_refine.pdbx_starting_model                      ? 
_refine.pdbx_method_to_determine_struct          246D 
_refine.pdbx_isotropic_thermal_model             ? 
_refine.pdbx_stereochemistry_target_values       'MAXIMUM LIKELIHOOD' 
_refine.pdbx_stereochem_target_val_spec_case     ? 
_refine.pdbx_R_Free_selection_details            RANDOM 
_refine.pdbx_overall_ESU_R                       0.080 
_refine.pdbx_overall_ESU_R_Free                  0.082 
_refine.overall_SU_ML                            0.056 
_refine.pdbx_overall_phase_error                 ? 
_refine.overall_SU_B                             1.512 
_refine.overall_SU_R_Cruickshank_DPI             ? 
_refine.ls_redundancy_reflns_obs                 ? 
_refine.B_iso_min                                ? 
_refine.B_iso_max                                ? 
_refine.overall_SU_R_free                        ? 
_refine.ls_wR_factor_R_free                      ? 
_refine.ls_wR_factor_R_work                      ? 
_refine.overall_FOM_free_R_set                   ? 
_refine.overall_FOM_work_R_set                   ? 
_refine.pdbx_diffrn_id                           1 
_refine.pdbx_refine_id                           'X-RAY DIFFRACTION' 
_refine.pdbx_TLS_residual_ADP_flag               ? 
_refine.pdbx_overall_SU_R_free_Cruickshank_DPI   ? 
_refine.pdbx_overall_SU_R_Blow_DPI               ? 
_refine.pdbx_overall_SU_R_free_Blow_DPI          ? 
# 
_refine_hist.pdbx_refine_id                   'X-RAY DIFFRACTION' 
_refine_hist.cycle_id                         LAST 
_refine_hist.pdbx_number_atoms_protein        0 
_refine_hist.pdbx_number_atoms_nucleic_acid   1002 
_refine_hist.pdbx_number_atoms_ligand         2 
_refine_hist.number_atoms_solvent             143 
_refine_hist.number_atoms_total               1147 
_refine_hist.d_res_high                       1.50 
_refine_hist.d_res_low                        40.22 
# 
loop_
_refine_ls_restr.type 
_refine_ls_restr.dev_ideal 
_refine_ls_restr.dev_ideal_target 
_refine_ls_restr.weight 
_refine_ls_restr.number 
_refine_ls_restr.pdbx_restraint_function 
_refine_ls_restr.pdbx_refine_id 
r_bond_refined_d             0.014 0.011 ? 1116 ? 'X-RAY DIFFRACTION' 
r_bond_other_d               ?     ?     ? ?    ? 'X-RAY DIFFRACTION' 
r_angle_refined_deg          2.305 1.452 ? 1728 ? 'X-RAY DIFFRACTION' 
r_angle_other_deg            ?     ?     ? ?    ? 'X-RAY DIFFRACTION' 
r_dihedral_angle_1_deg       ?     ?     ? ?    ? 'X-RAY DIFFRACTION' 
r_dihedral_angle_2_deg       ?     ?     ? ?    ? 'X-RAY DIFFRACTION' 
r_dihedral_angle_3_deg       ?     ?     ? ?    ? 'X-RAY DIFFRACTION' 
r_dihedral_angle_4_deg       ?     ?     ? ?    ? 'X-RAY DIFFRACTION' 
r_chiral_restr               0.115 0.200 ? 192  ? 'X-RAY DIFFRACTION' 
r_gen_planes_refined         0.025 0.020 ? 492  ? 'X-RAY DIFFRACTION' 
r_gen_planes_other           ?     ?     ? ?    ? 'X-RAY DIFFRACTION' 
r_nbd_refined                ?     ?     ? ?    ? 'X-RAY DIFFRACTION' 
r_nbd_other                  ?     ?     ? ?    ? 'X-RAY DIFFRACTION' 
r_nbtor_refined              ?     ?     ? ?    ? 'X-RAY DIFFRACTION' 
r_nbtor_other                ?     ?     ? ?    ? 'X-RAY DIFFRACTION' 
r_xyhbond_nbd_refined        ?     ?     ? ?    ? 'X-RAY DIFFRACTION' 
r_xyhbond_nbd_other          ?     ?     ? ?    ? 'X-RAY DIFFRACTION' 
r_metal_ion_refined          ?     ?     ? ?    ? 'X-RAY DIFFRACTION' 
r_metal_ion_other            ?     ?     ? ?    ? 'X-RAY DIFFRACTION' 
r_symmetry_vdw_refined       ?     ?     ? ?    ? 'X-RAY DIFFRACTION' 
r_symmetry_vdw_other         ?     ?     ? ?    ? 'X-RAY DIFFRACTION' 
r_symmetry_hbond_refined     ?     ?     ? ?    ? 'X-RAY DIFFRACTION' 
r_symmetry_hbond_other       ?     ?     ? ?    ? 'X-RAY DIFFRACTION' 
r_symmetry_metal_ion_refined ?     ?     ? ?    ? 'X-RAY DIFFRACTION' 
r_symmetry_metal_ion_other   ?     ?     ? ?    ? 'X-RAY DIFFRACTION' 
r_mcbond_it                  ?     ?     ? ?    ? 'X-RAY DIFFRACTION' 
r_mcbond_other               ?     ?     ? ?    ? 'X-RAY DIFFRACTION' 
r_mcangle_it                 ?     ?     ? ?    ? 'X-RAY DIFFRACTION' 
r_scbond_it                  ?     ?     ? ?    ? 'X-RAY DIFFRACTION' 
r_scangle_it                 ?     ?     ? ?    ? 'X-RAY DIFFRACTION' 
r_rigid_bond_restr           ?     ?     ? ?    ? 'X-RAY DIFFRACTION' 
r_sphericity_free            ?     ?     ? ?    ? 'X-RAY DIFFRACTION' 
r_sphericity_bonded          ?     ?     ? ?    ? 'X-RAY DIFFRACTION' 
# 
_refine_ls_shell.pdbx_total_number_of_bins_used   20 
_refine_ls_shell.d_res_high                       1.501 
_refine_ls_shell.d_res_low                        1.540 
_refine_ls_shell.number_reflns_R_work             1186 
_refine_ls_shell.R_factor_R_work                  0.311 
_refine_ls_shell.percent_reflns_obs               73.62 
_refine_ls_shell.R_factor_R_free                  0.282 
_refine_ls_shell.R_factor_R_free_error            ? 
_refine_ls_shell.percent_reflns_R_free            ? 
_refine_ls_shell.number_reflns_R_free             64 
_refine_ls_shell.number_reflns_all                ? 
_refine_ls_shell.R_factor_all                     ? 
_refine_ls_shell.number_reflns_obs                ? 
_refine_ls_shell.redundancy_reflns_obs            ? 
_refine_ls_shell.pdbx_refine_id                   'X-RAY DIFFRACTION' 
# 
_struct.entry_id                  4JAH 
_struct.title                     'Crystal structure of 2-Selenouridine containing RNA' 
_struct.pdbx_model_details        ? 
_struct.pdbx_CASP_flag            ? 
_struct.pdbx_model_type_details   ? 
# 
_struct_keywords.entry_id        4JAH 
_struct_keywords.pdbx_keywords   RNA 
_struct_keywords.text            '2-selenouridine, high fidelity base pairing, RNA' 
# 
loop_
_struct_asym.id 
_struct_asym.pdbx_blank_PDB_chainid_flag 
_struct_asym.pdbx_modified 
_struct_asym.entity_id 
_struct_asym.details 
A N N 1 ? 
B N N 1 ? 
C N N 1 ? 
D N N 1 ? 
E N N 1 ? 
F N N 1 ? 
G N N 2 ? 
H N N 2 ? 
I N N 3 ? 
J N N 3 ? 
K N N 3 ? 
L N N 3 ? 
M N N 3 ? 
N N N 3 ? 
# 
_struct_ref.id                         1 
_struct_ref.db_name                    PDB 
_struct_ref.db_code                    4JAH 
_struct_ref.pdbx_db_accession          4JAH 
_struct_ref.entity_id                  1 
_struct_ref.pdbx_align_begin           ? 
_struct_ref.pdbx_seq_one_letter_code   ? 
_struct_ref.pdbx_db_isoform            ? 
# 
loop_
_struct_ref_seq.align_id 
_struct_ref_seq.ref_id 
_struct_ref_seq.pdbx_PDB_id_code 
_struct_ref_seq.pdbx_strand_id 
_struct_ref_seq.seq_align_beg 
_struct_ref_seq.pdbx_seq_align_beg_ins_code 
_struct_ref_seq.seq_align_end 
_struct_ref_seq.pdbx_seq_align_end_ins_code 
_struct_ref_seq.pdbx_db_accession 
_struct_ref_seq.db_align_beg 
_struct_ref_seq.pdbx_db_align_beg_ins_code 
_struct_ref_seq.db_align_end 
_struct_ref_seq.pdbx_db_align_end_ins_code 
_struct_ref_seq.pdbx_auth_seq_align_beg 
_struct_ref_seq.pdbx_auth_seq_align_end 
1 1 4JAH A 1 ? 8 ? 4JAH 1 ? 8  ? 1 8  
2 1 4JAH B 1 ? 8 ? 4JAH 9 ? 16 ? 9 16 
3 1 4JAH D 1 ? 8 ? 4JAH 9 ? 16 ? 9 16 
4 1 4JAH E 1 ? 8 ? 4JAH 1 ? 8  ? 1 8  
5 1 4JAH C 1 ? 8 ? 4JAH 1 ? 8  ? 1 8  
6 1 4JAH F 1 ? 8 ? 4JAH 9 ? 16 ? 9 16 
# 
_pdbx_struct_assembly.id                   1 
_pdbx_struct_assembly.details              author_and_software_defined_assembly 
_pdbx_struct_assembly.method_details       PISA 
_pdbx_struct_assembly.oligomeric_details   hexameric 
_pdbx_struct_assembly.oligomeric_count     6 
# 
loop_
_pdbx_struct_assembly_prop.biol_id 
_pdbx_struct_assembly_prop.type 
_pdbx_struct_assembly_prop.value 
_pdbx_struct_assembly_prop.details 
1 'ABSA (A^2)' 7970 ? 
1 MORE         -146 ? 
1 'SSA (A^2)'  7970 ? 
# 
_pdbx_struct_assembly_gen.assembly_id       1 
_pdbx_struct_assembly_gen.oper_expression   1 
_pdbx_struct_assembly_gen.asym_id_list      A,B,C,D,E,F,G,H,I,J,K,L,M,N 
# 
_pdbx_struct_oper_list.id                   1 
_pdbx_struct_oper_list.type                 'identity operation' 
_pdbx_struct_oper_list.name                 1_555 
_pdbx_struct_oper_list.symmetry_operation   x,y,z 
_pdbx_struct_oper_list.matrix[1][1]         1.0000000000 
_pdbx_struct_oper_list.matrix[1][2]         0.0000000000 
_pdbx_struct_oper_list.matrix[1][3]         0.0000000000 
_pdbx_struct_oper_list.vector[1]            0.0000000000 
_pdbx_struct_oper_list.matrix[2][1]         0.0000000000 
_pdbx_struct_oper_list.matrix[2][2]         1.0000000000 
_pdbx_struct_oper_list.matrix[2][3]         0.0000000000 
_pdbx_struct_oper_list.vector[2]            0.0000000000 
_pdbx_struct_oper_list.matrix[3][1]         0.0000000000 
_pdbx_struct_oper_list.matrix[3][2]         0.0000000000 
_pdbx_struct_oper_list.matrix[3][3]         1.0000000000 
_pdbx_struct_oper_list.vector[3]            0.0000000000 
# 
_struct_biol.id        1 
_struct_biol.details   ? 
# 
loop_
_struct_conn.id 
_struct_conn.conn_type_id 
_struct_conn.pdbx_leaving_atom_flag 
_struct_conn.pdbx_PDB_id 
_struct_conn.ptnr1_label_asym_id 
_struct_conn.ptnr1_label_comp_id 
_struct_conn.ptnr1_label_seq_id 
_struct_conn.ptnr1_label_atom_id 
_struct_conn.pdbx_ptnr1_label_alt_id 
_struct_conn.pdbx_ptnr1_PDB_ins_code 
_struct_conn.pdbx_ptnr1_standard_comp_id 
_struct_conn.ptnr1_symmetry 
_struct_conn.ptnr2_label_asym_id 
_struct_conn.ptnr2_label_comp_id 
_struct_conn.ptnr2_label_seq_id 
_struct_conn.ptnr2_label_atom_id 
_struct_conn.pdbx_ptnr2_label_alt_id 
_struct_conn.pdbx_ptnr2_PDB_ins_code 
_struct_conn.ptnr1_auth_asym_id 
_struct_conn.ptnr1_auth_comp_id 
_struct_conn.ptnr1_auth_seq_id 
_struct_conn.ptnr2_auth_asym_id 
_struct_conn.ptnr2_auth_comp_id 
_struct_conn.ptnr2_auth_seq_id 
_struct_conn.ptnr2_symmetry 
_struct_conn.pdbx_ptnr3_label_atom_id 
_struct_conn.pdbx_ptnr3_label_seq_id 
_struct_conn.pdbx_ptnr3_label_comp_id 
_struct_conn.pdbx_ptnr3_label_asym_id 
_struct_conn.pdbx_ptnr3_label_alt_id 
_struct_conn.pdbx_ptnr3_PDB_ins_code 
_struct_conn.details 
_struct_conn.pdbx_dist_value 
_struct_conn.pdbx_value_order 
_struct_conn.pdbx_role 
covale1  covale both ? A A   5 "O3'" ? ? ? 1_555 A RUS 6 P   ? ? A A   5   A RUS 6   1_555 ? ? ? ? ? ? ?            1.565 ? ? 
covale2  covale one  ? A RUS 6 "O3'" ? ? ? 1_555 A A   7 P   ? ? A RUS 6   A A   7   1_555 ? ? ? ? ? ? ?            1.549 ? ? 
covale3  covale both ? B A   5 "O3'" ? ? ? 1_555 B RUS 6 P   ? ? B A   13  B RUS 14  1_555 ? ? ? ? ? ? ?            1.590 ? ? 
covale4  covale one  ? B RUS 6 "O3'" ? ? ? 1_555 B A   7 P   ? ? B RUS 14  B A   15  1_555 ? ? ? ? ? ? ?            1.604 ? ? 
covale5  covale both ? C A   5 "O3'" ? ? ? 1_555 C RUS 6 P   ? ? D A   13  D RUS 14  1_555 ? ? ? ? ? ? ?            1.596 ? ? 
covale6  covale one  ? C RUS 6 "O3'" ? ? ? 1_555 C A   7 P   ? ? D RUS 14  D A   15  1_555 ? ? ? ? ? ? ?            1.614 ? ? 
covale7  covale both ? D A   5 "O3'" ? ? ? 1_555 D RUS 6 P   ? ? E A   5   E RUS 6   1_555 ? ? ? ? ? ? ?            1.513 ? ? 
covale8  covale one  ? D RUS 6 "O3'" ? ? ? 1_555 D A   7 P   ? ? E RUS 6   E A   7   1_555 ? ? ? ? ? ? ?            1.581 ? ? 
covale9  covale both ? E A   5 "O3'" ? ? ? 1_555 E RUS 6 P   ? ? C A   5   C RUS 6   1_555 ? ? ? ? ? ? ?            1.591 ? ? 
covale10 covale one  ? E RUS 6 "O3'" ? ? ? 1_555 E A   7 P   ? ? C RUS 6   C A   7   1_555 ? ? ? ? ? ? ?            1.613 ? ? 
covale11 covale both ? F A   5 "O3'" ? ? ? 1_555 F RUS 6 P   ? ? F A   13  F RUS 14  1_555 ? ? ? ? ? ? ?            1.579 ? ? 
covale12 covale one  ? F RUS 6 "O3'" ? ? ? 1_555 F A   7 P   ? ? F RUS 14  F A   15  1_555 ? ? ? ? ? ? ?            1.564 ? ? 
metalc1  metalc ?    ? A C   8 "O3'" ? ? ? 1_555 G K   . K   ? ? A C   8   A K   101 1_555 ? ? ? ? ? ? ?            2.727 ? ? 
metalc2  metalc ?    ? A C   8 "O2'" ? ? ? 1_555 G K   . K   ? ? A C   8   A K   101 1_555 ? ? ? ? ? ? ?            2.876 ? ? 
metalc3  metalc ?    ? G K   . K     ? ? ? 1_555 D A   7 OP1 ? ? A K   101 E A   7   1_555 ? ? ? ? ? ? ?            2.944 ? ? 
metalc4  metalc ?    ? G K   . K     ? ? ? 1_555 L HOH . O   ? ? A K   101 E HOH 106 1_555 ? ? ? ? ? ? ?            2.762 ? ? 
metalc5  metalc ?    ? E G   1 O6    ? ? ? 1_555 H K   . K   ? ? C G   1   C K   101 1_555 ? ? ? ? ? ? ?            3.209 ? ? 
metalc6  metalc ?    ? E U   2 O4    ? ? ? 1_555 H K   . K   ? ? C U   2   C K   101 1_555 ? ? ? ? ? ? ?            3.375 ? ? 
metalc7  metalc ?    ? H K   . K     ? ? ? 1_555 M HOH . O   ? ? C K   101 C HOH 206 1_555 ? ? ? ? ? ? ?            2.362 ? ? 
hydrog1  hydrog ?    ? A G   3 N1    ? ? ? 1_555 B C   8 N3  ? ? A G   3   B C   16  1_555 ? ? ? ? ? ? WATSON-CRICK ?     ? ? 
hydrog2  hydrog ?    ? A G   3 N2    ? ? ? 1_555 B C   8 O2  ? ? A G   3   B C   16  1_555 ? ? ? ? ? ? WATSON-CRICK ?     ? ? 
hydrog3  hydrog ?    ? A G   3 O6    ? ? ? 1_555 B C   8 N4  ? ? A G   3   B C   16  1_555 ? ? ? ? ? ? WATSON-CRICK ?     ? ? 
hydrog4  hydrog ?    ? A U   4 N3    ? ? ? 1_555 B A   7 N1  ? ? A U   4   B A   15  1_555 ? ? ? ? ? ? WATSON-CRICK ?     ? ? 
hydrog5  hydrog ?    ? A U   4 O4    ? ? ? 1_555 B A   7 N6  ? ? A U   4   B A   15  1_555 ? ? ? ? ? ? WATSON-CRICK ?     ? ? 
hydrog6  hydrog ?    ? A A   7 N1    ? ? ? 1_555 B U   4 N3  ? ? A A   7   B U   12  1_555 ? ? ? ? ? ? WATSON-CRICK ?     ? ? 
hydrog7  hydrog ?    ? A A   7 N6    ? ? ? 1_555 B U   4 O4  ? ? A A   7   B U   12  1_555 ? ? ? ? ? ? WATSON-CRICK ?     ? ? 
hydrog8  hydrog ?    ? A C   8 N3    ? ? ? 1_555 B G   3 N1  ? ? A C   8   B G   11  1_555 ? ? ? ? ? ? WATSON-CRICK ?     ? ? 
hydrog9  hydrog ?    ? A C   8 N4    ? ? ? 1_555 B G   3 O6  ? ? A C   8   B G   11  1_555 ? ? ? ? ? ? WATSON-CRICK ?     ? ? 
hydrog10 hydrog ?    ? A C   8 O2    ? ? ? 1_555 B G   3 N2  ? ? A C   8   B G   11  1_555 ? ? ? ? ? ? WATSON-CRICK ?     ? ? 
hydrog11 hydrog ?    ? C G   3 N1    ? ? ? 1_555 E C   8 N3  ? ? D G   11  C C   8   1_555 ? ? ? ? ? ? WATSON-CRICK ?     ? ? 
hydrog12 hydrog ?    ? C G   3 N2    ? ? ? 1_555 E C   8 O2  ? ? D G   11  C C   8   1_555 ? ? ? ? ? ? WATSON-CRICK ?     ? ? 
hydrog13 hydrog ?    ? C G   3 O6    ? ? ? 1_555 E C   8 N4  ? ? D G   11  C C   8   1_555 ? ? ? ? ? ? WATSON-CRICK ?     ? ? 
hydrog14 hydrog ?    ? C U   4 N3    ? ? ? 1_555 E A   7 N1  ? ? D U   12  C A   7   1_555 ? ? ? ? ? ? WATSON-CRICK ?     ? ? 
hydrog15 hydrog ?    ? C U   4 O4    ? ? ? 1_555 E A   7 N6  ? ? D U   12  C A   7   1_555 ? ? ? ? ? ? WATSON-CRICK ?     ? ? 
hydrog16 hydrog ?    ? C A   7 N1    ? ? ? 1_555 E U   4 N3  ? ? D A   15  C U   4   1_555 ? ? ? ? ? ? WATSON-CRICK ?     ? ? 
hydrog17 hydrog ?    ? C A   7 N6    ? ? ? 1_555 E U   4 O4  ? ? D A   15  C U   4   1_555 ? ? ? ? ? ? WATSON-CRICK ?     ? ? 
hydrog18 hydrog ?    ? C C   8 N3    ? ? ? 1_555 E G   3 N1  ? ? D C   16  C G   3   1_555 ? ? ? ? ? ? WATSON-CRICK ?     ? ? 
hydrog19 hydrog ?    ? C C   8 N4    ? ? ? 1_555 E G   3 O6  ? ? D C   16  C G   3   1_555 ? ? ? ? ? ? WATSON-CRICK ?     ? ? 
hydrog20 hydrog ?    ? C C   8 O2    ? ? ? 1_555 E G   3 N2  ? ? D C   16  C G   3   1_555 ? ? ? ? ? ? WATSON-CRICK ?     ? ? 
hydrog21 hydrog ?    ? D G   3 N1    ? ? ? 1_555 F C   8 N3  ? ? E G   3   F C   16  1_555 ? ? ? ? ? ? WATSON-CRICK ?     ? ? 
hydrog22 hydrog ?    ? D G   3 N2    ? ? ? 1_555 F C   8 O2  ? ? E G   3   F C   16  1_555 ? ? ? ? ? ? WATSON-CRICK ?     ? ? 
hydrog23 hydrog ?    ? D G   3 O6    ? ? ? 1_555 F C   8 N4  ? ? E G   3   F C   16  1_555 ? ? ? ? ? ? WATSON-CRICK ?     ? ? 
hydrog24 hydrog ?    ? D U   4 N3    ? ? ? 1_555 F A   7 N1  ? ? E U   4   F A   15  1_555 ? ? ? ? ? ? WATSON-CRICK ?     ? ? 
hydrog25 hydrog ?    ? D U   4 O4    ? ? ? 1_555 F A   7 N6  ? ? E U   4   F A   15  1_555 ? ? ? ? ? ? WATSON-CRICK ?     ? ? 
hydrog26 hydrog ?    ? D A   7 N1    ? ? ? 1_555 F U   4 N3  ? ? E A   7   F U   12  1_555 ? ? ? ? ? ? WATSON-CRICK ?     ? ? 
hydrog27 hydrog ?    ? D A   7 N6    ? ? ? 1_555 F U   4 O4  ? ? E A   7   F U   12  1_555 ? ? ? ? ? ? WATSON-CRICK ?     ? ? 
hydrog28 hydrog ?    ? D C   8 N3    ? ? ? 1_555 F G   3 N1  ? ? E C   8   F G   11  1_555 ? ? ? ? ? ? WATSON-CRICK ?     ? ? 
hydrog29 hydrog ?    ? D C   8 N4    ? ? ? 1_555 F G   3 O6  ? ? E C   8   F G   11  1_555 ? ? ? ? ? ? WATSON-CRICK ?     ? ? 
hydrog30 hydrog ?    ? D C   8 O2    ? ? ? 1_555 F G   3 N2  ? ? E C   8   F G   11  1_555 ? ? ? ? ? ? WATSON-CRICK ?     ? ? 
# 
loop_
_struct_conn_type.id 
_struct_conn_type.criteria 
_struct_conn_type.reference 
covale ? ? 
metalc ? ? 
hydrog ? ? 
# 
loop_
_pdbx_struct_conn_angle.id 
_pdbx_struct_conn_angle.ptnr1_label_atom_id 
_pdbx_struct_conn_angle.ptnr1_label_alt_id 
_pdbx_struct_conn_angle.ptnr1_label_asym_id 
_pdbx_struct_conn_angle.ptnr1_label_comp_id 
_pdbx_struct_conn_angle.ptnr1_label_seq_id 
_pdbx_struct_conn_angle.ptnr1_auth_atom_id 
_pdbx_struct_conn_angle.ptnr1_auth_asym_id 
_pdbx_struct_conn_angle.ptnr1_auth_comp_id 
_pdbx_struct_conn_angle.ptnr1_auth_seq_id 
_pdbx_struct_conn_angle.ptnr1_PDB_ins_code 
_pdbx_struct_conn_angle.ptnr1_symmetry 
_pdbx_struct_conn_angle.ptnr2_label_atom_id 
_pdbx_struct_conn_angle.ptnr2_label_alt_id 
_pdbx_struct_conn_angle.ptnr2_label_asym_id 
_pdbx_struct_conn_angle.ptnr2_label_comp_id 
_pdbx_struct_conn_angle.ptnr2_label_seq_id 
_pdbx_struct_conn_angle.ptnr2_auth_atom_id 
_pdbx_struct_conn_angle.ptnr2_auth_asym_id 
_pdbx_struct_conn_angle.ptnr2_auth_comp_id 
_pdbx_struct_conn_angle.ptnr2_auth_seq_id 
_pdbx_struct_conn_angle.ptnr2_PDB_ins_code 
_pdbx_struct_conn_angle.ptnr2_symmetry 
_pdbx_struct_conn_angle.ptnr3_label_atom_id 
_pdbx_struct_conn_angle.ptnr3_label_alt_id 
_pdbx_struct_conn_angle.ptnr3_label_asym_id 
_pdbx_struct_conn_angle.ptnr3_label_comp_id 
_pdbx_struct_conn_angle.ptnr3_label_seq_id 
_pdbx_struct_conn_angle.ptnr3_auth_atom_id 
_pdbx_struct_conn_angle.ptnr3_auth_asym_id 
_pdbx_struct_conn_angle.ptnr3_auth_comp_id 
_pdbx_struct_conn_angle.ptnr3_auth_seq_id 
_pdbx_struct_conn_angle.ptnr3_PDB_ins_code 
_pdbx_struct_conn_angle.ptnr3_symmetry 
_pdbx_struct_conn_angle.value 
_pdbx_struct_conn_angle.value_esd 
1 "O3'" ? A C 8 ? A C 8 ? 1_555 K ? G K . ? A K 101 ? 1_555 "O2'" ? A C   8 ? A C   8   ? 1_555 56.9  ? 
2 "O3'" ? A C 8 ? A C 8 ? 1_555 K ? G K . ? A K 101 ? 1_555 OP1   ? D A   7 ? E A   7   ? 1_555 73.3  ? 
3 "O2'" ? A C 8 ? A C 8 ? 1_555 K ? G K . ? A K 101 ? 1_555 OP1   ? D A   7 ? E A   7   ? 1_555 81.8  ? 
4 "O3'" ? A C 8 ? A C 8 ? 1_555 K ? G K . ? A K 101 ? 1_555 O     ? L HOH . ? E HOH 106 ? 1_555 121.8 ? 
5 "O2'" ? A C 8 ? A C 8 ? 1_555 K ? G K . ? A K 101 ? 1_555 O     ? L HOH . ? E HOH 106 ? 1_555 70.1  ? 
6 OP1   ? D A 7 ? E A 7 ? 1_555 K ? G K . ? A K 101 ? 1_555 O     ? L HOH . ? E HOH 106 ? 1_555 77.5  ? 
7 O6    ? E G 1 ? C G 1 ? 1_555 K ? H K . ? C K 101 ? 1_555 O4    ? E U   2 ? C U   2   ? 1_555 66.6  ? 
8 O6    ? E G 1 ? C G 1 ? 1_555 K ? H K . ? C K 101 ? 1_555 O     ? M HOH . ? C HOH 206 ? 1_555 81.2  ? 
9 O4    ? E U 2 ? C U 2 ? 1_555 K ? H K . ? C K 101 ? 1_555 O     ? M HOH . ? C HOH 206 ? 1_555 62.9  ? 
# 
loop_
_struct_site.id 
_struct_site.pdbx_evidence_code 
_struct_site.pdbx_auth_asym_id 
_struct_site.pdbx_auth_comp_id 
_struct_site.pdbx_auth_seq_id 
_struct_site.pdbx_auth_ins_code 
_struct_site.pdbx_num_residues 
_struct_site.details 
AC1 Software A K 101 ? 4 'BINDING SITE FOR RESIDUE K A 101' 
AC2 Software C K 101 ? 7 'BINDING SITE FOR RESIDUE K C 101' 
# 
loop_
_struct_site_gen.id 
_struct_site_gen.site_id 
_struct_site_gen.pdbx_num_res 
_struct_site_gen.label_comp_id 
_struct_site_gen.label_asym_id 
_struct_site_gen.label_seq_id 
_struct_site_gen.pdbx_auth_ins_code 
_struct_site_gen.auth_comp_id 
_struct_site_gen.auth_asym_id 
_struct_site_gen.auth_seq_id 
_struct_site_gen.label_atom_id 
_struct_site_gen.label_alt_id 
_struct_site_gen.symmetry 
_struct_site_gen.details 
1  AC1 4 C   A 8 ? C   A 8   . ? 1_555 ? 
2  AC1 4 HOH K . ? HOH D 115 . ? 4_455 ? 
3  AC1 4 A   D 7 ? A   E 7   . ? 1_555 ? 
4  AC1 4 HOH L . ? HOH E 106 . ? 1_555 ? 
5  AC2 7 G   A 1 ? G   A 1   . ? 5_664 ? 
6  AC2 7 U   A 2 ? U   A 2   . ? 5_664 ? 
7  AC2 7 HOH I . ? HOH A 201 . ? 5_664 ? 
8  AC2 7 HOH I . ? HOH A 218 . ? 5_664 ? 
9  AC2 7 G   E 1 ? G   C 1   . ? 1_555 ? 
10 AC2 7 U   E 2 ? U   C 2   . ? 1_555 ? 
11 AC2 7 HOH M . ? HOH C 206 . ? 1_555 ? 
# 
loop_
_pdbx_validate_rmsd_bond.id 
_pdbx_validate_rmsd_bond.PDB_model_num 
_pdbx_validate_rmsd_bond.auth_atom_id_1 
_pdbx_validate_rmsd_bond.auth_asym_id_1 
_pdbx_validate_rmsd_bond.auth_comp_id_1 
_pdbx_validate_rmsd_bond.auth_seq_id_1 
_pdbx_validate_rmsd_bond.PDB_ins_code_1 
_pdbx_validate_rmsd_bond.label_alt_id_1 
_pdbx_validate_rmsd_bond.auth_atom_id_2 
_pdbx_validate_rmsd_bond.auth_asym_id_2 
_pdbx_validate_rmsd_bond.auth_comp_id_2 
_pdbx_validate_rmsd_bond.auth_seq_id_2 
_pdbx_validate_rmsd_bond.PDB_ins_code_2 
_pdbx_validate_rmsd_bond.label_alt_id_2 
_pdbx_validate_rmsd_bond.bond_value 
_pdbx_validate_rmsd_bond.bond_target_value 
_pdbx_validate_rmsd_bond.bond_deviation 
_pdbx_validate_rmsd_bond.bond_standard_deviation 
_pdbx_validate_rmsd_bond.linker_flag 
1 1 "O3'" B U 12 ? ? P B A   13 ? ? 1.508 1.607 -0.099 0.012 Y 
2 1 "O3'" E A 5  ? ? P E RUS 6  ? ? 1.513 1.607 -0.094 0.012 Y 
3 1 "O3'" C U 4  ? ? P C A   5  ? ? 1.524 1.607 -0.083 0.012 Y 
# 
loop_
_pdbx_validate_rmsd_angle.id 
_pdbx_validate_rmsd_angle.PDB_model_num 
_pdbx_validate_rmsd_angle.auth_atom_id_1 
_pdbx_validate_rmsd_angle.auth_asym_id_1 
_pdbx_validate_rmsd_angle.auth_comp_id_1 
_pdbx_validate_rmsd_angle.auth_seq_id_1 
_pdbx_validate_rmsd_angle.PDB_ins_code_1 
_pdbx_validate_rmsd_angle.label_alt_id_1 
_pdbx_validate_rmsd_angle.auth_atom_id_2 
_pdbx_validate_rmsd_angle.auth_asym_id_2 
_pdbx_validate_rmsd_angle.auth_comp_id_2 
_pdbx_validate_rmsd_angle.auth_seq_id_2 
_pdbx_validate_rmsd_angle.PDB_ins_code_2 
_pdbx_validate_rmsd_angle.label_alt_id_2 
_pdbx_validate_rmsd_angle.auth_atom_id_3 
_pdbx_validate_rmsd_angle.auth_asym_id_3 
_pdbx_validate_rmsd_angle.auth_comp_id_3 
_pdbx_validate_rmsd_angle.auth_seq_id_3 
_pdbx_validate_rmsd_angle.PDB_ins_code_3 
_pdbx_validate_rmsd_angle.label_alt_id_3 
_pdbx_validate_rmsd_angle.angle_value 
_pdbx_validate_rmsd_angle.angle_target_value 
_pdbx_validate_rmsd_angle.angle_deviation 
_pdbx_validate_rmsd_angle.angle_standard_deviation 
_pdbx_validate_rmsd_angle.linker_flag 
1 1 "O3'" A G 3  ? ? P     A U 4  ? ? OP2 A U 4  ? ? 121.03 110.50 10.53 1.10 Y 
2 1 "C3'" D U 12 ? ? "O3'" D U 12 ? ? P   D A 13 ? ? 111.73 119.70 -7.97 1.20 Y 
3 1 "O3'" D U 12 ? ? P     D A 13 ? ? OP2 D A 13 ? ? 121.59 110.50 11.09 1.10 Y 
4 1 "O5'" D A 13 ? ? P     D A 13 ? ? OP2 D A 13 ? ? 96.97  105.70 -8.73 0.90 N 
5 1 "O5'" E U 2  ? ? P     E U 2  ? ? OP1 E U 2  ? ? 97.42  105.70 -8.28 0.90 N 
6 1 "O3'" C G 3  ? ? P     C U 4  ? ? OP2 C U 4  ? ? 118.34 110.50 7.84  1.10 Y 
7 1 "O3'" C U 4  ? ? P     C A 5  ? ? OP2 C A 5  ? ? 124.72 110.50 14.22 1.10 Y 
8 1 "O5'" C A 5  ? ? P     C A 5  ? ? OP2 C A 5  ? ? 96.44  105.70 -9.26 0.90 N 
# 
loop_
_pdbx_struct_mod_residue.id 
_pdbx_struct_mod_residue.label_asym_id 
_pdbx_struct_mod_residue.label_comp_id 
_pdbx_struct_mod_residue.label_seq_id 
_pdbx_struct_mod_residue.auth_asym_id 
_pdbx_struct_mod_residue.auth_comp_id 
_pdbx_struct_mod_residue.auth_seq_id 
_pdbx_struct_mod_residue.PDB_ins_code 
_pdbx_struct_mod_residue.parent_comp_id 
_pdbx_struct_mod_residue.details 
1 A RUS 6 A RUS 6  ? U ? 
2 B RUS 6 B RUS 14 ? U ? 
3 C RUS 6 D RUS 14 ? U ? 
4 D RUS 6 E RUS 6  ? U ? 
5 E RUS 6 C RUS 6  ? U ? 
6 F RUS 6 F RUS 14 ? U ? 
# 
loop_
_chem_comp_atom.comp_id 
_chem_comp_atom.atom_id 
_chem_comp_atom.type_symbol 
_chem_comp_atom.pdbx_aromatic_flag 
_chem_comp_atom.pdbx_stereo_config 
_chem_comp_atom.pdbx_ordinal 
A   OP3    O  N N 1   
A   P      P  N N 2   
A   OP1    O  N N 3   
A   OP2    O  N N 4   
A   "O5'"  O  N N 5   
A   "C5'"  C  N N 6   
A   "C4'"  C  N R 7   
A   "O4'"  O  N N 8   
A   "C3'"  C  N S 9   
A   "O3'"  O  N N 10  
A   "C2'"  C  N R 11  
A   "O2'"  O  N N 12  
A   "C1'"  C  N R 13  
A   N9     N  Y N 14  
A   C8     C  Y N 15  
A   N7     N  Y N 16  
A   C5     C  Y N 17  
A   C6     C  Y N 18  
A   N6     N  N N 19  
A   N1     N  Y N 20  
A   C2     C  Y N 21  
A   N3     N  Y N 22  
A   C4     C  Y N 23  
A   HOP3   H  N N 24  
A   HOP2   H  N N 25  
A   "H5'"  H  N N 26  
A   "H5''" H  N N 27  
A   "H4'"  H  N N 28  
A   "H3'"  H  N N 29  
A   "HO3'" H  N N 30  
A   "H2'"  H  N N 31  
A   "HO2'" H  N N 32  
A   "H1'"  H  N N 33  
A   H8     H  N N 34  
A   H61    H  N N 35  
A   H62    H  N N 36  
A   H2     H  N N 37  
C   OP3    O  N N 38  
C   P      P  N N 39  
C   OP1    O  N N 40  
C   OP2    O  N N 41  
C   "O5'"  O  N N 42  
C   "C5'"  C  N N 43  
C   "C4'"  C  N R 44  
C   "O4'"  O  N N 45  
C   "C3'"  C  N S 46  
C   "O3'"  O  N N 47  
C   "C2'"  C  N R 48  
C   "O2'"  O  N N 49  
C   "C1'"  C  N R 50  
C   N1     N  N N 51  
C   C2     C  N N 52  
C   O2     O  N N 53  
C   N3     N  N N 54  
C   C4     C  N N 55  
C   N4     N  N N 56  
C   C5     C  N N 57  
C   C6     C  N N 58  
C   HOP3   H  N N 59  
C   HOP2   H  N N 60  
C   "H5'"  H  N N 61  
C   "H5''" H  N N 62  
C   "H4'"  H  N N 63  
C   "H3'"  H  N N 64  
C   "HO3'" H  N N 65  
C   "H2'"  H  N N 66  
C   "HO2'" H  N N 67  
C   "H1'"  H  N N 68  
C   H41    H  N N 69  
C   H42    H  N N 70  
C   H5     H  N N 71  
C   H6     H  N N 72  
G   OP3    O  N N 73  
G   P      P  N N 74  
G   OP1    O  N N 75  
G   OP2    O  N N 76  
G   "O5'"  O  N N 77  
G   "C5'"  C  N N 78  
G   "C4'"  C  N R 79  
G   "O4'"  O  N N 80  
G   "C3'"  C  N S 81  
G   "O3'"  O  N N 82  
G   "C2'"  C  N R 83  
G   "O2'"  O  N N 84  
G   "C1'"  C  N R 85  
G   N9     N  Y N 86  
G   C8     C  Y N 87  
G   N7     N  Y N 88  
G   C5     C  Y N 89  
G   C6     C  N N 90  
G   O6     O  N N 91  
G   N1     N  N N 92  
G   C2     C  N N 93  
G   N2     N  N N 94  
G   N3     N  N N 95  
G   C4     C  Y N 96  
G   HOP3   H  N N 97  
G   HOP2   H  N N 98  
G   "H5'"  H  N N 99  
G   "H5''" H  N N 100 
G   "H4'"  H  N N 101 
G   "H3'"  H  N N 102 
G   "HO3'" H  N N 103 
G   "H2'"  H  N N 104 
G   "HO2'" H  N N 105 
G   "H1'"  H  N N 106 
G   H8     H  N N 107 
G   H1     H  N N 108 
G   H21    H  N N 109 
G   H22    H  N N 110 
HOH O      O  N N 111 
HOH H1     H  N N 112 
HOH H2     H  N N 113 
K   K      K  N N 114 
RUS P      P  N N 115 
RUS N1     N  N N 116 
RUS C2     C  N N 117 
RUS SE2    SE N N 118 
RUS N3     N  N N 119 
RUS C4     C  N N 120 
RUS O4     O  N N 121 
RUS C5     C  N N 122 
RUS C6     C  N N 123 
RUS "C1'"  C  N R 124 
RUS O1P    O  N N 125 
RUS "C2'"  C  N R 126 
RUS "O2'"  O  N N 127 
RUS O2P    O  N N 128 
RUS "C3'"  C  N S 129 
RUS "O3'"  O  N N 130 
RUS O3P    O  N N 131 
RUS "C4'"  C  N R 132 
RUS "O4'"  O  N N 133 
RUS "C5'"  C  N N 134 
RUS "O5'"  O  N N 135 
RUS H5     H  N N 136 
RUS H6     H  N N 137 
RUS "H1'"  H  N N 138 
RUS "H2'"  H  N N 139 
RUS "HO2'" H  N N 140 
RUS HO2P   H  N N 141 
RUS "H3'"  H  N N 142 
RUS "HO3'" H  N N 143 
RUS HO3P   H  N N 144 
RUS "H4'"  H  N N 145 
RUS "H5'"  H  N N 146 
RUS "H5'A" H  N N 147 
RUS HSE2   H  N N 148 
U   OP3    O  N N 149 
U   P      P  N N 150 
U   OP1    O  N N 151 
U   OP2    O  N N 152 
U   "O5'"  O  N N 153 
U   "C5'"  C  N N 154 
U   "C4'"  C  N R 155 
U   "O4'"  O  N N 156 
U   "C3'"  C  N S 157 
U   "O3'"  O  N N 158 
U   "C2'"  C  N R 159 
U   "O2'"  O  N N 160 
U   "C1'"  C  N R 161 
U   N1     N  N N 162 
U   C2     C  N N 163 
U   O2     O  N N 164 
U   N3     N  N N 165 
U   C4     C  N N 166 
U   O4     O  N N 167 
U   C5     C  N N 168 
U   C6     C  N N 169 
U   HOP3   H  N N 170 
U   HOP2   H  N N 171 
U   "H5'"  H  N N 172 
U   "H5''" H  N N 173 
U   "H4'"  H  N N 174 
U   "H3'"  H  N N 175 
U   "HO3'" H  N N 176 
U   "H2'"  H  N N 177 
U   "HO2'" H  N N 178 
U   "H1'"  H  N N 179 
U   H3     H  N N 180 
U   H5     H  N N 181 
U   H6     H  N N 182 
# 
loop_
_chem_comp_bond.comp_id 
_chem_comp_bond.atom_id_1 
_chem_comp_bond.atom_id_2 
_chem_comp_bond.value_order 
_chem_comp_bond.pdbx_aromatic_flag 
_chem_comp_bond.pdbx_stereo_config 
_chem_comp_bond.pdbx_ordinal 
A   OP3   P      sing N N 1   
A   OP3   HOP3   sing N N 2   
A   P     OP1    doub N N 3   
A   P     OP2    sing N N 4   
A   P     "O5'"  sing N N 5   
A   OP2   HOP2   sing N N 6   
A   "O5'" "C5'"  sing N N 7   
A   "C5'" "C4'"  sing N N 8   
A   "C5'" "H5'"  sing N N 9   
A   "C5'" "H5''" sing N N 10  
A   "C4'" "O4'"  sing N N 11  
A   "C4'" "C3'"  sing N N 12  
A   "C4'" "H4'"  sing N N 13  
A   "O4'" "C1'"  sing N N 14  
A   "C3'" "O3'"  sing N N 15  
A   "C3'" "C2'"  sing N N 16  
A   "C3'" "H3'"  sing N N 17  
A   "O3'" "HO3'" sing N N 18  
A   "C2'" "O2'"  sing N N 19  
A   "C2'" "C1'"  sing N N 20  
A   "C2'" "H2'"  sing N N 21  
A   "O2'" "HO2'" sing N N 22  
A   "C1'" N9     sing N N 23  
A   "C1'" "H1'"  sing N N 24  
A   N9    C8     sing Y N 25  
A   N9    C4     sing Y N 26  
A   C8    N7     doub Y N 27  
A   C8    H8     sing N N 28  
A   N7    C5     sing Y N 29  
A   C5    C6     sing Y N 30  
A   C5    C4     doub Y N 31  
A   C6    N6     sing N N 32  
A   C6    N1     doub Y N 33  
A   N6    H61    sing N N 34  
A   N6    H62    sing N N 35  
A   N1    C2     sing Y N 36  
A   C2    N3     doub Y N 37  
A   C2    H2     sing N N 38  
A   N3    C4     sing Y N 39  
C   OP3   P      sing N N 40  
C   OP3   HOP3   sing N N 41  
C   P     OP1    doub N N 42  
C   P     OP2    sing N N 43  
C   P     "O5'"  sing N N 44  
C   OP2   HOP2   sing N N 45  
C   "O5'" "C5'"  sing N N 46  
C   "C5'" "C4'"  sing N N 47  
C   "C5'" "H5'"  sing N N 48  
C   "C5'" "H5''" sing N N 49  
C   "C4'" "O4'"  sing N N 50  
C   "C4'" "C3'"  sing N N 51  
C   "C4'" "H4'"  sing N N 52  
C   "O4'" "C1'"  sing N N 53  
C   "C3'" "O3'"  sing N N 54  
C   "C3'" "C2'"  sing N N 55  
C   "C3'" "H3'"  sing N N 56  
C   "O3'" "HO3'" sing N N 57  
C   "C2'" "O2'"  sing N N 58  
C   "C2'" "C1'"  sing N N 59  
C   "C2'" "H2'"  sing N N 60  
C   "O2'" "HO2'" sing N N 61  
C   "C1'" N1     sing N N 62  
C   "C1'" "H1'"  sing N N 63  
C   N1    C2     sing N N 64  
C   N1    C6     sing N N 65  
C   C2    O2     doub N N 66  
C   C2    N3     sing N N 67  
C   N3    C4     doub N N 68  
C   C4    N4     sing N N 69  
C   C4    C5     sing N N 70  
C   N4    H41    sing N N 71  
C   N4    H42    sing N N 72  
C   C5    C6     doub N N 73  
C   C5    H5     sing N N 74  
C   C6    H6     sing N N 75  
G   OP3   P      sing N N 76  
G   OP3   HOP3   sing N N 77  
G   P     OP1    doub N N 78  
G   P     OP2    sing N N 79  
G   P     "O5'"  sing N N 80  
G   OP2   HOP2   sing N N 81  
G   "O5'" "C5'"  sing N N 82  
G   "C5'" "C4'"  sing N N 83  
G   "C5'" "H5'"  sing N N 84  
G   "C5'" "H5''" sing N N 85  
G   "C4'" "O4'"  sing N N 86  
G   "C4'" "C3'"  sing N N 87  
G   "C4'" "H4'"  sing N N 88  
G   "O4'" "C1'"  sing N N 89  
G   "C3'" "O3'"  sing N N 90  
G   "C3'" "C2'"  sing N N 91  
G   "C3'" "H3'"  sing N N 92  
G   "O3'" "HO3'" sing N N 93  
G   "C2'" "O2'"  sing N N 94  
G   "C2'" "C1'"  sing N N 95  
G   "C2'" "H2'"  sing N N 96  
G   "O2'" "HO2'" sing N N 97  
G   "C1'" N9     sing N N 98  
G   "C1'" "H1'"  sing N N 99  
G   N9    C8     sing Y N 100 
G   N9    C4     sing Y N 101 
G   C8    N7     doub Y N 102 
G   C8    H8     sing N N 103 
G   N7    C5     sing Y N 104 
G   C5    C6     sing N N 105 
G   C5    C4     doub Y N 106 
G   C6    O6     doub N N 107 
G   C6    N1     sing N N 108 
G   N1    C2     sing N N 109 
G   N1    H1     sing N N 110 
G   C2    N2     sing N N 111 
G   C2    N3     doub N N 112 
G   N2    H21    sing N N 113 
G   N2    H22    sing N N 114 
G   N3    C4     sing N N 115 
HOH O     H1     sing N N 116 
HOH O     H2     sing N N 117 
RUS O1P   P      doub N N 118 
RUS O2P   P      sing N N 119 
RUS P     "O5'"  sing N N 120 
RUS P     O3P    sing N N 121 
RUS C6    N1     sing N N 122 
RUS "C1'" N1     sing N N 123 
RUS N1    C2     sing N N 124 
RUS C2    N3     doub N N 125 
RUS C2    SE2    sing N N 126 
RUS C4    N3     sing N N 127 
RUS C5    C4     sing N N 128 
RUS C4    O4     doub N N 129 
RUS C6    C5     doub N N 130 
RUS C5    H5     sing N N 131 
RUS C6    H6     sing N N 132 
RUS "C2'" "C1'"  sing N N 133 
RUS "C1'" "O4'"  sing N N 134 
RUS "C1'" "H1'"  sing N N 135 
RUS "C3'" "C2'"  sing N N 136 
RUS "C2'" "O2'"  sing N N 137 
RUS "C2'" "H2'"  sing N N 138 
RUS "O2'" "HO2'" sing N N 139 
RUS O2P   HO2P   sing N N 140 
RUS "O3'" "C3'"  sing N N 141 
RUS "C3'" "C4'"  sing N N 142 
RUS "C3'" "H3'"  sing N N 143 
RUS "O3'" "HO3'" sing N N 144 
RUS O3P   HO3P   sing N N 145 
RUS "C5'" "C4'"  sing N N 146 
RUS "C4'" "O4'"  sing N N 147 
RUS "C4'" "H4'"  sing N N 148 
RUS "C5'" "O5'"  sing N N 149 
RUS "C5'" "H5'"  sing N N 150 
RUS "C5'" "H5'A" sing N N 151 
RUS SE2   HSE2   sing N N 152 
U   OP3   P      sing N N 153 
U   OP3   HOP3   sing N N 154 
U   P     OP1    doub N N 155 
U   P     OP2    sing N N 156 
U   P     "O5'"  sing N N 157 
U   OP2   HOP2   sing N N 158 
U   "O5'" "C5'"  sing N N 159 
U   "C5'" "C4'"  sing N N 160 
U   "C5'" "H5'"  sing N N 161 
U   "C5'" "H5''" sing N N 162 
U   "C4'" "O4'"  sing N N 163 
U   "C4'" "C3'"  sing N N 164 
U   "C4'" "H4'"  sing N N 165 
U   "O4'" "C1'"  sing N N 166 
U   "C3'" "O3'"  sing N N 167 
U   "C3'" "C2'"  sing N N 168 
U   "C3'" "H3'"  sing N N 169 
U   "O3'" "HO3'" sing N N 170 
U   "C2'" "O2'"  sing N N 171 
U   "C2'" "C1'"  sing N N 172 
U   "C2'" "H2'"  sing N N 173 
U   "O2'" "HO2'" sing N N 174 
U   "C1'" N1     sing N N 175 
U   "C1'" "H1'"  sing N N 176 
U   N1    C2     sing N N 177 
U   N1    C6     sing N N 178 
U   C2    O2     doub N N 179 
U   C2    N3     sing N N 180 
U   N3    C4     sing N N 181 
U   N3    H3     sing N N 182 
U   C4    O4     doub N N 183 
U   C4    C5     sing N N 184 
U   C5    C6     doub N N 185 
U   C5    H5     sing N N 186 
U   C6    H6     sing N N 187 
# 
_ndb_struct_conf_na.entry_id   4JAH 
_ndb_struct_conf_na.feature    'internal loop' 
# 
loop_
_ndb_struct_na_base_pair.model_number 
_ndb_struct_na_base_pair.i_label_asym_id 
_ndb_struct_na_base_pair.i_label_comp_id 
_ndb_struct_na_base_pair.i_label_seq_id 
_ndb_struct_na_base_pair.i_symmetry 
_ndb_struct_na_base_pair.j_label_asym_id 
_ndb_struct_na_base_pair.j_label_comp_id 
_ndb_struct_na_base_pair.j_label_seq_id 
_ndb_struct_na_base_pair.j_symmetry 
_ndb_struct_na_base_pair.shear 
_ndb_struct_na_base_pair.stretch 
_ndb_struct_na_base_pair.stagger 
_ndb_struct_na_base_pair.buckle 
_ndb_struct_na_base_pair.propeller 
_ndb_struct_na_base_pair.opening 
_ndb_struct_na_base_pair.pair_number 
_ndb_struct_na_base_pair.pair_name 
_ndb_struct_na_base_pair.i_auth_asym_id 
_ndb_struct_na_base_pair.i_auth_seq_id 
_ndb_struct_na_base_pair.i_PDB_ins_code 
_ndb_struct_na_base_pair.j_auth_asym_id 
_ndb_struct_na_base_pair.j_auth_seq_id 
_ndb_struct_na_base_pair.j_PDB_ins_code 
_ndb_struct_na_base_pair.hbond_type_28 
_ndb_struct_na_base_pair.hbond_type_12 
1 A G 3 1_555 B C 8 1_555 -0.262 -0.213 -0.011 -7.551  -13.443 -1.033 1  A_G3:C16_B A 3  ? B 16 ? 19 1 
1 A U 4 1_555 B A 7 1_555 -0.048 -0.129 0.106  1.907   -11.950 1.631  2  A_U4:A15_B A 4  ? B 15 ? 20 1 
1 A A 7 1_555 B U 4 1_555 0.037  -0.094 0.275  7.608   -7.769  1.188  3  A_A7:U12_B A 7  ? B 12 ? 20 1 
1 A C 8 1_555 B G 3 1_555 0.357  -0.135 0.054  9.455   -9.359  0.992  4  A_C8:G11_B A 8  ? B 11 ? 19 1 
1 C G 3 1_555 E C 8 1_555 -0.158 -0.137 -0.092 -10.389 -10.367 0.040  5  D_G11:C8_C D 11 ? C 8  ? 19 1 
1 C U 4 1_555 E A 7 1_555 -0.052 -0.070 0.043  -6.352  -12.262 2.681  6  D_U12:A7_C D 12 ? C 7  ? 20 1 
1 C A 7 1_555 E U 4 1_555 0.089  -0.088 0.168  -2.488  -11.970 0.260  7  D_A15:U4_C D 15 ? C 4  ? 20 1 
1 C C 8 1_555 E G 3 1_555 0.280  -0.154 0.028  4.616   -15.551 -0.295 8  D_C16:G3_C D 16 ? C 3  ? 19 1 
1 D G 3 1_555 F C 8 1_555 -0.272 -0.098 0.032  -6.584  -9.546  1.986  9  E_G3:C16_F E 3  ? F 16 ? 19 1 
1 D U 4 1_555 F A 7 1_555 -0.075 -0.104 0.290  0.852   -7.207  0.600  10 E_U4:A15_F E 4  ? F 15 ? 20 1 
1 D A 7 1_555 F U 4 1_555 0.145  -0.069 0.098  3.165   -11.399 1.323  11 E_A7:U12_F E 7  ? F 12 ? 20 1 
1 D C 8 1_555 F G 3 1_555 0.283  -0.136 0.013  8.035   -10.405 -0.196 12 E_C8:G11_F E 8  ? F 11 ? 19 1 
# 
loop_
_ndb_struct_na_base_pair_step.model_number 
_ndb_struct_na_base_pair_step.i_label_asym_id_1 
_ndb_struct_na_base_pair_step.i_label_comp_id_1 
_ndb_struct_na_base_pair_step.i_label_seq_id_1 
_ndb_struct_na_base_pair_step.i_symmetry_1 
_ndb_struct_na_base_pair_step.j_label_asym_id_1 
_ndb_struct_na_base_pair_step.j_label_comp_id_1 
_ndb_struct_na_base_pair_step.j_label_seq_id_1 
_ndb_struct_na_base_pair_step.j_symmetry_1 
_ndb_struct_na_base_pair_step.i_label_asym_id_2 
_ndb_struct_na_base_pair_step.i_label_comp_id_2 
_ndb_struct_na_base_pair_step.i_label_seq_id_2 
_ndb_struct_na_base_pair_step.i_symmetry_2 
_ndb_struct_na_base_pair_step.j_label_asym_id_2 
_ndb_struct_na_base_pair_step.j_label_comp_id_2 
_ndb_struct_na_base_pair_step.j_label_seq_id_2 
_ndb_struct_na_base_pair_step.j_symmetry_2 
_ndb_struct_na_base_pair_step.shift 
_ndb_struct_na_base_pair_step.slide 
_ndb_struct_na_base_pair_step.rise 
_ndb_struct_na_base_pair_step.tilt 
_ndb_struct_na_base_pair_step.roll 
_ndb_struct_na_base_pair_step.twist 
_ndb_struct_na_base_pair_step.x_displacement 
_ndb_struct_na_base_pair_step.y_displacement 
_ndb_struct_na_base_pair_step.helical_rise 
_ndb_struct_na_base_pair_step.inclination 
_ndb_struct_na_base_pair_step.tip 
_ndb_struct_na_base_pair_step.helical_twist 
_ndb_struct_na_base_pair_step.step_number 
_ndb_struct_na_base_pair_step.step_name 
_ndb_struct_na_base_pair_step.i_auth_asym_id_1 
_ndb_struct_na_base_pair_step.i_auth_seq_id_1 
_ndb_struct_na_base_pair_step.i_PDB_ins_code_1 
_ndb_struct_na_base_pair_step.j_auth_asym_id_1 
_ndb_struct_na_base_pair_step.j_auth_seq_id_1 
_ndb_struct_na_base_pair_step.j_PDB_ins_code_1 
_ndb_struct_na_base_pair_step.i_auth_asym_id_2 
_ndb_struct_na_base_pair_step.i_auth_seq_id_2 
_ndb_struct_na_base_pair_step.i_PDB_ins_code_2 
_ndb_struct_na_base_pair_step.j_auth_asym_id_2 
_ndb_struct_na_base_pair_step.j_auth_seq_id_2 
_ndb_struct_na_base_pair_step.j_PDB_ins_code_2 
1 A G 3 1_555 B C 8 1_555 A U 4 1_555 B A 7 1_555 0.540  -1.026 3.042 -0.540 4.781 32.064 -2.601 -1.053 2.853 8.595  0.971  32.414 
1 AA_G3U4:A15C16_BB A 3  ? B 16 ? A 4  ? B 15 ? 
1 A A 7 1_555 B U 4 1_555 A C 8 1_555 B G 3 1_555 0.019  -1.507 3.256 0.212  4.743 33.082 -3.378 0.000  3.017 8.276  -0.371 33.412 
2 AA_A7C8:G11U12_BB A 7  ? B 12 ? A 8  ? B 11 ? 
1 C G 3 1_555 E C 8 1_555 C U 4 1_555 E A 7 1_555 -0.032 -1.055 3.246 -0.735 7.803 32.096 -3.121 -0.062 2.916 13.857 1.306  33.014 
3 DD_G11U12:A7C8_CC D 11 ? C 8  ? D 12 ? C 7  ? 
1 C A 7 1_555 E U 4 1_555 C C 8 1_555 E G 3 1_555 -0.368 -1.104 3.091 1.383  4.793 34.673 -2.498 0.804  2.901 7.992  -2.306 35.019 
4 DD_A15C16:G3U4_CC D 15 ? C 4  ? D 16 ? C 3  ? 
1 D G 3 1_555 F C 8 1_555 D U 4 1_555 F A 7 1_555 -0.335 -1.233 3.126 -3.891 3.560 33.048 -2.696 -0.023 2.999 6.209  6.786  33.454 
5 EE_G3U4:A15C16_FF E 3  ? F 16 ? E 4  ? F 15 ? 
1 D A 7 1_555 F U 4 1_555 D C 8 1_555 F G 3 1_555 -0.076 -1.340 3.174 0.918  5.752 32.374 -3.286 0.282  2.897 10.213 -1.631 32.880 
6 EE_A7C8:G11U12_FF E 7  ? F 12 ? E 8  ? F 11 ? 
# 
_atom_sites.entry_id                    4JAH 
_atom_sites.fract_transf_matrix[1][1]   0.02290864 
_atom_sites.fract_transf_matrix[1][2]   0.00963616 
_atom_sites.fract_transf_matrix[1][3]   -0.00067274 
_atom_sites.fract_transf_matrix[2][1]   0.01637183 
_atom_sites.fract_transf_matrix[2][2]   -0.00560256 
_atom_sites.fract_transf_matrix[2][3]   0.01785199 
_atom_sites.fract_transf_matrix[3][1]   0.00260601 
_atom_sites.fract_transf_matrix[3][2]   -0.00650480 
_atom_sites.fract_transf_matrix[3][3]   -0.00443136 
_atom_sites.fract_transf_vector[1]      -0.008588 
_atom_sites.fract_transf_vector[2]      0.631864 
_atom_sites.fract_transf_vector[3]      -0.078914 
# 
loop_
_atom_type.symbol 
C  
K  
N  
O  
P  
SE 
# 
loop_
_atom_site.group_PDB 
_atom_site.id 
_atom_site.type_symbol 
_atom_site.label_atom_id 
_atom_site.label_alt_id 
_atom_site.label_comp_id 
_atom_site.label_asym_id 
_atom_site.label_entity_id 
_atom_site.label_seq_id 
_atom_site.pdbx_PDB_ins_code 
_atom_site.Cartn_x 
_atom_site.Cartn_y 
_atom_site.Cartn_z 
_atom_site.occupancy 
_atom_site.B_iso_or_equiv 
_atom_site.pdbx_formal_charge 
_atom_site.auth_seq_id 
_atom_site.auth_comp_id 
_atom_site.auth_asym_id 
_atom_site.auth_atom_id 
_atom_site.pdbx_PDB_model_num 
ATOM   1    O  "O5'" . G   A 1 1 ? -21.635 1.598   7.285   1.00 24.46 ? 1   G   A "O5'" 1 
ATOM   2    C  "C5'" . G   A 1 1 ? -22.943 1.059   7.064   1.00 23.22 ? 1   G   A "C5'" 1 
ATOM   3    C  "C4'" . G   A 1 1 ? -23.791 1.965   6.201   1.00 23.68 ? 1   G   A "C4'" 1 
ATOM   4    O  "O4'" . G   A 1 1 ? -23.892 3.289   6.790   1.00 20.80 ? 1   G   A "O4'" 1 
ATOM   5    C  "C3'" . G   A 1 1 ? -23.243 2.219   4.812   1.00 22.71 ? 1   G   A "C3'" 1 
ATOM   6    O  "O3'" . G   A 1 1 ? -23.683 1.272   3.869   1.00 21.47 ? 1   G   A "O3'" 1 
ATOM   7    C  "C2'" . G   A 1 1 ? -23.916 3.525   4.450   1.00 20.01 ? 1   G   A "C2'" 1 
ATOM   8    O  "O2'" . G   A 1 1 ? -25.280 3.355   4.151   1.00 21.21 ? 1   G   A "O2'" 1 
ATOM   9    C  "C1'" . G   A 1 1 ? -23.832 4.258   5.773   1.00 21.50 ? 1   G   A "C1'" 1 
ATOM   10   N  N9    . G   A 1 1 ? -22.539 4.926   5.864   1.00 20.25 ? 1   G   A N9    1 
ATOM   11   C  C8    . G   A 1 1 ? -21.413 4.612   6.595   1.00 22.65 ? 1   G   A C8    1 
ATOM   12   N  N7    . G   A 1 1 ? -20.437 5.458   6.408   1.00 24.10 ? 1   G   A N7    1 
ATOM   13   C  C5    . G   A 1 1 ? -20.938 6.346   5.467   1.00 21.58 ? 1   G   A C5    1 
ATOM   14   C  C6    . G   A 1 1 ? -20.340 7.483   4.846   1.00 23.62 ? 1   G   A C6    1 
ATOM   15   O  O6    . G   A 1 1 ? -19.209 7.958   5.030   1.00 23.71 ? 1   G   A O6    1 
ATOM   16   N  N1    . G   A 1 1 ? -21.212 8.089   3.938   1.00 23.32 ? 1   G   A N1    1 
ATOM   17   C  C2    . G   A 1 1 ? -22.484 7.635   3.639   1.00 22.18 ? 1   G   A C2    1 
ATOM   18   N  N2    . G   A 1 1 ? -23.195 8.331   2.752   1.00 20.10 ? 1   G   A N2    1 
ATOM   19   N  N3    . G   A 1 1 ? -23.046 6.598   4.228   1.00 22.90 ? 1   G   A N3    1 
ATOM   20   C  C4    . G   A 1 1 ? -22.233 6.019   5.127   1.00 20.10 ? 1   G   A C4    1 
ATOM   21   P  P     . U   A 1 2 ? -22.647 0.663   2.771   1.00 23.33 ? 2   U   A P     1 
ATOM   22   O  OP1   . U   A 1 2 ? -23.380 -0.485  2.213   1.00 22.96 ? 2   U   A OP1   1 
ATOM   23   O  OP2   . U   A 1 2 ? -21.291 0.441   3.447   1.00 23.35 ? 2   U   A OP2   1 
ATOM   24   O  "O5'" . U   A 1 2 ? -22.548 1.855   1.733   1.00 21.45 ? 2   U   A "O5'" 1 
ATOM   25   C  "C5'" . U   A 1 2 ? -23.732 2.397   1.094   1.00 22.95 ? 2   U   A "C5'" 1 
ATOM   26   C  "C4'" . U   A 1 2 ? -23.346 3.686   0.415   1.00 23.64 ? 2   U   A "C4'" 1 
ATOM   27   O  "O4'" . U   A 1 2 ? -22.938 4.596   1.458   1.00 21.24 ? 2   U   A "O4'" 1 
ATOM   28   C  "C3'" . U   A 1 2 ? -22.093 3.616   -0.461  1.00 25.29 ? 2   U   A "C3'" 1 
ATOM   29   O  "O3'" . U   A 1 2 ? -22.460 3.143   -1.751  1.00 25.77 ? 2   U   A "O3'" 1 
ATOM   30   C  "C2'" . U   A 1 2 ? -21.642 5.069   -0.477  1.00 24.33 ? 2   U   A "C2'" 1 
ATOM   31   O  "O2'" . U   A 1 2 ? -22.474 5.901   -1.254  1.00 27.66 ? 2   U   A "O2'" 1 
ATOM   32   C  "C1'" . U   A 1 2 ? -21.893 5.443   0.985   1.00 23.38 ? 2   U   A "C1'" 1 
ATOM   33   N  N1    . U   A 1 2 ? -20.733 5.254   1.851   1.00 19.66 ? 2   U   A N1    1 
ATOM   34   C  C2    . U   A 1 2 ? -19.733 6.198   1.760   1.00 20.77 ? 2   U   A C2    1 
ATOM   35   O  O2    . U   A 1 2 ? -19.821 7.179   1.049   1.00 25.51 ? 2   U   A O2    1 
ATOM   36   N  N3    . U   A 1 2 ? -18.689 6.016   2.634   1.00 24.08 ? 2   U   A N3    1 
ATOM   37   C  C4    . U   A 1 2 ? -18.485 4.945   3.478   1.00 25.71 ? 2   U   A C4    1 
ATOM   38   O  O4    . U   A 1 2 ? -17.481 4.917   4.192   1.00 30.11 ? 2   U   A O4    1 
ATOM   39   C  C5    . U   A 1 2 ? -19.541 3.973   3.472   1.00 23.76 ? 2   U   A C5    1 
ATOM   40   C  C6    . U   A 1 2 ? -20.591 4.145   2.654   1.00 19.63 ? 2   U   A C6    1 
ATOM   41   P  P     . G   A 1 3 ? -21.267 2.668   -2.795  1.00 26.22 ? 3   G   A P     1 
ATOM   42   O  OP1   . G   A 1 3 ? -22.005 1.914   -3.844  1.00 28.72 ? 3   G   A OP1   1 
ATOM   43   O  OP2   . G   A 1 3 ? -20.134 2.070   -2.012  1.00 27.12 ? 3   G   A OP2   1 
ATOM   44   O  "O5'" . G   A 1 3 ? -20.684 4.010   -3.394  1.00 24.28 ? 3   G   A "O5'" 1 
ATOM   45   C  "C5'" . G   A 1 3 ? -21.465 4.824   -4.284  1.00 24.60 ? 3   G   A "C5'" 1 
ATOM   46   C  "C4'" . G   A 1 3 ? -20.606 5.963   -4.757  1.00 23.10 ? 3   G   A "C4'" 1 
ATOM   47   O  "O4'" . G   A 1 3 ? -20.233 6.806   -3.637  1.00 21.85 ? 3   G   A "O4'" 1 
ATOM   48   C  "C3'" . G   A 1 3 ? -19.259 5.527   -5.307  1.00 25.65 ? 3   G   A "C3'" 1 
ATOM   49   O  "O3'" . G   A 1 3 ? -19.402 5.114   -6.649  1.00 26.87 ? 3   G   A "O3'" 1 
ATOM   50   C  "C2'" . G   A 1 3 ? -18.450 6.799   -5.187  1.00 26.11 ? 3   G   A "C2'" 1 
ATOM   51   O  "O2'" . G   A 1 3 ? -18.834 7.722   -6.178  1.00 29.33 ? 3   G   A "O2'" 1 
ATOM   52   C  "C1'" . G   A 1 3 ? -18.919 7.304   -3.828  1.00 22.51 ? 3   G   A "C1'" 1 
ATOM   53   N  N9    . G   A 1 3 ? -18.058 6.791   -2.756  1.00 22.36 ? 3   G   A N9    1 
ATOM   54   C  C8    . G   A 1 3 ? -18.293 5.734   -1.908  1.00 21.82 ? 3   G   A C8    1 
ATOM   55   N  N7    . G   A 1 3 ? -17.357 5.582   -1.009  1.00 21.93 ? 3   G   A N7    1 
ATOM   56   C  C5    . G   A 1 3 ? -16.471 6.623   -1.252  1.00 20.34 ? 3   G   A C5    1 
ATOM   57   C  C6    . G   A 1 3 ? -15.261 6.986   -0.584  1.00 20.74 ? 3   G   A C6    1 
ATOM   58   O  O6    . G   A 1 3 ? -14.741 6.463   0.417   1.00 22.38 ? 3   G   A O6    1 
ATOM   59   N  N1    . G   A 1 3 ? -14.664 8.091   -1.174  1.00 20.09 ? 3   G   A N1    1 
ATOM   60   C  C2    . G   A 1 3 ? -15.149 8.757   -2.278  1.00 20.76 ? 3   G   A C2    1 
ATOM   61   N  N2    . G   A 1 3 ? -14.405 9.781   -2.723  1.00 24.49 ? 3   G   A N2    1 
ATOM   62   N  N3    . G   A 1 3 ? -16.259 8.413   -2.922  1.00 19.43 ? 3   G   A N3    1 
ATOM   63   C  C4    . G   A 1 3 ? -16.884 7.374   -2.334  1.00 20.71 ? 3   G   A C4    1 
ATOM   64   P  P     . U   A 1 4 ? -18.390 3.996   -7.133  1.00 25.34 ? 4   U   A P     1 
ATOM   65   O  OP1   . U   A 1 4 ? -18.927 3.843   -8.564  1.00 29.91 ? 4   U   A OP1   1 
ATOM   66   O  OP2   . U   A 1 4 ? -18.199 2.784   -6.370  1.00 28.04 ? 4   U   A OP2   1 
ATOM   67   O  "O5'" . U   A 1 4 ? -16.983 4.731   -7.264  1.00 26.36 ? 4   U   A "O5'" 1 
ATOM   68   C  "C5'" . U   A 1 4 ? -16.868 5.879   -8.091  1.00 24.39 ? 4   U   A "C5'" 1 
ATOM   69   C  "C4'" . U   A 1 4 ? -15.553 6.541   -7.855  1.00 22.52 ? 4   U   A "C4'" 1 
ATOM   70   O  "O4'" . U   A 1 4 ? -15.525 7.129   -6.514  1.00 22.43 ? 4   U   A "O4'" 1 
ATOM   71   C  "C3'" . U   A 1 4 ? -14.330 5.628   -7.876  1.00 22.26 ? 4   U   A "C3'" 1 
ATOM   72   O  "O3'" . U   A 1 4 ? -13.854 5.254   -9.155  1.00 22.77 ? 4   U   A "O3'" 1 
ATOM   73   C  "C2'" . U   A 1 4 ? -13.314 6.495   -7.141  1.00 20.86 ? 4   U   A "C2'" 1 
ATOM   74   O  "O2'" . U   A 1 4 ? -12.886 7.649   -7.860  1.00 22.17 ? 4   U   A "O2'" 1 
ATOM   75   C  "C1'" . U   A 1 4 ? -14.186 7.043   -6.000  1.00 23.33 ? 4   U   A "C1'" 1 
ATOM   76   N  N1    . U   A 1 4 ? -14.183 6.201   -4.788  1.00 19.74 ? 4   U   A N1    1 
ATOM   77   C  C2    . U   A 1 4 ? -13.152 6.434   -3.886  1.00 22.57 ? 4   U   A C2    1 
ATOM   78   O  O2    . U   A 1 4 ? -12.299 7.283   -4.073  1.00 21.30 ? 4   U   A O2    1 
ATOM   79   N  N3    . U   A 1 4 ? -13.142 5.603   -2.793  1.00 19.05 ? 4   U   A N3    1 
ATOM   80   C  C4    . U   A 1 4 ? -14.036 4.594   -2.505  1.00 18.47 ? 4   U   A C4    1 
ATOM   81   O  O4    . U   A 1 4 ? -13.897 3.934   -1.486  1.00 18.69 ? 4   U   A O4    1 
ATOM   82   C  C5    . U   A 1 4 ? -15.030 4.365   -3.515  1.00 17.12 ? 4   U   A C5    1 
ATOM   83   C  C6    . U   A 1 4 ? -15.054 5.147   -4.610  1.00 19.77 ? 4   U   A C6    1 
ATOM   84   P  P     . A   A 1 5 ? -13.028 3.886   -9.345  1.00 23.30 ? 5   A   A P     1 
ATOM   85   O  OP1   . A   A 1 5 ? -12.929 3.820   -10.878 1.00 26.83 ? 5   A   A OP1   1 
ATOM   86   O  OP2   . A   A 1 5 ? -13.627 2.759   -8.600  1.00 23.10 ? 5   A   A OP2   1 
ATOM   87   O  "O5'" . A   A 1 5 ? -11.520 4.232   -8.898  1.00 19.57 ? 5   A   A "O5'" 1 
ATOM   88   C  "C5'" . A   A 1 5 ? -10.731 5.343   -9.372  1.00 21.77 ? 5   A   A "C5'" 1 
ATOM   89   C  "C4'" . A   A 1 5 ? -9.577  5.606   -8.418  1.00 19.24 ? 5   A   A "C4'" 1 
ATOM   90   O  "O4'" . A   A 1 5 ? -10.147 5.924   -7.117  1.00 21.03 ? 5   A   A "O4'" 1 
ATOM   91   C  "C3'" . A   A 1 5 ? -8.681  4.411   -8.084  1.00 18.00 ? 5   A   A "C3'" 1 
ATOM   92   O  "O3'" . A   A 1 5 ? -7.739  4.175   -9.149  1.00 20.34 ? 5   A   A "O3'" 1 
ATOM   93   C  "C2'" . A   A 1 5 ? -8.028  4.876   -6.788  1.00 21.16 ? 5   A   A "C2'" 1 
ATOM   94   O  "O2'" . A   A 1 5 ? -7.053  5.846   -7.075  1.00 18.47 ? 5   A   A "O2'" 1 
ATOM   95   C  "C1'" . A   A 1 5 ? -9.215  5.558   -6.097  1.00 19.64 ? 5   A   A "C1'" 1 
ATOM   96   N  N9    . A   A 1 5 ? -9.887  4.614   -5.227  1.00 15.99 ? 5   A   A N9    1 
ATOM   97   C  C8    . A   A 1 5 ? -11.041 3.892   -5.414  1.00 17.53 ? 5   A   A C8    1 
ATOM   98   N  N7    . A   A 1 5 ? -11.408 3.204   -4.353  1.00 17.31 ? 5   A   A N7    1 
ATOM   99   C  C5    . A   A 1 5 ? -10.388 3.436   -3.435  1.00 16.56 ? 5   A   A C5    1 
ATOM   100  C  C6    . A   A 1 5 ? -10.185 3.001   -2.107  1.00 18.34 ? 5   A   A C6    1 
ATOM   101  N  N6    . A   A 1 5 ? -10.997 2.159   -1.453  1.00 20.24 ? 5   A   A N6    1 
ATOM   102  N  N1    . A   A 1 5 ? -9.070  3.440   -1.474  1.00 17.79 ? 5   A   A N1    1 
ATOM   103  C  C2    . A   A 1 5 ? -8.264  4.294   -2.109  1.00 16.68 ? 5   A   A C2    1 
ATOM   104  N  N3    . A   A 1 5 ? -8.375  4.816   -3.335  1.00 18.78 ? 5   A   A N3    1 
ATOM   105  C  C4    . A   A 1 5 ? -9.480  4.349   -3.942  1.00 17.00 ? 5   A   A C4    1 
HETATM 106  P  P     . RUS A 1 6 ? -7.182  2.731   -9.382  1.00 19.22 ? 6   RUS A P     1 
HETATM 107  N  N1    . RUS A 1 6 ? -5.528  1.836   -4.444  1.00 16.93 ? 6   RUS A N1    1 
HETATM 108  C  C2    . RUS A 1 6 ? -5.506  1.315   -3.169  1.00 14.04 ? 6   RUS A C2    1 
HETATM 109  SE SE2   . RUS A 1 6 ? -3.924  1.274   -2.097  0.60 18.16 ? 6   RUS A SE2   1 
HETATM 110  N  N3    . RUS A 1 6 ? -6.697  0.860   -2.682  1.00 15.16 ? 6   RUS A N3    1 
HETATM 111  C  C4    . RUS A 1 6 ? -7.886  0.849   -3.343  1.00 18.65 ? 6   RUS A C4    1 
HETATM 112  O  O4    . RUS A 1 6 ? -8.830  0.282   -2.831  1.00 17.77 ? 6   RUS A O4    1 
HETATM 113  C  C5    . RUS A 1 6 ? -7.841  1.389   -4.671  1.00 16.23 ? 6   RUS A C5    1 
HETATM 114  C  C6    . RUS A 1 6 ? -6.686  1.842   -5.169  1.00 16.44 ? 6   RUS A C6    1 
HETATM 115  C  "C1'" . RUS A 1 6 ? -4.279  2.433   -4.959  1.00 17.63 ? 6   RUS A "C1'" 1 
HETATM 116  C  "C2'" . RUS A 1 6 ? -3.228  1.481   -5.542  1.00 17.60 ? 6   RUS A "C2'" 1 
HETATM 117  O  "O2'" . RUS A 1 6 ? -1.914  2.085   -5.380  1.00 18.08 ? 6   RUS A "O2'" 1 
HETATM 118  O  O2P   . RUS A 1 6 ? -8.073  1.601   -9.117  1.00 20.39 ? 6   RUS A O2P   1 
HETATM 119  C  "C3'" . RUS A 1 6 ? -3.682  1.479   -6.998  1.00 17.69 ? 6   RUS A "C3'" 1 
HETATM 120  O  "O3'" . RUS A 1 6 ? -2.747  0.870   -7.900  1.00 17.28 ? 6   RUS A "O3'" 1 
HETATM 121  O  O3P   . RUS A 1 6 ? -6.491  2.886   -10.732 1.00 23.15 ? 6   RUS A O3P   1 
HETATM 122  C  "C4'" . RUS A 1 6 ? -3.963  2.952   -7.216  1.00 18.31 ? 6   RUS A "C4'" 1 
HETATM 123  O  "O4'" . RUS A 1 6 ? -4.630  3.348   -5.983  1.00 19.05 ? 6   RUS A "O4'" 1 
HETATM 124  C  "C5'" . RUS A 1 6 ? -4.858  3.315   -8.380  1.00 17.31 ? 6   RUS A "C5'" 1 
HETATM 125  O  "O5'" . RUS A 1 6 ? -6.044  2.533   -8.288  1.00 20.17 ? 6   RUS A "O5'" 1 
ATOM   126  P  P     . A   A 1 7 ? -2.870  -0.629  -8.267  1.00 17.81 ? 7   A   A P     1 
ATOM   127  O  OP1   . A   A 1 7 ? -1.762  -0.779  -9.285  1.00 20.95 ? 7   A   A OP1   1 
ATOM   128  O  OP2   . A   A 1 7 ? -4.288  -0.952  -8.652  1.00 17.65 ? 7   A   A OP2   1 
ATOM   129  O  "O5'" . A   A 1 7 ? -2.544  -1.459  -6.954  1.00 15.85 ? 7   A   A "O5'" 1 
ATOM   130  C  "C5'" . A   A 1 7 ? -1.214  -1.367  -6.418  1.00 15.39 ? 7   A   A "C5'" 1 
ATOM   131  C  "C4'" . A   A 1 7 ? -1.182  -1.943  -5.007  1.00 14.89 ? 7   A   A "C4'" 1 
ATOM   132  O  "O4'" . A   A 1 7 ? -2.148  -1.232  -4.167  1.00 15.79 ? 7   A   A "O4'" 1 
ATOM   133  C  "C3'" . A   A 1 7 ? -1.561  -3.423  -4.886  1.00 14.74 ? 7   A   A "C3'" 1 
ATOM   134  O  "O3'" . A   A 1 7 ? -0.451  -4.290  -5.240  1.00 18.50 ? 7   A   A "O3'" 1 
ATOM   135  C  "C2'" . A   A 1 7 ? -1.927  -3.510  -3.403  1.00 17.90 ? 7   A   A "C2'" 1 
ATOM   136  O  "O2'" . A   A 1 7 ? -0.802  -3.505  -2.511  1.00 16.44 ? 7   A   A "O2'" 1 
ATOM   137  C  "C1'" . A   A 1 7 ? -2.691  -2.190  -3.230  1.00 16.76 ? 7   A   A "C1'" 1 
ATOM   138  N  N9    . A   A 1 7 ? -4.141  -2.276  -3.442  1.00 15.92 ? 7   A   A N9    1 
ATOM   139  C  C8    . A   A 1 7 ? -4.855  -1.829  -4.540  1.00 16.21 ? 7   A   A C8    1 
ATOM   140  N  N7    . A   A 1 7 ? -6.152  -1.973  -4.416  1.00 16.59 ? 7   A   A N7    1 
ATOM   141  C  C5    . A   A 1 7 ? -6.311  -2.553  -3.155  1.00 13.27 ? 7   A   A C5    1 
ATOM   142  C  C6    . A   A 1 7 ? -7.461  -2.889  -2.395  1.00 14.93 ? 7   A   A C6    1 
ATOM   143  N  N6    . A   A 1 7 ? -8.728  -2.762  -2.839  1.00 14.93 ? 7   A   A N6    1 
ATOM   144  N  N1    . A   A 1 7 ? -7.271  -3.405  -1.156  1.00 15.33 ? 7   A   A N1    1 
ATOM   145  C  C2    . A   A 1 7 ? -6.007  -3.587  -0.720  1.00 16.87 ? 7   A   A C2    1 
ATOM   146  N  N3    . A   A 1 7 ? -4.854  -3.296  -1.337  1.00 16.60 ? 7   A   A N3    1 
ATOM   147  C  C4    . A   A 1 7 ? -5.081  -2.698  -2.526  1.00 16.34 ? 7   A   A C4    1 
ATOM   148  P  P     . C   A 1 8 ? -0.738  -5.721  -5.892  1.00 16.51 ? 8   C   A P     1 
ATOM   149  O  OP1   . C   A 1 8 ? 0.567   -6.253  -6.215  1.00 16.04 ? 8   C   A OP1   1 
ATOM   150  O  OP2   . C   A 1 8 ? -1.767  -5.621  -6.919  1.00 15.50 ? 8   C   A OP2   1 
ATOM   151  O  "O5'" . C   A 1 8 ? -1.431  -6.518  -4.701  1.00 16.00 ? 8   C   A "O5'" 1 
ATOM   152  C  "C5'" . C   A 1 8 ? -0.579  -6.895  -3.589  1.00 15.56 ? 8   C   A "C5'" 1 
ATOM   153  C  "C4'" . C   A 1 8 ? -1.465  -7.551  -2.566  1.00 14.82 ? 8   C   A "C4'" 1 
ATOM   154  O  "O4'" . C   A 1 8 ? -2.425  -6.577  -2.123  1.00 14.87 ? 8   C   A "O4'" 1 
ATOM   155  C  "C3'" . C   A 1 8 ? -2.367  -8.692  -3.059  1.00 15.90 ? 8   C   A "C3'" 1 
ATOM   156  O  "O3'" . C   A 1 8 ? -1.742  -9.945  -3.213  1.00 17.04 ? 8   C   A "O3'" 1 
ATOM   157  C  "C2'" . C   A 1 8 ? -3.395  -8.754  -1.949  1.00 16.86 ? 8   C   A "C2'" 1 
ATOM   158  O  "O2'" . C   A 1 8 ? -2.836  -9.418  -0.834  1.00 15.16 ? 8   C   A "O2'" 1 
ATOM   159  C  "C1'" . C   A 1 8 ? -3.604  -7.274  -1.692  1.00 16.25 ? 8   C   A "C1'" 1 
ATOM   160  N  N1    . C   A 1 8 ? -4.731  -6.748  -2.479  1.00 15.91 ? 8   C   A N1    1 
ATOM   161  C  C2    . C   A 1 8 ? -6.017  -6.929  -1.954  1.00 17.17 ? 8   C   A C2    1 
ATOM   162  O  O2    . C   A 1 8 ? -6.132  -7.494  -0.858  1.00 16.45 ? 8   C   A O2    1 
ATOM   163  N  N3    . C   A 1 8 ? -7.088  -6.493  -2.658  1.00 17.58 ? 8   C   A N3    1 
ATOM   164  C  C4    . C   A 1 8 ? -6.913  -5.878  -3.824  1.00 16.91 ? 8   C   A C4    1 
ATOM   165  N  N4    . C   A 1 8 ? -8.007  -5.461  -4.480  1.00 19.43 ? 8   C   A N4    1 
ATOM   166  C  C5    . C   A 1 8 ? -5.618  -5.694  -4.396  1.00 17.20 ? 8   C   A C5    1 
ATOM   167  C  C6    . C   A 1 8 ? -4.563  -6.163  -3.707  1.00 16.48 ? 8   C   A C6    1 
ATOM   168  O  "O5'" . G   B 1 1 ? -20.360 -5.523  -10.062 1.00 27.33 ? 9   G   B "O5'" 1 
ATOM   169  C  "C5'" . G   B 1 1 ? -21.687 -5.931  -9.668  1.00 25.20 ? 9   G   B "C5'" 1 
ATOM   170  C  "C4'" . G   B 1 1 ? -21.614 -7.252  -8.938  1.00 21.67 ? 9   G   B "C4'" 1 
ATOM   171  O  "O4'" . G   B 1 1 ? -20.831 -8.225  -9.684  1.00 21.77 ? 9   G   B "O4'" 1 
ATOM   172  C  "C3'" . G   B 1 1 ? -20.997 -7.239  -7.548  1.00 20.17 ? 9   G   B "C3'" 1 
ATOM   173  O  "O3'" . G   B 1 1 ? -21.906 -6.881  -6.503  1.00 21.43 ? 9   G   B "O3'" 1 
ATOM   174  C  "C2'" . G   B 1 1 ? -20.552 -8.680  -7.385  1.00 17.06 ? 9   G   B "C2'" 1 
ATOM   175  O  "O2'" . G   B 1 1 ? -21.638 -9.532  -7.017  1.00 19.40 ? 9   G   B "O2'" 1 
ATOM   176  C  "C1'" . G   B 1 1 ? -20.092 -9.034  -8.803  1.00 19.79 ? 9   G   B "C1'" 1 
ATOM   177  N  N9    . G   B 1 1 ? -18.663 -8.764  -9.005  1.00 17.77 ? 9   G   B N9    1 
ATOM   178  C  C8    . G   B 1 1 ? -18.064 -7.831  -9.817  1.00 19.95 ? 9   G   B C8    1 
ATOM   179  N  N7    . G   B 1 1 ? -16.756 -7.883  -9.780  1.00 19.65 ? 9   G   B N7    1 
ATOM   180  C  C5    . G   B 1 1 ? -16.482 -8.905  -8.877  1.00 18.67 ? 9   G   B C5    1 
ATOM   181  C  C6    . G   B 1 1 ? -15.236 -9.412  -8.424  1.00 17.55 ? 9   G   B C6    1 
ATOM   182  O  O6    . G   B 1 1 ? -14.108 -9.059  -8.770  1.00 20.51 ? 9   G   B O6    1 
ATOM   183  N  N1    . G   B 1 1 ? -15.403 -10.437 -7.487  1.00 17.20 ? 9   G   B N1    1 
ATOM   184  C  C2    . G   B 1 1 ? -16.618 -10.917 -7.065  1.00 19.01 ? 9   G   B C2    1 
ATOM   185  N  N2    . G   B 1 1 ? -16.575 -11.870 -6.107  1.00 17.95 ? 9   G   B N2    1 
ATOM   186  N  N3    . G   B 1 1 ? -17.789 -10.449 -7.489  1.00 17.16 ? 9   G   B N3    1 
ATOM   187  C  C4    . G   B 1 1 ? -17.643 -9.426  -8.357  1.00 17.10 ? 9   G   B C4    1 
ATOM   188  P  P     . U   B 1 2 ? -21.397 -5.805  -5.427  1.00 23.78 ? 10  U   B P     1 
ATOM   189  O  OP1   . U   B 1 2 ? -22.619 -5.538  -4.550  1.00 24.52 ? 10  U   B OP1   1 
ATOM   190  O  OP2   . U   B 1 2 ? -20.611 -4.688  -6.065  1.00 23.45 ? 10  U   B OP2   1 
ATOM   191  O  "O5'" . U   B 1 2 ? -20.297 -6.588  -4.591  1.00 21.57 ? 10  U   B "O5'" 1 
ATOM   192  C  "C5'" . U   B 1 2 ? -20.680 -7.721  -3.799  1.00 21.10 ? 10  U   B "C5'" 1 
ATOM   193  C  "C4'" . U   B 1 2 ? -19.442 -8.451  -3.368  1.00 20.35 ? 10  U   B "C4'" 1 
ATOM   194  O  "O4'" . U   B 1 2 ? -18.693 -8.898  -4.557  1.00 18.58 ? 10  U   B "O4'" 1 
ATOM   195  C  "C3'" . U   B 1 2 ? -18.423 -7.606  -2.610  1.00 21.00 ? 10  U   B "C3'" 1 
ATOM   196  O  "O3'" . U   B 1 2 ? -18.793 -7.614  -1.226  1.00 21.30 ? 10  U   B "O3'" 1 
ATOM   197  C  "C2'" . U   B 1 2 ? -17.119 -8.358  -2.852  1.00 18.32 ? 10  U   B "C2'" 1 
ATOM   198  O  "O2'" . U   B 1 2 ? -16.932 -9.490  -2.027  1.00 18.23 ? 10  U   B "O2'" 1 
ATOM   199  C  "C1'" . U   B 1 2 ? -17.316 -8.878  -4.280  1.00 19.39 ? 10  U   B "C1'" 1 
ATOM   200  N  N1    . U   B 1 2 ? -16.677 -7.937  -5.211  1.00 16.80 ? 10  U   B N1    1 
ATOM   201  C  C2    . U   B 1 2 ? -15.306 -8.034  -5.305  1.00 17.32 ? 10  U   B C2    1 
ATOM   202  O  O2    . U   B 1 2 ? -14.673 -8.873  -4.684  1.00 17.86 ? 10  U   B O2    1 
ATOM   203  N  N3    . U   B 1 2 ? -14.723 -7.159  -6.191  1.00 18.31 ? 10  U   B N3    1 
ATOM   204  C  C4    . U   B 1 2 ? -15.350 -6.136  -6.890  1.00 19.97 ? 10  U   B C4    1 
ATOM   205  O  O4    . U   B 1 2 ? -14.678 -5.388  -7.627  1.00 23.40 ? 10  U   B O4    1 
ATOM   206  C  C5    . U   B 1 2 ? -16.781 -6.106  -6.734  1.00 18.51 ? 10  U   B C5    1 
ATOM   207  C  C6    . U   B 1 2 ? -17.377 -6.961  -5.900  1.00 18.44 ? 10  U   B C6    1 
ATOM   208  P  P     . G   B 1 3 ? -18.134 -6.524  -0.242  1.00 22.98 ? 11  G   B P     1 
ATOM   209  O  OP1   . G   B 1 3 ? -19.186 -6.361  0.849   1.00 25.79 ? 11  G   B OP1   1 
ATOM   210  O  OP2   . G   B 1 3 ? -17.644 -5.319  -0.909  1.00 21.80 ? 11  G   B OP2   1 
ATOM   211  O  "O5'" . G   B 1 3 ? -16.901 -7.253  0.409   1.00 20.37 ? 11  G   B "O5'" 1 
ATOM   212  C  "C5'" . G   B 1 3 ? -17.073 -8.370  1.243   1.00 23.25 ? 11  G   B "C5'" 1 
ATOM   213  C  "C4'" . G   B 1 3 ? -15.769 -8.892  1.706   1.00 23.53 ? 11  G   B "C4'" 1 
ATOM   214  O  "O4'" . G   B 1 3 ? -15.034 -9.476  0.612   1.00 22.32 ? 11  G   B "O4'" 1 
ATOM   215  C  "C3'" . G   B 1 3 ? -14.803 -7.876  2.293   1.00 20.99 ? 11  G   B "C3'" 1 
ATOM   216  O  "O3'" . G   B 1 3 ? -15.217 -7.553  3.623   1.00 19.43 ? 11  G   B "O3'" 1 
ATOM   217  C  "C2'" . G   B 1 3 ? -13.494 -8.647  2.211   1.00 21.45 ? 11  G   B "C2'" 1 
ATOM   218  O  "O2'" . G   B 1 3 ? -13.421 -9.705  3.153   1.00 21.29 ? 11  G   B "O2'" 1 
ATOM   219  C  "C1'" . G   B 1 3 ? -13.632 -9.239  0.809   1.00 21.03 ? 11  G   B "C1'" 1 
ATOM   220  N  N9    . G   B 1 3 ? -13.212 -8.295  -0.213  1.00 19.20 ? 11  G   B N9    1 
ATOM   221  C  C8    . G   B 1 3 ? -13.985 -7.585  -1.109  1.00 17.35 ? 11  G   B C8    1 
ATOM   222  N  N7    . G   B 1 3 ? -13.277 -6.871  -1.945  1.00 20.04 ? 11  G   B N7    1 
ATOM   223  C  C5    . G   B 1 3 ? -11.957 -7.124  -1.576  1.00 18.86 ? 11  G   B C5    1 
ATOM   224  C  C6    . G   B 1 3 ? -10.722 -6.623  -2.109  1.00 17.55 ? 11  G   B C6    1 
ATOM   225  O  O6    . G   B 1 3 ? -10.549 -5.888  -3.084  1.00 18.34 ? 11  G   B O6    1 
ATOM   226  N  N1    . G   B 1 3 ? -9.621  -7.124  -1.411  1.00 18.58 ? 11  G   B N1    1 
ATOM   227  C  C2    . G   B 1 3 ? -9.692  -7.975  -0.332  1.00 19.87 ? 11  G   B C2    1 
ATOM   228  N  N2    . G   B 1 3 ? -8.524  -8.352  0.217   1.00 18.88 ? 11  G   B N2    1 
ATOM   229  N  N3    . G   B 1 3 ? -10.826 -8.457  0.156   1.00 17.69 ? 11  G   B N3    1 
ATOM   230  C  C4    . G   B 1 3 ? -11.906 -7.976  -0.491  1.00 19.09 ? 11  G   B C4    1 
ATOM   231  P  P     . U   B 1 4 ? -14.883 -6.168  4.253   1.00 21.28 ? 12  U   B P     1 
ATOM   232  O  OP1   . U   B 1 4 ? -15.496 -6.079  5.626   1.00 22.21 ? 12  U   B OP1   1 
ATOM   233  O  OP2   . U   B 1 4 ? -15.059 -5.045  3.339   1.00 21.65 ? 12  U   B OP2   1 
ATOM   234  O  "O5'" . U   B 1 4 ? -13.285 -6.244  4.479   1.00 21.45 ? 12  U   B "O5'" 1 
ATOM   235  C  "C5'" . U   B 1 4 ? -12.598 -7.226  5.315   1.00 21.31 ? 12  U   B "C5'" 1 
ATOM   236  C  "C4'" . U   B 1 4 ? -11.091 -6.999  5.188   1.00 21.03 ? 12  U   B "C4'" 1 
ATOM   237  O  "O4'" . U   B 1 4 ? -10.629 -7.345  3.845   1.00 21.41 ? 12  U   B "O4'" 1 
ATOM   238  C  "C3'" . U   B 1 4 ? -10.567 -5.565  5.405   1.00 20.49 ? 12  U   B "C3'" 1 
ATOM   239  O  "O3'" . U   B 1 4 ? -10.522 -5.118  6.784   1.00 18.46 ? 12  U   B "O3'" 1 
ATOM   240  C  "C2'" . U   B 1 4 ? -9.192  -5.655  4.738   1.00 19.77 ? 12  U   B "C2'" 1 
ATOM   241  O  "O2'" . U   B 1 4 ? -8.283  -6.471  5.460   1.00 19.76 ? 12  U   B "O2'" 1 
ATOM   242  C  "C1'" . U   B 1 4 ? -9.553  -6.471  3.480   1.00 20.95 ? 12  U   B "C1'" 1 
ATOM   243  N  N1    . U   B 1 4 ? -9.970  -5.631  2.339   1.00 19.65 ? 12  U   B N1    1 
ATOM   244  C  C2    . U   B 1 4 ? -8.945  -5.092  1.579   1.00 18.27 ? 12  U   B C2    1 
ATOM   245  O  O2    . U   B 1 4 ? -7.761  -5.205  1.887   1.00 18.68 ? 12  U   B O2    1 
ATOM   246  N  N3    . U   B 1 4 ? -9.355  -4.336  0.508   1.00 17.11 ? 12  U   B N3    1 
ATOM   247  C  C4    . U   B 1 4 ? -10.648 -4.120  0.094   1.00 16.38 ? 12  U   B C4    1 
ATOM   248  O  O4    . U   B 1 4 ? -10.857 -3.458  -0.919  1.00 17.37 ? 12  U   B O4    1 
ATOM   249  C  C5    . U   B 1 4 ? -11.655 -4.701  0.932   1.00 19.60 ? 12  U   B C5    1 
ATOM   250  C  C6    . U   B 1 4 ? -11.289 -5.441  1.989   1.00 18.87 ? 12  U   B C6    1 
ATOM   251  P  P     . A   B 1 5 ? -10.567 -3.655  7.148   1.00 20.10 ? 13  A   B P     1 
ATOM   252  O  OP1   . A   B 1 5 ? -10.835 -3.647  8.652   1.00 20.34 ? 13  A   B OP1   1 
ATOM   253  O  OP2   . A   B 1 5 ? -11.459 -2.873  6.293   1.00 22.25 ? 13  A   B OP2   1 
ATOM   254  O  "O5'" . A   B 1 5 ? -9.074  -3.143  6.797   1.00 16.50 ? 13  A   B "O5'" 1 
ATOM   255  C  "C5'" . A   B 1 5 ? -7.841  -3.610  7.436   1.00 15.42 ? 13  A   B "C5'" 1 
ATOM   256  C  "C4'" . A   B 1 5 ? -6.669  -2.895  6.851   1.00 17.15 ? 13  A   B "C4'" 1 
ATOM   257  O  "O4'" . A   B 1 5 ? -6.541  -3.427  5.501   1.00 16.43 ? 13  A   B "O4'" 1 
ATOM   258  C  "C3'" . A   B 1 5 ? -6.868  -1.407  6.597   1.00 16.28 ? 13  A   B "C3'" 1 
ATOM   259  O  "O3'" . A   B 1 5 ? -6.755  -0.615  7.792   1.00 19.55 ? 13  A   B "O3'" 1 
ATOM   260  C  "C2'" . A   B 1 5 ? -5.792  -1.166  5.540   1.00 16.29 ? 13  A   B "C2'" 1 
ATOM   261  O  "O2'" . A   B 1 5 ? -4.512  -1.196  6.144   1.00 19.24 ? 13  A   B "O2'" 1 
ATOM   262  C  "C1'" . A   B 1 5 ? -5.981  -2.414  4.669   1.00 16.43 ? 13  A   B "C1'" 1 
ATOM   263  N  N9    . A   B 1 5 ? -6.975  -2.116  3.634   1.00 15.93 ? 13  A   B N9    1 
ATOM   264  C  C8    . A   B 1 5 ? -8.345  -2.233  3.712   1.00 17.82 ? 13  A   B C8    1 
ATOM   265  N  N7    . A   B 1 5 ? -8.974  -1.812  2.638   1.00 17.12 ? 13  A   B N7    1 
ATOM   266  C  C5    . A   B 1 5 ? -7.950  -1.370  1.810   1.00 16.84 ? 13  A   B C5    1 
ATOM   267  C  C6    . A   B 1 5 ? -7.954  -0.830  0.518   1.00 16.40 ? 13  A   B C6    1 
ATOM   268  N  N6    . A   B 1 5 ? -9.059  -0.602  -0.201  1.00 15.82 ? 13  A   B N6    1 
ATOM   269  N  N1    . A   B 1 5 ? -6.777  -0.450  0.002   1.00 15.68 ? 13  A   B N1    1 
ATOM   270  C  C2    . A   B 1 5 ? -5.649  -0.700  0.697   1.00 15.53 ? 13  A   B C2    1 
ATOM   271  N  N3    . A   B 1 5 ? -5.515  -1.178  1.929   1.00 16.27 ? 13  A   B N3    1 
ATOM   272  C  C4    . A   B 1 5 ? -6.717  -1.524  2.425   1.00 16.85 ? 13  A   B C4    1 
HETATM 273  P  P     . RUS B 1 6 ? -7.438  0.817   7.890   1.00 19.10 ? 14  RUS B P     1 
HETATM 274  N  N1    . RUS B 1 6 ? -6.737  2.414   2.927   1.00 16.23 ? 14  RUS B N1    1 
HETATM 275  C  C2    . RUS B 1 6 ? -7.024  2.792   1.636   1.00 15.51 ? 14  RUS B C2    1 
HETATM 276  SE SE2   . RUS B 1 6 ? -5.726  3.615   0.488   0.60 18.08 ? 14  RUS B SE2   1 
HETATM 277  N  N3    . RUS B 1 6 ? -8.310  2.571   1.235   1.00 15.22 ? 14  RUS B N3    1 
HETATM 278  C  C4    . RUS B 1 6 ? -9.291  1.959   1.943   1.00 17.47 ? 14  RUS B C4    1 
HETATM 279  O  O4    . RUS B 1 6 ? -10.402 1.844   1.431   1.00 17.16 ? 14  RUS B O4    1 
HETATM 280  C  C5    . RUS B 1 6 ? -8.925  1.583   3.280   1.00 16.69 ? 14  RUS B C5    1 
HETATM 281  C  C6    . RUS B 1 6 ? -7.684  1.814   3.713   1.00 16.34 ? 14  RUS B C6    1 
HETATM 282  C  "C1'" . RUS B 1 6 ? -5.370  2.722   3.391   1.00 16.09 ? 14  RUS B "C1'" 1 
HETATM 283  C  "C2'" . RUS B 1 6 ? -5.230  4.181   3.853   1.00 16.60 ? 14  RUS B "C2'" 1 
HETATM 284  O  "O2'" . RUS B 1 6 ? -3.851  4.518   3.958   1.00 18.23 ? 14  RUS B "O2'" 1 
HETATM 285  O  O2P   . RUS B 1 6 ? -8.860  0.608   7.495   1.00 18.89 ? 14  RUS B O2P   1 
HETATM 286  C  "C3'" . RUS B 1 6 ? -5.724  4.029   5.269   1.00 18.11 ? 14  RUS B "C3'" 1 
HETATM 287  O  "O3'" . RUS B 1 6 ? -5.518  5.115   6.154   1.00 18.68 ? 14  RUS B "O3'" 1 
HETATM 288  O  O3P   . RUS B 1 6 ? -7.126  1.269   9.326   1.00 19.49 ? 14  RUS B O3P   1 
HETATM 289  C  "C4'" . RUS B 1 6 ? -4.926  2.802   5.672   1.00 18.20 ? 14  RUS B "C4'" 1 
HETATM 290  O  "O4'" . RUS B 1 6 ? -5.071  1.916   4.538   1.00 17.76 ? 14  RUS B "O4'" 1 
HETATM 291  C  "C5'" . RUS B 1 6 ? -5.379  2.120   6.926   1.00 19.17 ? 14  RUS B "C5'" 1 
HETATM 292  O  "O5'" . RUS B 1 6 ? -6.781  1.783   6.814   1.00 18.36 ? 14  RUS B "O5'" 1 
ATOM   293  P  P     . A   B 1 7 ? -6.548  6.330   6.347   1.00 19.94 ? 15  A   B P     1 
ATOM   294  O  OP1   . A   B 1 7 ? -5.987  7.096   7.512   1.00 23.52 ? 15  A   B OP1   1 
ATOM   295  O  OP2   . A   B 1 7 ? -7.858  5.691   6.536   1.00 20.20 ? 15  A   B OP2   1 
ATOM   296  O  "O5'" . A   B 1 7 ? -6.449  7.126   4.952   1.00 19.31 ? 15  A   B "O5'" 1 
ATOM   297  C  "C5'" . A   B 1 7 ? -5.193  7.667   4.486   1.00 18.54 ? 15  A   B "C5'" 1 
ATOM   298  C  "C4'" . A   B 1 7 ? -5.342  8.186   3.080   1.00 19.84 ? 15  A   B "C4'" 1 
ATOM   299  O  "O4'" . A   B 1 7 ? -5.785  7.064   2.254   1.00 17.83 ? 15  A   B "O4'" 1 
ATOM   300  C  "C3'" . A   B 1 7 ? -6.487  9.181   2.887   1.00 19.58 ? 15  A   B "C3'" 1 
ATOM   301  O  "O3'" . A   B 1 7 ? -6.036  10.441  3.313   1.00 21.35 ? 15  A   B "O3'" 1 
ATOM   302  C  "C2'" . A   B 1 7 ? -6.744  9.041   1.402   1.00 17.99 ? 15  A   B "C2'" 1 
ATOM   303  O  "O2'" . A   B 1 7 ? -5.653  9.578   0.639   1.00 20.44 ? 15  A   B "O2'" 1 
ATOM   304  C  "C1'" . A   B 1 7 ? -6.720  7.538   1.295   1.00 18.51 ? 15  A   B "C1'" 1 
ATOM   305  N  N9    . A   B 1 7 ? -7.981  6.822   1.487   1.00 16.84 ? 15  A   B N9    1 
ATOM   306  C  C8    . A   B 1 7 ? -8.368  6.027   2.533   1.00 15.32 ? 15  A   B C8    1 
ATOM   307  N  N7    . A   B 1 7 ? -9.526  5.438   2.351   1.00 17.97 ? 15  A   B N7    1 
ATOM   308  C  C5    . A   B 1 7 ? -9.903  5.823   1.078   1.00 18.21 ? 15  A   B C5    1 
ATOM   309  C  C6    . A   B 1 7 ? -11.039 5.518   0.292   1.00 16.63 ? 15  A   B C6    1 
ATOM   310  N  N6    . A   B 1 7 ? -12.014 4.696   0.689   1.00 21.50 ? 15  A   B N6    1 
ATOM   311  N  N1    . A   B 1 7 ? -11.109 6.080   -0.935  1.00 19.38 ? 15  A   B N1    1 
ATOM   312  C  C2    . A   B 1 7 ? -10.126 6.907   -1.324  1.00 19.73 ? 15  A   B C2    1 
ATOM   313  N  N3    . A   B 1 7 ? -9.010  7.258   -0.682  1.00 21.86 ? 15  A   B N3    1 
ATOM   314  C  C4    . A   B 1 7 ? -8.968  6.688   0.533   1.00 16.51 ? 15  A   B C4    1 
ATOM   315  P  P     . C   B 1 8 ? -7.127  11.505  3.955   1.00 25.44 ? 16  C   B P     1 
ATOM   316  O  OP1   . C   B 1 8 ? -6.254  12.574  4.575   1.00 26.45 ? 16  C   B OP1   1 
ATOM   317  O  OP2   . C   B 1 8 ? -8.191  10.772  4.743   1.00 26.86 ? 16  C   B OP2   1 
ATOM   318  O  "O5'" . C   B 1 8 ? -7.879  12.180  2.740   1.00 25.17 ? 16  C   B "O5'" 1 
ATOM   319  C  "C5'" . C   B 1 8 ? -7.147  12.735  1.615   1.00 27.56 ? 16  C   B "C5'" 1 
ATOM   320  C  "C4'" . C   B 1 8 ? -8.081  12.932  0.445   1.00 29.24 ? 16  C   B "C4'" 1 
ATOM   321  O  "O4'" . C   B 1 8 ? -8.452  11.634  -0.081  1.00 29.19 ? 16  C   B "O4'" 1 
ATOM   322  C  "C3'" . C   B 1 8 ? -9.424  13.572  0.802   1.00 31.30 ? 16  C   B "C3'" 1 
ATOM   323  O  "O3'" . C   B 1 8 ? -9.376  14.992  0.853   1.00 33.03 ? 16  C   B "O3'" 1 
ATOM   324  C  "C2'" . C   B 1 8 ? -10.315 13.085  -0.331  1.00 30.21 ? 16  C   B "C2'" 1 
ATOM   325  O  "O2'" . C   B 1 8 ? -10.090 13.703  -1.593  1.00 30.87 ? 16  C   B "O2'" 1 
ATOM   326  C  "C1'" . C   B 1 8 ? -9.818  11.649  -0.488  1.00 27.59 ? 16  C   B "C1'" 1 
ATOM   327  N  N1    . C   B 1 8 ? -10.594 10.600  0.240   1.00 24.20 ? 16  C   B N1    1 
ATOM   328  C  C2    . C   B 1 8 ? -11.685 10.019  -0.417  1.00 21.69 ? 16  C   B C2    1 
ATOM   329  O  O2    . C   B 1 8 ? -11.926 10.361  -1.582  1.00 23.45 ? 16  C   B O2    1 
ATOM   330  N  N3    . C   B 1 8 ? -12.368 9.021   0.191   1.00 22.19 ? 16  C   B N3    1 
ATOM   331  C  C4    . C   B 1 8 ? -12.044 8.644   1.430   1.00 21.22 ? 16  C   B C4    1 
ATOM   332  N  N4    . C   B 1 8 ? -12.766 7.680   2.002   1.00 17.75 ? 16  C   B N4    1 
ATOM   333  C  C5    . C   B 1 8 ? -10.976 9.258   2.147   1.00 21.10 ? 16  C   B C5    1 
ATOM   334  C  C6    . C   B 1 8 ? -10.280 10.221  1.518   1.00 21.26 ? 16  C   B C6    1 
ATOM   335  O  "O5'" . G   C 1 1 ? 19.966  1.846   -8.469  1.00 24.28 ? 9   G   D "O5'" 1 
ATOM   336  C  "C5'" . G   C 1 1 ? 21.195  2.601   -8.590  1.00 21.73 ? 9   G   D "C5'" 1 
ATOM   337  C  "C4'" . G   C 1 1 ? 21.383  3.030   -10.036 1.00 20.93 ? 9   G   D "C4'" 1 
ATOM   338  O  "O4'" . G   C 1 1 ? 21.506  1.865   -10.880 1.00 20.50 ? 9   G   D "O4'" 1 
ATOM   339  C  "C3'" . G   C 1 1 ? 20.218  3.786   -10.662 1.00 22.58 ? 9   G   D "C3'" 1 
ATOM   340  O  "O3'" . G   C 1 1 ? 20.294  5.173   -10.377 1.00 25.04 ? 9   G   D "O3'" 1 
ATOM   341  C  "C2'" . G   C 1 1 ? 20.474  3.566   -12.141 1.00 18.99 ? 9   G   D "C2'" 1 
ATOM   342  O  "O2'" . G   C 1 1 ? 21.570  4.351   -12.606 1.00 19.80 ? 9   G   D "O2'" 1 
ATOM   343  C  "C1'" . G   C 1 1 ? 20.885  2.099   -12.145 1.00 18.99 ? 9   G   D "C1'" 1 
ATOM   344  N  N9    . G   C 1 1 ? 19.743  1.194   -12.334 1.00 17.20 ? 9   G   D N9    1 
ATOM   345  C  C8    . G   C 1 1 ? 19.151  0.385   -11.398 1.00 16.40 ? 9   G   D C8    1 
ATOM   346  N  N7    . G   C 1 1 ? 18.167  -0.326  -11.881 1.00 18.89 ? 9   G   D N7    1 
ATOM   347  C  C5    . G   C 1 1 ? 18.058  0.098   -13.201 1.00 17.35 ? 9   G   D C5    1 
ATOM   348  C  C6    . G   C 1 1 ? 17.150  -0.300  -14.235 1.00 18.17 ? 9   G   D C6    1 
ATOM   349  O  O6    . G   C 1 1 ? 16.225  -1.117  -14.174 1.00 18.66 ? 9   G   D O6    1 
ATOM   350  N  N1    . G   C 1 1 ? 17.356  0.426   -15.406 1.00 18.05 ? 9   G   D N1    1 
ATOM   351  C  C2    . G   C 1 1 ? 18.374  1.323   -15.604 1.00 17.36 ? 9   G   D C2    1 
ATOM   352  N  N2    . G   C 1 1 ? 18.412  1.921   -16.827 1.00 19.43 ? 9   G   D N2    1 
ATOM   353  N  N3    . G   C 1 1 ? 19.207  1.715   -14.647 1.00 17.46 ? 9   G   D N3    1 
ATOM   354  C  C4    . G   C 1 1 ? 19.037  1.016   -13.502 1.00 18.88 ? 9   G   D C4    1 
ATOM   355  P  P     . U   C 1 2 ? 18.936  6.036   -10.102 1.00 22.32 ? 10  U   D P     1 
ATOM   356  O  OP1   . U   C 1 2 ? 19.473  7.404   -9.829  1.00 26.74 ? 10  U   D OP1   1 
ATOM   357  O  OP2   . U   C 1 2 ? 18.114  5.313   -9.181  1.00 21.60 ? 10  U   D OP2   1 
ATOM   358  O  "O5'" . U   C 1 2 ? 18.250  6.054   -11.533 1.00 24.20 ? 10  U   D "O5'" 1 
ATOM   359  C  "C5'" . U   C 1 2 ? 18.754  6.713   -12.698 1.00 21.62 ? 10  U   D "C5'" 1 
ATOM   360  C  "C4'" . U   C 1 2 ? 17.939  6.256   -13.878 1.00 21.60 ? 10  U   D "C4'" 1 
ATOM   361  O  "O4'" . U   C 1 2 ? 18.013  4.820   -13.977 1.00 20.25 ? 10  U   D "O4'" 1 
ATOM   362  C  "C3'" . U   C 1 2 ? 16.433  6.472   -13.739 1.00 17.87 ? 10  U   D "C3'" 1 
ATOM   363  O  "O3'" . U   C 1 2 ? 16.185  7.839   -14.060 1.00 20.79 ? 10  U   D "O3'" 1 
ATOM   364  C  "C2'" . U   C 1 2 ? 15.897  5.533   -14.804 1.00 18.15 ? 10  U   D "C2'" 1 
ATOM   365  O  "O2'" . U   C 1 2 ? 16.120  5.929   -16.154 1.00 19.39 ? 10  U   D "O2'" 1 
ATOM   366  C  "C1'" . U   C 1 2 ? 16.806  4.333   -14.574 1.00 18.61 ? 10  U   D "C1'" 1 
ATOM   367  N  N1    . U   C 1 2 ? 16.223  3.385   -13.633 1.00 17.24 ? 10  U   D N1    1 
ATOM   368  C  C2    . U   C 1 2 ? 15.231  2.544   -14.129 1.00 15.91 ? 10  U   D C2    1 
ATOM   369  O  O2    . U   C 1 2 ? 14.830  2.593   -15.295 1.00 18.44 ? 10  U   D O2    1 
ATOM   370  N  N3    . U   C 1 2 ? 14.765  1.624   -13.224 1.00 19.95 ? 10  U   D N3    1 
ATOM   371  C  C4    . U   C 1 2 ? 15.102  1.522   -11.882 1.00 19.69 ? 10  U   D C4    1 
ATOM   372  O  O4    . U   C 1 2 ? 14.577  0.661   -11.192 1.00 22.09 ? 10  U   D O4    1 
ATOM   373  C  C5    . U   C 1 2 ? 16.126  2.433   -11.453 1.00 19.01 ? 10  U   D C5    1 
ATOM   374  C  C6    . U   C 1 2 ? 16.617  3.325   -12.318 1.00 16.55 ? 10  U   D C6    1 
ATOM   375  P  P     . G   C 1 3 ? 14.669  8.403   -13.886 1.00 23.84 ? 11  G   D P     1 
ATOM   376  O  OP1   . G   C 1 3 ? 14.896  9.885   -13.846 1.00 26.31 ? 11  G   D OP1   1 
ATOM   377  O  OP2   . G   C 1 3 ? 13.997  7.756   -12.765 1.00 25.01 ? 11  G   D OP2   1 
ATOM   378  O  "O5'" . G   C 1 3 ? 13.791  8.029   -15.158 1.00 22.55 ? 11  G   D "O5'" 1 
ATOM   379  C  "C5'" . G   C 1 3 ? 14.162  8.521   -16.448 1.00 22.68 ? 11  G   D "C5'" 1 
ATOM   380  C  "C4'" . G   C 1 3 ? 13.125  8.089   -17.443 1.00 22.03 ? 11  G   D "C4'" 1 
ATOM   381  O  "O4'" . G   C 1 3 ? 13.114  6.642   -17.481 1.00 20.61 ? 11  G   D "O4'" 1 
ATOM   382  C  "C3'" . G   C 1 3 ? 11.685  8.386   -17.053 1.00 21.86 ? 11  G   D "C3'" 1 
ATOM   383  O  "O3'" . G   C 1 3 ? 11.387  9.756   -17.315 1.00 22.32 ? 11  G   D "O3'" 1 
ATOM   384  C  "C2'" . G   C 1 3 ? 10.960  7.444   -18.000 1.00 19.52 ? 11  G   D "C2'" 1 
ATOM   385  O  "O2'" . G   C 1 3 ? 11.013  7.868   -19.360 1.00 22.12 ? 11  G   D "O2'" 1 
ATOM   386  C  "C1'" . G   C 1 3 ? 11.812  6.187   -17.831 1.00 20.07 ? 11  G   D "C1'" 1 
ATOM   387  N  N9    . G   C 1 3 ? 11.420  5.277   -16.767 1.00 18.10 ? 11  G   D N9    1 
ATOM   388  C  C8    . G   C 1 3 ? 12.009  5.077   -15.543 1.00 18.94 ? 11  G   D C8    1 
ATOM   389  N  N7    . G   C 1 3 ? 11.447  4.114   -14.862 1.00 18.63 ? 11  G   D N7    1 
ATOM   390  C  C5    . G   C 1 3 ? 10.386  3.705   -15.662 1.00 16.77 ? 11  G   D C5    1 
ATOM   391  C  C6    . G   C 1 3 ? 9.440   2.675   -15.468 1.00 17.76 ? 11  G   D C6    1 
ATOM   392  O  O6    . G   C 1 3 ? 9.325   1.909   -14.505 1.00 17.76 ? 11  G   D O6    1 
ATOM   393  N  N1    . G   C 1 3 ? 8.548   2.593   -16.537 1.00 17.77 ? 11  G   D N1    1 
ATOM   394  C  C2    . G   C 1 3 ? 8.574   3.395   -17.651 1.00 19.13 ? 11  G   D C2    1 
ATOM   395  N  N2    . G   C 1 3 ? 7.600   3.179   -18.570 1.00 19.10 ? 11  G   D N2    1 
ATOM   396  N  N3    . G   C 1 3 ? 9.494   4.318   -17.867 1.00 18.78 ? 11  G   D N3    1 
ATOM   397  C  C4    . G   C 1 3 ? 10.361  4.413   -16.836 1.00 18.44 ? 11  G   D C4    1 
ATOM   398  P  P     . U   C 1 4 ? 10.314  10.510  -16.372 1.00 24.79 ? 12  U   D P     1 
ATOM   399  O  OP1   . U   C 1 4 ? 10.301  11.929  -16.899 1.00 31.98 ? 12  U   D OP1   1 
ATOM   400  O  OP2   . U   C 1 4 ? 10.390  10.202  -14.917 1.00 26.51 ? 12  U   D OP2   1 
ATOM   401  O  "O5'" . U   C 1 4 ? 8.952   9.906   -16.953 1.00 24.08 ? 12  U   D "O5'" 1 
ATOM   402  C  "C5'" . U   C 1 4 ? 8.521   10.067  -18.321 1.00 24.56 ? 12  U   D "C5'" 1 
ATOM   403  C  "C4'" . U   C 1 4 ? 7.270   9.233   -18.592 1.00 26.10 ? 12  U   D "C4'" 1 
ATOM   404  O  "O4'" . U   C 1 4 ? 7.553   7.807   -18.483 1.00 25.28 ? 12  U   D "O4'" 1 
ATOM   405  C  "C3'" . U   C 1 4 ? 6.099   9.451   -17.632 1.00 26.88 ? 12  U   D "C3'" 1 
ATOM   406  O  "O3'" . U   C 1 4 ? 5.332   10.558  -18.085 1.00 32.87 ? 12  U   D "O3'" 1 
ATOM   407  C  "C2'" . U   C 1 4 ? 5.299   8.184   -17.839 1.00 26.42 ? 12  U   D "C2'" 1 
ATOM   408  O  "O2'" . U   C 1 4 ? 4.724   8.147   -19.137 1.00 29.47 ? 12  U   D "O2'" 1 
ATOM   409  C  "C1'" . U   C 1 4 ? 6.429   7.157   -17.929 1.00 23.76 ? 12  U   D "C1'" 1 
ATOM   410  N  N1    . U   C 1 4 ? 6.806   6.550   -16.640 1.00 20.05 ? 12  U   D N1    1 
ATOM   411  C  C2    . U   C 1 4 ? 6.039   5.470   -16.230 1.00 20.58 ? 12  U   D C2    1 
ATOM   412  O  O2    . U   C 1 4 ? 5.085   5.061   -16.868 1.00 24.87 ? 12  U   D O2    1 
ATOM   413  N  N3    . U   C 1 4 ? 6.473   4.869   -15.075 1.00 17.78 ? 12  U   D N3    1 
ATOM   414  C  C4    . U   C 1 4 ? 7.535   5.254   -14.283 1.00 16.98 ? 12  U   D C4    1 
ATOM   415  O  O4    . U   C 1 4 ? 7.794   4.628   -13.271 1.00 20.34 ? 12  U   D O4    1 
ATOM   416  C  C5    . U   C 1 4 ? 8.229   6.425   -14.739 1.00 18.30 ? 12  U   D C5    1 
ATOM   417  C  C6    . U   C 1 4 ? 7.866   6.996   -15.888 1.00 19.65 ? 12  U   D C6    1 
ATOM   418  P  P     . A   C 1 5 ? 4.787   11.450  -16.856 1.00 36.62 ? 13  A   D P     1 
ATOM   419  O  OP1   . A   C 1 5 ? 4.166   12.576  -17.623 1.00 47.25 ? 13  A   D OP1   1 
ATOM   420  O  OP2   . A   C 1 5 ? 5.625   11.735  -15.679 1.00 32.90 ? 13  A   D OP2   1 
ATOM   421  O  "O5'" . A   C 1 5 ? 3.634   10.642  -16.083 1.00 34.95 ? 13  A   D "O5'" 1 
ATOM   422  C  "C5'" . A   C 1 5 ? 2.404   10.397  -16.732 1.00 34.10 ? 13  A   D "C5'" 1 
ATOM   423  C  "C4'" . A   C 1 5 ? 1.670   9.287   -16.052 1.00 28.66 ? 13  A   D "C4'" 1 
ATOM   424  O  "O4'" . A   C 1 5 ? 2.501   8.099   -16.048 1.00 29.38 ? 13  A   D "O4'" 1 
ATOM   425  C  "C3'" . A   C 1 5 ? 1.322   9.407   -14.572 1.00 29.59 ? 13  A   D "C3'" 1 
ATOM   426  O  "O3'" . A   C 1 5 ? 0.145   10.175  -14.371 1.00 38.67 ? 13  A   D "O3'" 1 
ATOM   427  C  "C2'" . A   C 1 5 ? 0.923   7.967   -14.302 1.00 25.51 ? 13  A   D "C2'" 1 
ATOM   428  O  "O2'" . A   C 1 5 ? -0.268  7.704   -15.008 1.00 29.56 ? 13  A   D "O2'" 1 
ATOM   429  C  "C1'" . A   C 1 5 ? 2.033   7.219   -15.031 1.00 25.34 ? 13  A   D "C1'" 1 
ATOM   430  N  N9    . A   C 1 5 ? 3.135   6.933   -14.123 1.00 20.90 ? 13  A   D N9    1 
ATOM   431  C  C8    . A   C 1 5 ? 4.283   7.639   -13.823 1.00 21.11 ? 13  A   D C8    1 
ATOM   432  N  N7    . A   C 1 5 ? 5.033   7.062   -12.915 1.00 21.24 ? 13  A   D N7    1 
ATOM   433  C  C5    . A   C 1 5 ? 4.306   5.926   -12.557 1.00 19.49 ? 13  A   D C5    1 
ATOM   434  C  C6    . A   C 1 5 ? 4.544   4.900   -11.623 1.00 20.46 ? 13  A   D C6    1 
ATOM   435  N  N6    . A   C 1 5 ? 5.641   4.821   -10.872 1.00 20.86 ? 13  A   D N6    1 
ATOM   436  N  N1    . A   C 1 5 ? 3.600   3.943   -11.488 1.00 22.02 ? 13  A   D N1    1 
ATOM   437  C  C2    . A   C 1 5 ? 2.496   4.018   -12.236 1.00 20.26 ? 13  A   D C2    1 
ATOM   438  N  N3    . A   C 1 5 ? 2.164   4.925   -13.160 1.00 21.26 ? 13  A   D N3    1 
ATOM   439  C  C4    . A   C 1 5 ? 3.115   5.867   -13.257 1.00 19.51 ? 13  A   D C4    1 
HETATM 440  P  P     . RUS C 1 6 ? -0.107  10.854  -12.950 1.00 40.88 ? 14  RUS D P     1 
HETATM 441  N  N1    . RUS C 1 6 ? 0.576   6.333   -9.914  1.00 21.92 ? 14  RUS D N1    1 
HETATM 442  C  C2    . RUS C 1 6 ? 1.030   5.330   -9.058  1.00 22.68 ? 14  RUS D C2    1 
HETATM 443  SE SE2   . RUS C 1 6 ? -0.111  3.843   -8.466  0.60 25.57 ? 14  RUS D SE2   1 
HETATM 444  N  N3    . RUS C 1 6 ? 2.335   5.471   -8.662  1.00 21.55 ? 14  RUS D N3    1 
HETATM 445  C  C4    . RUS C 1 6 ? 3.208   6.482   -9.000  1.00 24.05 ? 14  RUS D C4    1 
HETATM 446  O  O4    . RUS C 1 6 ? 4.323   6.510   -8.502  1.00 24.33 ? 14  RUS D O4    1 
HETATM 447  C  C5    . RUS C 1 6 ? 2.651   7.495   -9.850  1.00 23.73 ? 14  RUS D C5    1 
HETATM 448  C  C6    . RUS C 1 6 ? 1.399   7.375   -10.285 1.00 23.73 ? 14  RUS D C6    1 
HETATM 449  C  "C1'" . RUS C 1 6 ? -0.805  6.229   -10.414 1.00 26.05 ? 14  RUS D "C1'" 1 
HETATM 450  C  "C2'" . RUS C 1 6 ? -1.872  6.693   -9.401  1.00 22.14 ? 14  RUS D "C2'" 1 
HETATM 451  O  "O2'" . RUS C 1 6 ? -3.054  5.945   -9.621  1.00 27.43 ? 14  RUS D "O2'" 1 
HETATM 452  O  O2P   . RUS C 1 6 ? 1.162   11.243  -12.241 1.00 43.68 ? 14  RUS D O2P   1 
HETATM 453  C  "C3'" . RUS C 1 6 ? -2.025  8.144   -9.793  1.00 25.42 ? 14  RUS D "C3'" 1 
HETATM 454  O  "O3'" . RUS C 1 6 ? -3.176  8.742   -9.196  1.00 22.37 ? 14  RUS D "O3'" 1 
HETATM 455  O  O3P   . RUS C 1 6 ? -1.108  11.890  -13.331 1.00 37.48 ? 14  RUS D O3P   1 
HETATM 456  C  "C4'" . RUS C 1 6 ? -2.090  7.973   -11.305 1.00 24.63 ? 14  RUS D "C4'" 1 
HETATM 457  O  "O4'" . RUS C 1 6 ? -0.945  7.100   -11.541 1.00 26.56 ? 14  RUS D "O4'" 1 
HETATM 458  C  "C5'" . RUS C 1 6 ? -1.948  9.210   -12.154 1.00 34.78 ? 14  RUS D "C5'" 1 
HETATM 459  O  "O5'" . RUS C 1 6 ? -0.680  9.783   -11.917 1.00 32.47 ? 14  RUS D "O5'" 1 
ATOM   460  P  P     . A   C 1 7 ? -2.999  9.561   -7.817  1.00 22.92 ? 15  A   D P     1 
ATOM   461  O  OP1   . A   C 1 7 ? -4.383  10.199  -7.691  1.00 22.88 ? 15  A   D OP1   1 
ATOM   462  O  OP2   . A   C 1 7 ? -1.783  10.385  -7.690  1.00 22.18 ? 15  A   D OP2   1 
ATOM   463  O  "O5'" . A   C 1 7 ? -2.883  8.392   -6.706  1.00 19.90 ? 15  A   D "O5'" 1 
ATOM   464  C  "C5'" . A   C 1 7 ? -3.887  7.350   -6.477  1.00 18.73 ? 15  A   D "C5'" 1 
ATOM   465  C  "C4'" . A   C 1 7 ? -3.322  6.359   -5.472  1.00 18.90 ? 15  A   D "C4'" 1 
ATOM   466  O  "O4'" . A   C 1 7 ? -2.151  5.756   -6.064  1.00 17.62 ? 15  A   D "O4'" 1 
ATOM   467  C  "C3'" . A   C 1 7 ? -2.764  6.982   -4.208  1.00 17.59 ? 15  A   D "C3'" 1 
ATOM   468  O  "O3'" . A   C 1 7 ? -3.846  7.306   -3.347  1.00 16.06 ? 15  A   D "O3'" 1 
ATOM   469  C  "C2'" . A   C 1 7 ? -1.844  5.866   -3.697  1.00 16.65 ? 15  A   D "C2'" 1 
ATOM   470  O  "O2'" . A   C 1 7 ? -2.609  4.815   -3.182  1.00 18.32 ? 15  A   D "O2'" 1 
ATOM   471  C  "C1'" . A   C 1 7 ? -1.205  5.440   -5.013  1.00 16.84 ? 15  A   D "C1'" 1 
ATOM   472  N  N9    . A   C 1 7 ? 0.026   6.140   -5.291  1.00 16.64 ? 15  A   D N9    1 
ATOM   473  C  C8    . A   C 1 7 ? 0.341   7.146   -6.169  1.00 15.89 ? 15  A   D C8    1 
ATOM   474  N  N7    . A   C 1 7 ? 1.625   7.426   -6.205  1.00 16.14 ? 15  A   D N7    1 
ATOM   475  C  C5    . A   C 1 7 ? 2.180   6.591   -5.234  1.00 16.04 ? 15  A   D C5    1 
ATOM   476  C  C6    . A   C 1 7 ? 3.507   6.372   -4.792  1.00 18.51 ? 15  A   D C6    1 
ATOM   477  N  N6    . A   C 1 7 ? 4.553   7.078   -5.214  1.00 17.40 ? 15  A   D N6    1 
ATOM   478  N  N1    . A   C 1 7 ? 3.716   5.395   -3.872  1.00 16.80 ? 15  A   D N1    1 
ATOM   479  C  C2    . A   C 1 7 ? 2.651   4.721   -3.395  1.00 17.12 ? 15  A   D C2    1 
ATOM   480  N  N3    . A   C 1 7 ? 1.381   4.789   -3.784  1.00 17.89 ? 15  A   D N3    1 
ATOM   481  C  C4    . A   C 1 7 ? 1.214   5.756   -4.708  1.00 16.63 ? 15  A   D C4    1 
ATOM   482  P  P     . C   C 1 8 ? -3.668  8.378   -2.201  1.00 17.76 ? 16  C   D P     1 
ATOM   483  O  OP1   . C   C 1 8 ? -5.093  8.510   -1.704  1.00 19.76 ? 16  C   D OP1   1 
ATOM   484  O  OP2   . C   C 1 8 ? -2.779  9.550   -2.533  1.00 20.16 ? 16  C   D OP2   1 
ATOM   485  O  "O5'" . C   C 1 8 ? -2.932  7.583   -1.013  1.00 17.16 ? 16  C   D "O5'" 1 
ATOM   486  C  "C5'" . C   C 1 8 ? -3.460  6.434   -0.309  1.00 17.73 ? 16  C   D "C5'" 1 
ATOM   487  C  "C4'" . C   C 1 8 ? -2.293  5.800   0.409   1.00 17.59 ? 16  C   D "C4'" 1 
ATOM   488  O  "O4'" . C   C 1 8 ? -1.182  5.522   -0.506  1.00 17.15 ? 16  C   D "O4'" 1 
ATOM   489  C  "C3'" . C   C 1 8 ? -1.642  6.678   1.489   1.00 18.98 ? 16  C   D "C3'" 1 
ATOM   490  O  "O3'" . C   C 1 8 ? -2.391  6.593   2.663   1.00 20.30 ? 16  C   D "O3'" 1 
ATOM   491  C  "C2'" . C   C 1 8 ? -0.285  5.996   1.660   1.00 17.18 ? 16  C   D "C2'" 1 
ATOM   492  O  "O2'" . C   C 1 8 ? -0.292  4.666   2.201   1.00 16.68 ? 16  C   D "O2'" 1 
ATOM   493  C  "C1'" . C   C 1 8 ? 0.053   5.723   0.205   1.00 17.58 ? 16  C   D "C1'" 1 
ATOM   494  N  N1    . C   C 1 8 ? 0.846   6.686   -0.533  1.00 15.35 ? 16  C   D N1    1 
ATOM   495  C  C2    . C   C 1 8 ? 2.243   6.604   -0.449  1.00 16.34 ? 16  C   D C2    1 
ATOM   496  O  O2    . C   C 1 8 ? 2.746   5.817   0.381   1.00 16.37 ? 16  C   D O2    1 
ATOM   497  N  N3    . C   C 1 8 ? 3.004   7.395   -1.240  1.00 15.90 ? 16  C   D N3    1 
ATOM   498  C  C4    . C   C 1 8 ? 2.418   8.256   -2.090  1.00 15.62 ? 16  C   D C4    1 
ATOM   499  N  N4    . C   C 1 8 ? 3.207   9.002   -2.862  1.00 17.39 ? 16  C   D N4    1 
ATOM   500  C  C5    . C   C 1 8 ? 0.997   8.391   -2.170  1.00 17.86 ? 16  C   D C5    1 
ATOM   501  C  C6    . C   C 1 8 ? 0.254   7.596   -1.374  1.00 16.49 ? 16  C   D C6    1 
ATOM   502  O  "O5'" . G   D 1 1 ? 11.816  0.412   22.129  1.00 44.77 ? 1   G   E "O5'" 1 
ATOM   503  C  "C5'" . G   D 1 1 ? 10.791  -0.440  21.565  1.00 37.62 ? 1   G   E "C5'" 1 
ATOM   504  C  "C4'" . G   D 1 1 ? 9.765   -0.823  22.607  1.00 37.00 ? 1   G   E "C4'" 1 
ATOM   505  O  "O4'" . G   D 1 1 ? 9.167   0.384   23.193  1.00 35.41 ? 1   G   E "O4'" 1 
ATOM   506  C  "C3'" . G   D 1 1 ? 8.589   -1.614  22.062  1.00 35.94 ? 1   G   E "C3'" 1 
ATOM   507  O  "O3'" . G   D 1 1 ? 8.808   -2.996  22.272  1.00 41.04 ? 1   G   E "O3'" 1 
ATOM   508  C  "C2'" . G   D 1 1 ? 7.434   -1.203  22.976  1.00 38.12 ? 1   G   E "C2'" 1 
ATOM   509  O  "O2'" . G   D 1 1 ? 7.283   -1.816  24.232  1.00 41.36 ? 1   G   E "O2'" 1 
ATOM   510  C  "C1'" . G   D 1 1 ? 7.751   0.261   23.217  1.00 34.17 ? 1   G   E "C1'" 1 
ATOM   511  N  N9    . G   D 1 1 ? 7.214   1.117   22.176  1.00 28.95 ? 1   G   E N9    1 
ATOM   512  C  C8    . G   D 1 1 ? 7.936   1.952   21.356  1.00 29.46 ? 1   G   E C8    1 
ATOM   513  N  N7    . G   D 1 1 ? 7.188   2.616   20.515  1.00 35.41 ? 1   G   E N7    1 
ATOM   514  C  C5    . G   D 1 1 ? 5.890   2.219   20.825  1.00 31.80 ? 1   G   E C5    1 
ATOM   515  C  C6    . G   D 1 1 ? 4.652   2.606   20.254  1.00 25.20 ? 1   G   E C6    1 
ATOM   516  O  O6    . G   D 1 1 ? 4.450   3.437   19.365  1.00 32.13 ? 1   G   E O6    1 
ATOM   517  N  N1    . G   D 1 1 ? 3.578   1.970   20.876  1.00 25.50 ? 1   G   E N1    1 
ATOM   518  C  C2    . G   D 1 1 ? 3.681   1.035   21.871  1.00 25.20 ? 1   G   E C2    1 
ATOM   519  N  N2    . G   D 1 1 ? 2.524   0.518   22.317  1.00 24.61 ? 1   G   E N2    1 
ATOM   520  N  N3    . G   D 1 1 ? 4.834   0.658   22.412  1.00 25.09 ? 1   G   E N3    1 
ATOM   521  C  C4    . G   D 1 1 ? 5.890   1.284   21.837  1.00 26.21 ? 1   G   E C4    1 
ATOM   522  P  P     . U   D 1 2 ? 8.629   -3.980  21.008  1.00 38.33 ? 2   U   E P     1 
ATOM   523  O  OP1   . U   D 1 2 ? 8.694   -5.396  21.460  1.00 36.35 ? 2   U   E OP1   1 
ATOM   524  O  OP2   . U   D 1 2 ? 9.420   -3.359  19.917  1.00 33.40 ? 2   U   E OP2   1 
ATOM   525  O  "O5'" . U   D 1 2 ? 7.067   -3.930  20.709  1.00 32.83 ? 2   U   E "O5'" 1 
ATOM   526  C  "C5'" . U   D 1 2 ? 6.077   -4.605  21.515  1.00 28.81 ? 2   U   E "C5'" 1 
ATOM   527  C  "C4'" . U   D 1 2 ? 4.720   -4.009  21.192  1.00 30.71 ? 2   U   E "C4'" 1 
ATOM   528  O  "O4'" . U   D 1 2 ? 4.871   -2.571  21.176  1.00 29.80 ? 2   U   E "O4'" 1 
ATOM   529  C  "C3'" . U   D 1 2 ? 4.239   -4.286  19.769  1.00 24.71 ? 2   U   E "C3'" 1 
ATOM   530  O  "O3'" . U   D 1 2 ? 3.636   -5.538  19.661  1.00 28.08 ? 2   U   E "O3'" 1 
ATOM   531  C  "C2'" . U   D 1 2 ? 3.238   -3.158  19.562  1.00 24.36 ? 2   U   E "C2'" 1 
ATOM   532  O  "O2'" . U   D 1 2 ? 1.945   -3.411  20.078  1.00 25.73 ? 2   U   E "O2'" 1 
ATOM   533  C  "C1'" . U   D 1 2 ? 3.955   -2.005  20.263  1.00 27.44 ? 2   U   E "C1'" 1 
ATOM   534  N  N1    . U   D 1 2 ? 4.699   -1.102  19.383  1.00 27.27 ? 2   U   E N1    1 
ATOM   535  C  C2    . U   D 1 2 ? 3.948   -0.245  18.604  1.00 21.42 ? 2   U   E C2    1 
ATOM   536  O  O2    . U   D 1 2 ? 2.734   -0.207  18.665  1.00 25.03 ? 2   U   E O2    1 
ATOM   537  N  N3    . U   D 1 2 ? 4.679   0.632   17.840  1.00 26.01 ? 2   U   E N3    1 
ATOM   538  C  C4    . U   D 1 2 ? 6.051   0.689   17.720  1.00 24.69 ? 2   U   E C4    1 
ATOM   539  O  O4    . U   D 1 2 ? 6.560   1.523   16.973  1.00 35.67 ? 2   U   E O4    1 
ATOM   540  C  C5    . U   D 1 2 ? 6.759   -0.273  18.519  1.00 25.94 ? 2   U   E C5    1 
ATOM   541  C  C6    . U   D 1 2 ? 6.075   -1.107  19.308  1.00 23.04 ? 2   U   E C6    1 
ATOM   542  P  P     . G   D 1 3 ? 3.362   -6.222  18.207  1.00 29.26 ? 3   G   E P     1 
ATOM   543  O  OP1   . G   D 1 3 ? 3.294   -7.660  18.436  1.00 31.21 ? 3   G   E OP1   1 
ATOM   544  O  OP2   . G   D 1 3 ? 4.278   -5.649  17.235  1.00 23.15 ? 3   G   E OP2   1 
ATOM   545  O  "O5'" . G   D 1 3 ? 1.889   -5.680  17.889  1.00 27.57 ? 3   G   E "O5'" 1 
ATOM   546  C  "C5'" . G   D 1 3 ? 0.720   -6.197  18.538  1.00 21.65 ? 3   G   E "C5'" 1 
ATOM   547  C  "C4'" . G   D 1 3 ? -0.517  -5.623  17.892  1.00 25.26 ? 3   G   E "C4'" 1 
ATOM   548  O  "O4'" . G   D 1 3 ? -0.457  -4.175  17.977  1.00 24.42 ? 3   G   E "O4'" 1 
ATOM   549  C  "C3'" . G   D 1 3 ? -0.685  -5.903  16.397  1.00 22.48 ? 3   G   E "C3'" 1 
ATOM   550  O  "O3'" . G   D 1 3 ? -1.327  -7.143  16.209  1.00 23.46 ? 3   G   E "O3'" 1 
ATOM   551  C  "C2'" . G   D 1 3 ? -1.585  -4.744  15.963  1.00 21.48 ? 3   G   E "C2'" 1 
ATOM   552  O  "O2'" . G   D 1 3 ? -2.932  -4.888  16.360  1.00 24.55 ? 3   G   E "O2'" 1 
ATOM   553  C  "C1'" . G   D 1 3 ? -0.994  -3.599  16.779  1.00 21.80 ? 3   G   E "C1'" 1 
ATOM   554  N  N9    . G   D 1 3 ? 0.071   -2.860  16.118  1.00 21.17 ? 3   G   E N9    1 
ATOM   555  C  C8    . G   D 1 3 ? 1.414   -2.914  16.393  1.00 21.52 ? 3   G   E C8    1 
ATOM   556  N  N7    . G   D 1 3 ? 2.115   -2.091  15.668  1.00 21.50 ? 3   G   E N7    1 
ATOM   557  C  C5    . G   D 1 3 ? 1.176   -1.464  14.857  1.00 19.11 ? 3   G   E C5    1 
ATOM   558  C  C6    . G   D 1 3 ? 1.339   -0.446  13.877  1.00 16.93 ? 3   G   E C6    1 
ATOM   559  O  O6    . G   D 1 3 ? 2.386   0.098   13.494  1.00 17.46 ? 3   G   E O6    1 
ATOM   560  N  N1    . G   D 1 3 ? 0.137   -0.159  13.236  1.00 19.68 ? 3   G   E N1    1 
ATOM   561  C  C2    . G   D 1 3 ? -1.077  -0.720  13.554  1.00 18.67 ? 3   G   E C2    1 
ATOM   562  N  N2    . G   D 1 3 ? -2.145  -0.287  12.858  1.00 17.85 ? 3   G   E N2    1 
ATOM   563  N  N3    . G   D 1 3 ? -1.249  -1.607  14.520  1.00 20.14 ? 3   G   E N3    1 
ATOM   564  C  C4    . G   D 1 3 ? -0.078  -1.968  15.087  1.00 18.65 ? 3   G   E C4    1 
ATOM   565  P  P     . U   D 1 4 ? -1.058  -7.951  14.800  1.00 24.96 ? 4   U   E P     1 
ATOM   566  O  OP1   . U   D 1 4 ? -1.708  -9.296  14.925  1.00 28.96 ? 4   U   E OP1   1 
ATOM   567  O  OP2   . U   D 1 4 ? 0.355   -7.839  14.458  1.00 25.51 ? 4   U   E OP2   1 
ATOM   568  O  "O5'" . U   D 1 4 ? -1.881  -7.189  13.667  1.00 24.18 ? 4   U   E "O5'" 1 
ATOM   569  C  "C5'" . U   D 1 4 ? -3.289  -7.083  13.754  1.00 22.89 ? 4   U   E "C5'" 1 
ATOM   570  C  "C4'" . U   D 1 4 ? -3.792  -6.128  12.680  1.00 23.03 ? 4   U   E "C4'" 1 
ATOM   571  O  "O4'" . U   D 1 4 ? -3.269  -4.789  12.937  1.00 21.01 ? 4   U   E "O4'" 1 
ATOM   572  C  "C3'" . U   D 1 4 ? -3.337  -6.393  11.246  1.00 22.06 ? 4   U   E "C3'" 1 
ATOM   573  O  "O3'" . U   D 1 4 ? -4.032  -7.510  10.710  1.00 20.33 ? 4   U   E "O3'" 1 
ATOM   574  C  "C2'" . U   D 1 4 ? -3.551  -5.028  10.619  1.00 20.42 ? 4   U   E "C2'" 1 
ATOM   575  O  "O2'" . U   D 1 4 ? -4.946  -4.728  10.393  1.00 21.09 ? 4   U   E "O2'" 1 
ATOM   576  C  "C1'" . U   D 1 4 ? -2.955  -4.143  11.707  1.00 18.88 ? 4   U   E "C1'" 1 
ATOM   577  N  N1    . U   D 1 4 ? -1.497  -3.860  11.658  1.00 19.80 ? 4   U   E N1    1 
ATOM   578  C  C2    . U   D 1 4 ? -1.090  -2.865  10.782  1.00 18.77 ? 4   U   E C2    1 
ATOM   579  O  O2    . U   D 1 4 ? -1.850  -2.366  9.961   1.00 19.00 ? 4   U   E O2    1 
ATOM   580  N  N3    . U   D 1 4 ? 0.253   -2.535  10.845  1.00 17.64 ? 4   U   E N3    1 
ATOM   581  C  C4    . U   D 1 4 ? 1.208   -3.065  11.722  1.00 18.88 ? 4   U   E C4    1 
ATOM   582  O  O4    . U   D 1 4 ? 2.378   -2.670  11.673  1.00 17.29 ? 4   U   E O4    1 
ATOM   583  C  C5    . U   D 1 4 ? 0.717   -4.117  12.562  1.00 19.07 ? 4   U   E C5    1 
ATOM   584  C  C6    . U   D 1 4 ? -0.585  -4.460  12.521  1.00 17.59 ? 4   U   E C6    1 
ATOM   585  P  P     . A   D 1 5 ? -3.427  -8.330  9.534   1.00 20.63 ? 5   A   E P     1 
ATOM   586  O  OP1   . A   D 1 5 ? -4.387  -9.448  9.211   1.00 23.04 ? 5   A   E OP1   1 
ATOM   587  O  OP2   . A   D 1 5 ? -2.003  -8.585  9.753   1.00 18.92 ? 5   A   E OP2   1 
ATOM   588  O  "O5'" . A   D 1 5 ? -3.384  -7.320  8.304   1.00 18.90 ? 5   A   E "O5'" 1 
ATOM   589  C  "C5'" . A   D 1 5 ? -4.576  -6.895  7.641   1.00 15.11 ? 5   A   E "C5'" 1 
ATOM   590  C  "C4'" . A   D 1 5 ? -4.197  -5.950  6.473   1.00 14.34 ? 5   A   E "C4'" 1 
ATOM   591  O  "O4'" . A   D 1 5 ? -3.652  -4.712  7.011   1.00 16.76 ? 5   A   E "O4'" 1 
ATOM   592  C  "C3'" . A   D 1 5 ? -3.063  -6.425  5.554   1.00 15.55 ? 5   A   E "C3'" 1 
ATOM   593  O  "O3'" . A   D 1 5 ? -3.487  -7.388  4.564   1.00 15.84 ? 5   A   E "O3'" 1 
ATOM   594  C  "C2'" . A   D 1 5 ? -2.659  -5.110  4.910   1.00 17.51 ? 5   A   E "C2'" 1 
ATOM   595  O  "O2'" . A   D 1 5 ? -3.567  -4.630  3.914   1.00 18.29 ? 5   A   E "O2'" 1 
ATOM   596  C  "C1'" . A   D 1 5 ? -2.642  -4.193  6.142   1.00 17.93 ? 5   A   E "C1'" 1 
ATOM   597  N  N9    . A   D 1 5 ? -1.361  -4.221  6.872   1.00 18.85 ? 5   A   E N9    1 
ATOM   598  C  C8    . A   D 1 5 ? -1.000  -5.037  7.917   1.00 17.46 ? 5   A   E C8    1 
ATOM   599  N  N7    . A   D 1 5 ? 0.211   -4.808  8.366   1.00 17.26 ? 5   A   E N7    1 
ATOM   600  C  C5    . A   D 1 5 ? 0.694   -3.802  7.532   1.00 14.88 ? 5   A   E C5    1 
ATOM   601  C  C6    . A   D 1 5 ? 1.894   -3.045  7.550   1.00 16.61 ? 5   A   E C6    1 
ATOM   602  N  N6    . A   D 1 5 ? 2.912   -3.315  8.387   1.00 16.64 ? 5   A   E N6    1 
ATOM   603  N  N1    . A   D 1 5 ? 2.063   -2.094  6.592   1.00 15.88 ? 5   A   E N1    1 
ATOM   604  C  C2    . A   D 1 5 ? 1.045   -1.856  5.745   1.00 16.23 ? 5   A   E C2    1 
ATOM   605  N  N3    . A   D 1 5 ? -0.170  -2.426  5.709   1.00 16.09 ? 5   A   E N3    1 
ATOM   606  C  C4    . A   D 1 5 ? -0.284  -3.397  6.645   1.00 15.96 ? 5   A   E C4    1 
HETATM 607  P  P     . RUS D 1 6 ? -2.641  -8.571  4.145   1.00 18.79 ? 6   RUS E P     1 
HETATM 608  N  N1    . RUS D 1 6 ? 1.483   -5.303  3.421   1.00 15.85 ? 6   RUS E N1    1 
HETATM 609  C  C2    . RUS D 1 6 ? 2.681   -4.645  3.640   1.00 18.81 ? 6   RUS E C2    1 
HETATM 610  SE SE2   . RUS D 1 6 ? 3.468   -3.476  2.323   0.60 22.50 ? 6   RUS E SE2   1 
HETATM 611  N  N3    . RUS D 1 6 ? 3.306   -4.929  4.819   1.00 17.25 ? 6   RUS E N3    1 
HETATM 612  C  C4    . RUS D 1 6 ? 2.862   -5.786  5.797   1.00 19.04 ? 6   RUS E C4    1 
HETATM 613  O  O4    . RUS D 1 6 ? 3.535   -5.947  6.808   1.00 19.77 ? 6   RUS E O4    1 
HETATM 614  C  C5    . RUS D 1 6 ? 1.612   -6.429  5.504   1.00 16.05 ? 6   RUS E C5    1 
HETATM 615  C  C6    . RUS D 1 6 ? 0.959   -6.141  4.373   1.00 17.26 ? 6   RUS E C6    1 
HETATM 616  C  "C1'" . RUS D 1 6 ? 0.803   -4.987  2.155   1.00 18.47 ? 6   RUS E "C1'" 1 
HETATM 617  C  "C2'" . RUS D 1 6 ? 1.267   -5.817  0.958   1.00 17.78 ? 6   RUS E "C2'" 1 
HETATM 618  O  "O2'" . RUS D 1 6 ? 0.804   -5.100  -0.208  1.00 23.00 ? 6   RUS E "O2'" 1 
HETATM 619  O  O2P   . RUS D 1 6 ? -1.795  -9.152  5.201   1.00 19.10 ? 6   RUS E O2P   1 
HETATM 620  C  "C3'" . RUS D 1 6 ? 0.381   -7.043  1.137   1.00 20.03 ? 6   RUS E "C3'" 1 
HETATM 621  O  "O3'" . RUS D 1 6 ? 0.324   -7.950  0.028   1.00 18.04 ? 6   RUS E "O3'" 1 
HETATM 622  O  O3P   . RUS D 1 6 ? -3.533  -9.492  3.316   1.00 22.45 ? 6   RUS E O3P   1 
HETATM 623  C  "C4'" . RUS D 1 6 ? -0.935  -6.348  1.383   1.00 18.52 ? 6   RUS E "C4'" 1 
HETATM 624  O  "O4'" . RUS D 1 6 ? -0.558  -5.279  2.312   1.00 17.50 ? 6   RUS E "O4'" 1 
HETATM 625  C  "C5'" . RUS D 1 6 ? -2.012  -7.194  2.008   1.00 18.42 ? 6   RUS E "C5'" 1 
HETATM 626  O  "O5'" . RUS D 1 6 ? -1.563  -7.817  3.264   1.00 15.93 ? 6   RUS E "O5'" 1 
ATOM   627  P  P     . A   D 1 7 ? 1.348   -9.154  0.048   1.00 20.19 ? 7   A   E P     1 
ATOM   628  O  OP1   . A   D 1 7 ? 0.912   -10.043 -1.106  1.00 19.99 ? 7   A   E OP1   1 
ATOM   629  O  OP2   . A   D 1 7 ? 1.383   -9.768  1.408   1.00 22.10 ? 7   A   E OP2   1 
ATOM   630  O  "O5'" . A   D 1 7 ? 2.762   -8.510  -0.251  1.00 20.53 ? 7   A   E "O5'" 1 
ATOM   631  C  "C5'" . A   D 1 7 ? 2.979   -7.703  -1.397  1.00 23.03 ? 7   A   E "C5'" 1 
ATOM   632  C  "C4'" . A   D 1 7 ? 4.350   -7.062  -1.274  1.00 20.97 ? 7   A   E "C4'" 1 
ATOM   633  O  "O4'" . A   D 1 7 ? 4.398   -6.173  -0.136  1.00 24.33 ? 7   A   E "O4'" 1 
ATOM   634  C  "C3'" . A   D 1 7 ? 5.501   -8.033  -1.027  1.00 24.86 ? 7   A   E "C3'" 1 
ATOM   635  O  "O3'" . A   D 1 7 ? 5.914   -8.467  -2.318  1.00 26.80 ? 7   A   E "O3'" 1 
ATOM   636  C  "C2'" . A   D 1 7 ? 6.543   -7.112  -0.430  1.00 23.27 ? 7   A   E "C2'" 1 
ATOM   637  O  "O2'" . A   D 1 7 ? 7.103   -6.176  -1.340  1.00 25.32 ? 7   A   E "O2'" 1 
ATOM   638  C  "C1'" . A   D 1 7 ? 5.673   -6.264  0.484   1.00 23.92 ? 7   A   E "C1'" 1 
ATOM   639  N  N9    . A   D 1 7 ? 5.491   -6.814  1.834   1.00 19.80 ? 7   A   E N9    1 
ATOM   640  C  C8    . A   D 1 7 ? 4.421   -7.494  2.364   1.00 19.26 ? 7   A   E C8    1 
ATOM   641  N  N7    . A   D 1 7 ? 4.562   -7.788  3.634   1.00 19.79 ? 7   A   E N7    1 
ATOM   642  C  C5    . A   D 1 7 ? 5.786   -7.221  3.973   1.00 18.17 ? 7   A   E C5    1 
ATOM   643  C  C6    . A   D 1 7 ? 6.515   -7.183  5.181   1.00 18.93 ? 7   A   E C6    1 
ATOM   644  N  N6    . A   D 1 7 ? 6.097   -7.736  6.310   1.00 20.29 ? 7   A   E N6    1 
ATOM   645  N  N1    . A   D 1 7 ? 7.725   -6.586  5.167   1.00 18.15 ? 7   A   E N1    1 
ATOM   646  C  C2    . A   D 1 7 ? 8.149   -6.018  4.028   1.00 19.78 ? 7   A   E C2    1 
ATOM   647  N  N3    . A   D 1 7 ? 7.582   -6.032  2.817   1.00 20.45 ? 7   A   E N3    1 
ATOM   648  C  C4    . A   D 1 7 ? 6.376   -6.636  2.869   1.00 18.98 ? 7   A   E C4    1 
ATOM   649  P  P     . C   D 1 8 ? 6.578   -9.892  -2.470  1.00 29.15 ? 8   C   E P     1 
ATOM   650  O  OP1   . C   D 1 8 ? 6.640   -9.958  -3.997  1.00 35.74 ? 8   C   E OP1   1 
ATOM   651  O  OP2   . C   D 1 8 ? 5.853   -10.914 -1.700  1.00 28.26 ? 8   C   E OP2   1 
ATOM   652  O  "O5'" . C   D 1 8 ? 8.006   -9.795  -1.759  1.00 27.71 ? 8   C   E "O5'" 1 
ATOM   653  C  "C5'" . C   D 1 8 ? 9.075   -9.060  -2.325  1.00 30.28 ? 8   C   E "C5'" 1 
ATOM   654  C  "C4'" . C   D 1 8 ? 10.185  -8.999  -1.326  1.00 30.62 ? 8   C   E "C4'" 1 
ATOM   655  O  "O4'" . C   D 1 8 ? 9.729   -8.290  -0.139  1.00 29.77 ? 8   C   E "O4'" 1 
ATOM   656  C  "C3'" . C   D 1 8 ? 10.636  -10.338 -0.747  1.00 31.17 ? 8   C   E "C3'" 1 
ATOM   657  O  "O3'" . C   D 1 8 ? 11.375  -11.140 -1.669  1.00 36.58 ? 8   C   E "O3'" 1 
ATOM   658  C  "C2'" . C   D 1 8 ? 11.412  -9.862  0.472   1.00 29.08 ? 8   C   E "C2'" 1 
ATOM   659  O  "O2'" . C   D 1 8 ? 12.720  -9.356  0.218   1.00 32.54 ? 8   C   E "O2'" 1 
ATOM   660  C  "C1'" . C   D 1 8 ? 10.499  -8.729  0.963   1.00 27.32 ? 8   C   E "C1'" 1 
ATOM   661  N  N1    . C   D 1 8 ? 9.564   -9.201  1.982   1.00 24.70 ? 8   C   E N1    1 
ATOM   662  C  C2    . C   D 1 8 ? 9.996   -9.142  3.299   1.00 24.22 ? 8   C   E C2    1 
ATOM   663  O  O2    . C   D 1 8 ? 11.141  -8.714  3.527   1.00 24.92 ? 8   C   E O2    1 
ATOM   664  N  N3    . C   D 1 8 ? 9.170   -9.553  4.284   1.00 23.30 ? 8   C   E N3    1 
ATOM   665  C  C4    . C   D 1 8 ? 7.971   -10.046 3.984   1.00 20.65 ? 8   C   E C4    1 
ATOM   666  N  N4    . C   D 1 8 ? 7.172   -10.383 4.988   1.00 22.15 ? 8   C   E N4    1 
ATOM   667  C  C5    . C   D 1 8 ? 7.498   -10.117 2.641   1.00 24.17 ? 8   C   E C5    1 
ATOM   668  C  C6    . C   D 1 8 ? 8.328   -9.699  1.679   1.00 21.38 ? 8   C   E C6    1 
ATOM   669  O  "O5'" . G   E 1 1 ? 12.303  16.670  -7.674  1.00 48.02 ? 1   G   C "O5'" 1 
ATOM   670  C  "C5'" . G   E 1 1 ? 13.669  16.203  -7.731  1.00 37.32 ? 1   G   C "C5'" 1 
ATOM   671  C  "C4'" . G   E 1 1 ? 14.318  16.349  -6.378  1.00 47.48 ? 1   G   C "C4'" 1 
ATOM   672  O  "O4'" . G   E 1 1 ? 13.502  17.249  -5.585  1.00 49.14 ? 1   G   C "O4'" 1 
ATOM   673  C  "C3'" . G   E 1 1 ? 14.408  15.061  -5.566  1.00 45.99 ? 1   G   C "C3'" 1 
ATOM   674  O  "O3'" . G   E 1 1 ? 15.651  14.377  -5.744  1.00 44.61 ? 1   G   C "O3'" 1 
ATOM   675  C  "C2'" . G   E 1 1 ? 14.288  15.552  -4.127  1.00 44.10 ? 1   G   C "C2'" 1 
ATOM   676  O  "O2'" . G   E 1 1 ? 15.505  15.912  -3.502  1.00 44.59 ? 1   G   C "O2'" 1 
ATOM   677  C  "C1'" . G   E 1 1 ? 13.322  16.723  -4.283  1.00 40.27 ? 1   G   C "C1'" 1 
ATOM   678  N  N9    . G   E 1 1 ? 11.911  16.373  -4.119  1.00 32.78 ? 1   G   C N9    1 
ATOM   679  C  C8    . G   E 1 1 ? 10.914  16.444  -5.067  1.00 29.53 ? 1   G   C C8    1 
ATOM   680  N  N7    . G   E 1 1 ? 9.748   16.062  -4.615  1.00 33.01 ? 1   G   C N7    1 
ATOM   681  C  C5    . G   E 1 1 ? 9.989   15.726  -3.288  1.00 27.72 ? 1   G   C C5    1 
ATOM   682  C  C6    . G   E 1 1 ? 9.108   15.224  -2.289  1.00 25.40 ? 1   G   C C6    1 
ATOM   683  O  O6    . G   E 1 1 ? 7.888   14.989  -2.380  1.00 27.78 ? 1   G   C O6    1 
ATOM   684  N  N1    . G   E 1 1 ? 9.772   15.014  -1.083  1.00 26.28 ? 1   G   C N1    1 
ATOM   685  C  C2    . G   E 1 1 ? 11.111  15.206  -0.869  1.00 21.73 ? 1   G   C C2    1 
ATOM   686  N  N2    . G   E 1 1 ? 11.575  14.902  0.355   1.00 26.29 ? 1   G   C N2    1 
ATOM   687  N  N3    . G   E 1 1 ? 11.955  15.630  -1.804  1.00 26.18 ? 1   G   C N3    1 
ATOM   688  C  C4    . G   E 1 1 ? 11.323  15.890  -2.973  1.00 25.31 ? 1   G   C C4    1 
ATOM   689  P  P     . U   E 1 2 ? 15.577  12.812  -6.175  1.00 44.64 ? 2   U   C P     1 
ATOM   690  O  OP1   . U   E 1 2 ? 16.992  12.404  -6.400  1.00 48.15 ? 2   U   C OP1   1 
ATOM   691  O  OP2   . U   E 1 2 ? 14.541  12.737  -7.249  1.00 33.30 ? 2   U   C OP2   1 
ATOM   692  O  "O5'" . U   E 1 2 ? 15.020  12.120  -4.854  1.00 39.47 ? 2   U   C "O5'" 1 
ATOM   693  C  "C5'" . U   E 1 2 ? 15.821  12.016  -3.680  1.00 32.73 ? 2   U   C "C5'" 1 
ATOM   694  C  "C4'" . U   E 1 2 ? 14.913  11.639  -2.535  1.00 32.03 ? 2   U   C "C4'" 1 
ATOM   695  O  "O4'" . U   E 1 2 ? 13.862  12.640  -2.434  1.00 32.20 ? 2   U   C "O4'" 1 
ATOM   696  C  "C3'" . U   E 1 2 ? 14.100  10.365  -2.755  1.00 31.24 ? 2   U   C "C3'" 1 
ATOM   697  O  "O3'" . U   E 1 2 ? 14.917  9.273   -2.396  1.00 29.29 ? 2   U   C "O3'" 1 
ATOM   698  C  "C2'" . U   E 1 2 ? 12.967  10.555  -1.757  1.00 27.27 ? 2   U   C "C2'" 1 
ATOM   699  O  "O2'" . U   E 1 2 ? 13.417  10.472  -0.426  1.00 30.16 ? 2   U   C "O2'" 1 
ATOM   700  C  "C1'" . U   E 1 2 ? 12.671  12.037  -1.928  1.00 29.49 ? 2   U   C "C1'" 1 
ATOM   701  N  N1    . U   E 1 2 ? 11.575  12.246  -2.875  1.00 26.99 ? 2   U   C N1    1 
ATOM   702  C  C2    . U   E 1 2 ? 10.310  12.004  -2.377  1.00 22.48 ? 2   U   C C2    1 
ATOM   703  O  O2    . U   E 1 2 ? 10.111  11.690  -1.211  1.00 26.93 ? 2   U   C O2    1 
ATOM   704  N  N3    . U   E 1 2 ? 9.292   12.222  -3.267  1.00 27.55 ? 2   U   C N3    1 
ATOM   705  C  C4    . U   E 1 2 ? 9.398   12.655  -4.569  1.00 27.30 ? 2   U   C C4    1 
ATOM   706  O  O4    . U   E 1 2 ? 8.375   12.818  -5.233  1.00 30.16 ? 2   U   C O4    1 
ATOM   707  C  C5    . U   E 1 2 ? 10.736  12.808  -5.037  1.00 27.72 ? 2   U   C C5    1 
ATOM   708  C  C6    . U   E 1 2 ? 11.758  12.632  -4.187  1.00 24.85 ? 2   U   C C6    1 
ATOM   709  P  P     . G   E 1 3 ? 14.474  7.765   -2.908  1.00 30.82 ? 3   G   C P     1 
ATOM   710  O  OP1   . G   E 1 3 ? 15.756  6.953   -2.949  1.00 31.44 ? 3   G   C OP1   1 
ATOM   711  O  OP2   . G   E 1 3 ? 13.594  7.862   -4.070  1.00 28.36 ? 3   G   C OP2   1 
ATOM   712  O  "O5'" . G   E 1 3 ? 13.543  7.332   -1.687  1.00 24.78 ? 3   G   C "O5'" 1 
ATOM   713  C  "C5'" . G   E 1 3 ? 14.053  7.090   -0.385  1.00 27.54 ? 3   G   C "C5'" 1 
ATOM   714  C  "C4'" . G   E 1 3 ? 12.955  6.485   0.454   1.00 24.58 ? 3   G   C "C4'" 1 
ATOM   715  O  "O4'" . G   E 1 3 ? 11.899  7.477   0.644   1.00 24.16 ? 3   G   C "O4'" 1 
ATOM   716  C  "C3'" . G   E 1 3 ? 12.194  5.316   -0.158  1.00 25.91 ? 3   G   C "C3'" 1 
ATOM   717  O  "O3'" . G   E 1 3 ? 12.868  4.070   0.016   1.00 25.69 ? 3   G   C "O3'" 1 
ATOM   718  C  "C2'" . G   E 1 3 ? 10.964  5.307   0.734   1.00 23.57 ? 3   G   C "C2'" 1 
ATOM   719  O  "O2'" . G   E 1 3 ? 11.176  4.968   2.106   1.00 24.93 ? 3   G   C "O2'" 1 
ATOM   720  C  "C1'" . G   E 1 3 ? 10.648  6.811   0.773   1.00 21.83 ? 3   G   C "C1'" 1 
ATOM   721  N  N9    . G   E 1 3 ? 9.771   7.314   -0.291  1.00 21.71 ? 3   G   C N9    1 
ATOM   722  C  C8    . G   E 1 3 ? 10.121  7.984   -1.437  1.00 19.25 ? 3   G   C C8    1 
ATOM   723  N  N7    . G   E 1 3 ? 9.093   8.312   -2.174  1.00 20.84 ? 3   G   C N7    1 
ATOM   724  C  C5    . G   E 1 3 ? 8.001   7.843   -1.466  1.00 19.67 ? 3   G   C C5    1 
ATOM   725  C  C6    . G   E 1 3 ? 6.616   7.888   -1.781  1.00 16.36 ? 3   G   C C6    1 
ATOM   726  O  O6    . G   E 1 3 ? 6.059   8.440   -2.757  1.00 20.68 ? 3   G   C O6    1 
ATOM   727  N  N1    . G   E 1 3 ? 5.852   7.233   -0.815  1.00 17.20 ? 3   G   C N1    1 
ATOM   728  C  C2    . G   E 1 3 ? 6.359   6.615   0.305   1.00 19.14 ? 3   G   C C2    1 
ATOM   729  N  N2    . G   E 1 3 ? 5.482   6.037   1.125   1.00 18.74 ? 3   G   C N2    1 
ATOM   730  N  N3    . G   E 1 3 ? 7.648   6.570   0.602   1.00 19.63 ? 3   G   C N3    1 
ATOM   731  C  C4    . G   E 1 3 ? 8.404   7.173   -0.333  1.00 18.03 ? 3   G   C C4    1 
ATOM   732  P  P     . U   E 1 4 ? 12.747  2.998   -1.108  1.00 24.54 ? 4   U   C P     1 
ATOM   733  O  OP1   . U   E 1 4 ? 13.731  1.933   -0.640  1.00 31.22 ? 4   U   C OP1   1 
ATOM   734  O  OP2   . U   E 1 4 ? 12.809  3.428   -2.460  1.00 21.72 ? 4   U   C OP2   1 
ATOM   735  O  "O5'" . U   E 1 4 ? 11.326  2.276   -0.857  1.00 23.13 ? 4   U   C "O5'" 1 
ATOM   736  C  "C5'" . U   E 1 4 ? 11.011  1.672   0.415   1.00 24.05 ? 4   U   C "C5'" 1 
ATOM   737  C  "C4'" . U   E 1 4 ? 9.546   1.396   0.473   1.00 22.03 ? 4   U   C "C4'" 1 
ATOM   738  O  "O4'" . U   E 1 4 ? 8.813   2.670   0.523   1.00 21.26 ? 4   U   C "O4'" 1 
ATOM   739  C  "C3'" . U   E 1 4 ? 8.967   0.712   -0.761  1.00 21.28 ? 4   U   C "C3'" 1 
ATOM   740  O  "O3'" . U   E 1 4 ? 9.192   -0.708  -0.917  1.00 19.29 ? 4   U   C "O3'" 1 
ATOM   741  C  "C2'" . U   E 1 4 ? 7.498   1.058   -0.604  1.00 17.67 ? 4   U   C "C2'" 1 
ATOM   742  O  "O2'" . U   E 1 4 ? 6.969   0.289   0.483   1.00 17.26 ? 4   U   C "O2'" 1 
ATOM   743  C  "C1'" . U   E 1 4 ? 7.577   2.528   -0.178  1.00 18.30 ? 4   U   C "C1'" 1 
ATOM   744  N  N1    . U   E 1 4 ? 7.536   3.451   -1.328  1.00 16.46 ? 4   U   C N1    1 
ATOM   745  C  C2    . U   E 1 4 ? 6.274   3.778   -1.806  1.00 17.99 ? 4   U   C C2    1 
ATOM   746  O  O2    . U   E 1 4 ? 5.256   3.355   -1.286  1.00 19.89 ? 4   U   C O2    1 
ATOM   747  N  N3    . U   E 1 4 ? 6.264   4.636   -2.878  1.00 20.23 ? 4   U   C N3    1 
ATOM   748  C  C4    . U   E 1 4 ? 7.360   5.173   -3.524  1.00 18.30 ? 4   U   C C4    1 
ATOM   749  O  O4    . U   E 1 4 ? 7.194   5.893   -4.502  1.00 16.17 ? 4   U   C O4    1 
ATOM   750  C  C5    . U   E 1 4 ? 8.627   4.725   -3.023  1.00 19.53 ? 4   U   C C5    1 
ATOM   751  C  C6    . U   E 1 4 ? 8.673   3.932   -1.947  1.00 17.67 ? 4   U   C C6    1 
ATOM   752  P  P     . A   E 1 5 ? 9.268   -1.307  -2.317  1.00 21.78 ? 5   A   C P     1 
ATOM   753  O  OP1   . A   E 1 5 ? 9.841   -2.697  -2.116  1.00 25.04 ? 5   A   C OP1   1 
ATOM   754  O  OP2   . A   E 1 5 ? 9.688   -0.554  -3.549  1.00 25.30 ? 5   A   C OP2   1 
ATOM   755  O  "O5'" . A   E 1 5 ? 7.715   -1.448  -2.713  1.00 20.21 ? 5   A   C "O5'" 1 
ATOM   756  C  "C5'" . A   E 1 5 ? 6.775   -2.292  -1.989  1.00 21.04 ? 5   A   C "C5'" 1 
ATOM   757  C  "C4'" . A   E 1 5 ? 5.372   -1.986  -2.460  1.00 18.57 ? 5   A   C "C4'" 1 
ATOM   758  O  "O4'" . A   E 1 5 ? 5.112   -0.574  -2.292  1.00 18.99 ? 5   A   C "O4'" 1 
ATOM   759  C  "C3'" . A   E 1 5 ? 5.089   -2.198  -3.941  1.00 19.74 ? 5   A   C "C3'" 1 
ATOM   760  O  "O3'" . A   E 1 5 ? 4.896   -3.580  -4.190  1.00 19.40 ? 5   A   C "O3'" 1 
ATOM   761  C  "C2'" . A   E 1 5 ? 3.825   -1.370  -4.110  1.00 19.52 ? 5   A   C "C2'" 1 
ATOM   762  O  "O2'" . A   E 1 5 ? 2.727   -1.983  -3.517  1.00 18.40 ? 5   A   C "O2'" 1 
ATOM   763  C  "C1'" . A   E 1 5 ? 4.204   -0.124  -3.302  1.00 22.12 ? 5   A   C "C1'" 1 
ATOM   764  N  N9    . A   E 1 5 ? 4.854   0.897   -4.138  1.00 18.47 ? 5   A   C N9    1 
ATOM   765  C  C8    . A   E 1 5 ? 6.179   1.213   -4.282  1.00 18.49 ? 5   A   C C8    1 
ATOM   766  N  N7    . A   E 1 5 ? 6.399   2.214   -5.101  1.00 21.11 ? 5   A   C N7    1 
ATOM   767  C  C5    . A   E 1 5 ? 5.137   2.518   -5.597  1.00 19.44 ? 5   A   C C5    1 
ATOM   768  C  C6    . A   E 1 5 ? 4.682   3.473   -6.536  1.00 19.76 ? 5   A   C C6    1 
ATOM   769  N  N6    . A   E 1 5 ? 5.480   4.311   -7.192  1.00 22.12 ? 5   A   C N6    1 
ATOM   770  N  N1    . A   E 1 5 ? 3.356   3.530   -6.780  1.00 20.53 ? 5   A   C N1    1 
ATOM   771  C  C2    . A   E 1 5 ? 2.544   2.693   -6.130  1.00 20.35 ? 5   A   C C2    1 
ATOM   772  N  N3    . A   E 1 5 ? 2.846   1.766   -5.219  1.00 21.23 ? 5   A   C N3    1 
ATOM   773  C  C4    . A   E 1 5 ? 4.175   1.726   -5.003  1.00 20.07 ? 5   A   C C4    1 
HETATM 774  P  P     . RUS E 1 6 ? 5.272   -4.199  -5.607  1.00 17.57 ? 6   RUS C P     1 
HETATM 775  N  N1    . RUS E 1 6 ? 3.107   -0.215  -8.621  1.00 18.73 ? 6   RUS C N1    1 
HETATM 776  C  C2    . RUS E 1 6 ? 2.938   0.818   -9.508  1.00 19.19 ? 6   RUS C C2    1 
HETATM 777  SE SE2   . RUS E 1 6 ? 1.287   1.078   -10.474 0.60 21.47 ? 6   RUS C SE2   1 
HETATM 778  N  N3    . RUS E 1 6 ? 4.024   1.630   -9.695  1.00 18.96 ? 6   RUS C N3    1 
HETATM 779  C  C4    . RUS E 1 6 ? 5.254   1.501   -9.125  1.00 22.12 ? 6   RUS C C4    1 
HETATM 780  O  O4    . RUS E 1 6 ? 6.133   2.327   -9.401  1.00 25.97 ? 6   RUS C O4    1 
HETATM 781  C  C5    . RUS E 1 6 ? 5.372   0.403   -8.217  1.00 20.37 ? 6   RUS C C5    1 
HETATM 782  C  C6    . RUS E 1 6 ? 4.325   -0.403  -8.001  1.00 19.40 ? 6   RUS C C6    1 
HETATM 783  C  "C1'" . RUS E 1 6 ? 1.898   -1.043  -8.382  1.00 17.20 ? 6   RUS C "C1'" 1 
HETATM 784  C  "C2'" . RUS E 1 6 ? 1.649   -2.115  -9.451  1.00 16.34 ? 6   RUS C "C2'" 1 
HETATM 785  O  "O2'" . RUS E 1 6 ? 0.249   -2.456  -9.525  1.00 15.80 ? 6   RUS C "O2'" 1 
HETATM 786  O  O2P   . RUS E 1 6 ? 6.510   -3.624  -6.144  1.00 17.57 ? 6   RUS C O2P   1 
HETATM 787  C  "C3'" . RUS E 1 6 ? 2.399   -3.288  -8.852  1.00 16.35 ? 6   RUS C "C3'" 1 
HETATM 788  O  "O3'" . RUS E 1 6 ? 2.030   -4.518  -9.399  1.00 18.51 ? 6   RUS C "O3'" 1 
HETATM 789  O  O3P   . RUS E 1 6 ? 5.050   -5.689  -5.544  1.00 19.56 ? 6   RUS C O3P   1 
HETATM 790  C  "C4'" . RUS E 1 6 ? 1.959   -3.173  -7.401  1.00 16.45 ? 6   RUS C "C4'" 1 
HETATM 791  O  "O4'" . RUS E 1 6 ? 2.060   -1.749  -7.145  1.00 15.93 ? 6   RUS C "O4'" 1 
HETATM 792  C  "C5'" . RUS E 1 6 ? 2.853   -3.900  -6.412  1.00 16.18 ? 6   RUS C "C5'" 1 
HETATM 793  O  "O5'" . RUS E 1 6 ? 4.203   -3.466  -6.573  1.00 17.05 ? 6   RUS C "O5'" 1 
ATOM   794  P  P     . A   E 1 7 ? 2.788   -5.094  -10.700 1.00 20.88 ? 7   A   C P     1 
ATOM   795  O  OP1   . A   E 1 7 ? 2.257   -6.490  -10.853 1.00 23.23 ? 7   A   C OP1   1 
ATOM   796  O  OP2   . A   E 1 7 ? 4.282   -4.889  -10.585 1.00 20.07 ? 7   A   C OP2   1 
ATOM   797  O  "O5'" . A   E 1 7 ? 2.279   -4.230  -11.910 1.00 18.59 ? 7   A   C "O5'" 1 
ATOM   798  C  "C5'" . A   E 1 7 ? 0.920   -4.305  -12.350 1.00 20.08 ? 7   A   C "C5'" 1 
ATOM   799  C  "C4'" . A   E 1 7 ? 0.692   -3.272  -13.419 1.00 17.74 ? 7   A   C "C4'" 1 
ATOM   800  O  "O4'" . A   E 1 7 ? 0.830   -1.896  -12.939 1.00 17.91 ? 7   A   C "O4'" 1 
ATOM   801  C  "C3'" . A   E 1 7 ? 1.676   -3.345  -14.591 1.00 19.18 ? 7   A   C "C3'" 1 
ATOM   802  O  "O3'" . A   E 1 7 ? 1.346   -4.361  -15.528 1.00 22.38 ? 7   A   C "O3'" 1 
ATOM   803  C  "C2'" . A   E 1 7 ? 1.524   -1.976  -15.207 1.00 19.89 ? 7   A   C "C2'" 1 
ATOM   804  O  "O2'" . A   E 1 7 ? 0.264   -1.862  -15.851 1.00 21.34 ? 7   A   C "O2'" 1 
ATOM   805  C  "C1'" . A   E 1 7 ? 1.474   -1.110  -13.954 1.00 19.21 ? 7   A   C "C1'" 1 
ATOM   806  N  N9    . A   E 1 7 ? 2.787   -0.690  -13.486 1.00 17.46 ? 7   A   C N9    1 
ATOM   807  C  C8    . A   E 1 7 ? 3.586   -1.220  -12.500 1.00 18.21 ? 7   A   C C8    1 
ATOM   808  N  N7    . A   E 1 7 ? 4.665   -0.511  -12.261 1.00 17.54 ? 7   A   C N7    1 
ATOM   809  C  C5    . A   E 1 7 ? 4.531   0.596   -13.084 1.00 18.82 ? 7   A   C C5    1 
ATOM   810  C  C6    . A   E 1 7 ? 5.353   1.718   -13.301 1.00 19.81 ? 7   A   C C6    1 
ATOM   811  N  N6    . A   E 1 7 ? 6.488   1.934   -12.635 1.00 19.16 ? 7   A   C N6    1 
ATOM   812  N  N1    . A   E 1 7 ? 4.937   2.638   -14.200 1.00 20.20 ? 7   A   C N1    1 
ATOM   813  C  C2    . A   E 1 7 ? 3.799   2.411   -14.869 1.00 19.40 ? 7   A   C C2    1 
ATOM   814  N  N3    . A   E 1 7 ? 2.965   1.361   -14.791 1.00 20.52 ? 7   A   C N3    1 
ATOM   815  C  C4    . A   E 1 7 ? 3.379   0.498   -13.849 1.00 16.19 ? 7   A   C C4    1 
ATOM   816  P  P     . C   E 1 8 ? 2.451   -5.235  -16.256 1.00 21.36 ? 8   C   C P     1 
ATOM   817  O  OP1   . C   E 1 8 ? 1.746   -6.430  -16.922 1.00 22.99 ? 8   C   C OP1   1 
ATOM   818  O  OP2   . C   E 1 8 ? 3.675   -5.447  -15.445 1.00 21.20 ? 8   C   C OP2   1 
ATOM   819  O  "O5'" . C   E 1 8 ? 2.992   -4.308  -17.446 1.00 19.99 ? 8   C   C "O5'" 1 
ATOM   820  C  "C5'" . C   E 1 8 ? 2.089   -3.864  -18.478 1.00 19.94 ? 8   C   C "C5'" 1 
ATOM   821  C  "C4'" . C   E 1 8 ? 2.682   -2.717  -19.222 1.00 19.20 ? 8   C   C "C4'" 1 
ATOM   822  O  "O4'" . C   E 1 8 ? 2.820   -1.598  -18.324 1.00 18.11 ? 8   C   C "O4'" 1 
ATOM   823  C  "C3'" . C   E 1 8 ? 4.082   -2.949  -19.756 1.00 20.51 ? 8   C   C "C3'" 1 
ATOM   824  O  "O3'" . C   E 1 8 ? 3.966   -3.723  -20.963 1.00 21.06 ? 8   C   C "O3'" 1 
ATOM   825  C  "C2'" . C   E 1 8 ? 4.571   -1.513  -19.932 1.00 18.99 ? 8   C   C "C2'" 1 
ATOM   826  O  "O2'" . C   E 1 8 ? 3.905   -0.929  -21.057 1.00 20.07 ? 8   C   C "O2'" 1 
ATOM   827  C  "C1'" . C   E 1 8 ? 3.957   -0.824  -18.709 1.00 18.19 ? 8   C   C "C1'" 1 
ATOM   828  N  N1    . C   E 1 8 ? 4.887   -0.738  -17.559 1.00 17.43 ? 8   C   C N1    1 
ATOM   829  C  C2    . C   E 1 8 ? 5.715   0.393   -17.464 1.00 17.56 ? 8   C   C C2    1 
ATOM   830  O  O2    . C   E 1 8 ? 5.660   1.259   -18.360 1.00 22.04 ? 8   C   C O2    1 
ATOM   831  N  N3    . C   E 1 8 ? 6.648   0.446   -16.482 1.00 18.59 ? 8   C   C N3    1 
ATOM   832  C  C4    . C   E 1 8 ? 6.685   -0.515  -15.555 1.00 17.44 ? 8   C   C C4    1 
ATOM   833  N  N4    . C   E 1 8 ? 7.584   -0.405  -14.567 1.00 17.53 ? 8   C   C N4    1 
ATOM   834  C  C5    . C   E 1 8 ? 5.864   -1.676  -15.636 1.00 18.67 ? 8   C   C C5    1 
ATOM   835  C  C6    . C   E 1 8 ? 4.973   -1.737  -16.635 1.00 18.04 ? 8   C   C C6    1 
ATOM   836  O  "O5'" . G   F 1 1 ? 3.215   -16.690 16.010  1.00 32.47 ? 9   G   F "O5'" 1 
ATOM   837  C  "C5'" . G   F 1 1 ? 3.527   -17.129 17.312  1.00 31.55 ? 9   G   F "C5'" 1 
ATOM   838  C  "C4'" . G   F 1 1 ? 4.989   -17.383 17.399  1.00 29.49 ? 9   G   F "C4'" 1 
ATOM   839  O  "O4'" . G   F 1 1 ? 5.340   -18.402 16.425  1.00 28.66 ? 9   G   F "O4'" 1 
ATOM   840  C  "C3'" . G   F 1 1 ? 5.897   -16.211 17.053  1.00 28.25 ? 9   G   F "C3'" 1 
ATOM   841  O  "O3'" . G   F 1 1 ? 6.094   -15.392 18.196  1.00 28.90 ? 9   G   F "O3'" 1 
ATOM   842  C  "C2'" . G   F 1 1 ? 7.186   -16.929 16.656  1.00 23.75 ? 9   G   F "C2'" 1 
ATOM   843  O  "O2'" . G   F 1 1 ? 7.970   -17.477 17.680  1.00 26.03 ? 9   G   F "O2'" 1 
ATOM   844  C  "C1'" . G   F 1 1 ? 6.634   -18.142 15.912  1.00 25.90 ? 9   G   F "C1'" 1 
ATOM   845  N  N9    . G   F 1 1 ? 6.482   -17.884 14.492  1.00 23.74 ? 9   G   F N9    1 
ATOM   846  C  C8    . G   F 1 1 ? 5.315   -17.829 13.771  1.00 22.52 ? 9   G   F C8    1 
ATOM   847  N  N7    . G   F 1 1 ? 5.510   -17.647 12.493  1.00 21.82 ? 9   G   F N7    1 
ATOM   848  C  C5    . G   F 1 1 ? 6.887   -17.512 12.375  1.00 22.51 ? 9   G   F C5    1 
ATOM   849  C  C6    . G   F 1 1 ? 7.688   -17.301 11.233  1.00 19.02 ? 9   G   F C6    1 
ATOM   850  O  O6    . G   F 1 1 ? 7.318   -17.120 10.061  1.00 21.08 ? 9   G   F O6    1 
ATOM   851  N  N1    . G   F 1 1 ? 9.043   -17.223 11.562  1.00 23.09 ? 9   G   F N1    1 
ATOM   852  C  C2    . G   F 1 1 ? 9.562   -17.368 12.831  1.00 22.19 ? 9   G   F C2    1 
ATOM   853  N  N2    . G   F 1 1 ? 10.895  -17.246 12.960  1.00 22.16 ? 9   G   F N2    1 
ATOM   854  N  N3    . G   F 1 1 ? 8.819   -17.610 13.904  1.00 20.73 ? 9   G   F N3    1 
ATOM   855  C  C4    . G   F 1 1 ? 7.501   -17.672 13.600  1.00 21.32 ? 9   G   F C4    1 
ATOM   856  P  P     . U   F 1 2 ? 6.068   -13.767 18.011  1.00 26.84 ? 10  U   F P     1 
ATOM   857  O  OP1   . U   F 1 2 ? 6.325   -13.162 19.349  1.00 33.78 ? 10  U   F OP1   1 
ATOM   858  O  OP2   . U   F 1 2 ? 4.877   -13.378 17.204  1.00 27.55 ? 10  U   F OP2   1 
ATOM   859  O  "O5'" . U   F 1 2 ? 7.332   -13.490 17.058  1.00 25.90 ? 10  U   F "O5'" 1 
ATOM   860  C  "C5'" . U   F 1 2 ? 8.649   -13.651 17.568  1.00 23.27 ? 10  U   F "C5'" 1 
ATOM   861  C  "C4'" . U   F 1 2 ? 9.648   -13.561 16.430  1.00 24.28 ? 10  U   F "C4'" 1 
ATOM   862  O  "O4'" . U   F 1 2 ? 9.356   -14.589 15.465  1.00 21.95 ? 10  U   F "O4'" 1 
ATOM   863  C  "C3'" . U   F 1 2 ? 9.595   -12.274 15.618  1.00 25.81 ? 10  U   F "C3'" 1 
ATOM   864  O  "O3'" . U   F 1 2 ? 10.355  -11.238 16.214  1.00 26.35 ? 10  U   F "O3'" 1 
ATOM   865  C  "C2'" . U   F 1 2 ? 10.230  -12.707 14.299  1.00 21.33 ? 10  U   F "C2'" 1 
ATOM   866  O  "O2'" . U   F 1 2 ? 11.632  -12.741 14.291  1.00 22.84 ? 10  U   F "O2'" 1 
ATOM   867  C  "C1'" . U   F 1 2 ? 9.634   -14.110 14.149  1.00 22.14 ? 10  U   F "C1'" 1 
ATOM   868  N  N1    . U   F 1 2 ? 8.391   -14.112 13.372  1.00 18.92 ? 10  U   F N1    1 
ATOM   869  C  C2    . U   F 1 2 ? 8.530   -14.055 11.999  1.00 21.75 ? 10  U   F C2    1 
ATOM   870  O  O2    . U   F 1 2 ? 9.617   -13.981 11.459  1.00 22.41 ? 10  U   F O2    1 
ATOM   871  N  N3    . U   F 1 2 ? 7.350   -14.103 11.291  1.00 22.31 ? 10  U   F N3    1 
ATOM   872  C  C4    . U   F 1 2 ? 6.067   -14.160 11.805  1.00 23.54 ? 10  U   F C4    1 
ATOM   873  O  O4    . U   F 1 2 ? 5.101   -14.164 11.027  1.00 28.41 ? 10  U   F O4    1 
ATOM   874  C  C5    . U   F 1 2 ? 6.002   -14.202 13.243  1.00 22.32 ? 10  U   F C5    1 
ATOM   875  C  C6    . U   F 1 2 ? 7.136   -14.186 13.958  1.00 22.22 ? 10  U   F C6    1 
ATOM   876  P  P     . G   F 1 3 ? 10.242  -9.727  15.673  1.00 25.72 ? 11  G   F P     1 
ATOM   877  O  OP1   . G   F 1 3 ? 10.712  -9.041  16.910  1.00 30.48 ? 11  G   F OP1   1 
ATOM   878  O  OP2   . G   F 1 3 ? 8.940   -9.382  15.081  1.00 24.45 ? 11  G   F OP2   1 
ATOM   879  O  "O5'" . G   F 1 3 ? 11.297  -9.572  14.477  1.00 23.94 ? 11  G   F "O5'" 1 
ATOM   880  C  "C5'" . G   F 1 3 ? 12.691  -9.687  14.737  1.00 25.62 ? 11  G   F "C5'" 1 
ATOM   881  C  "C4'" . G   F 1 3 ? 13.437  -9.426  13.461  1.00 19.34 ? 11  G   F "C4'" 1 
ATOM   882  O  "O4'" . G   F 1 3 ? 13.115  -10.431 12.470  1.00 23.58 ? 11  G   F "O4'" 1 
ATOM   883  C  "C3'" . G   F 1 3 ? 13.085  -8.110  12.780  1.00 20.20 ? 11  G   F "C3'" 1 
ATOM   884  O  "O3'" . G   F 1 3 ? 13.781  -6.991  13.377  1.00 18.88 ? 11  G   F "O3'" 1 
ATOM   885  C  "C2'" . G   F 1 3 ? 13.582  -8.390  11.374  1.00 21.15 ? 11  G   F "C2'" 1 
ATOM   886  O  "O2'" . G   F 1 3 ? 15.006  -8.391  11.257  1.00 21.77 ? 11  G   F "O2'" 1 
ATOM   887  C  "C1'" . G   F 1 3 ? 13.109  -9.827  11.174  1.00 23.15 ? 11  G   F "C1'" 1 
ATOM   888  N  N9    . G   F 1 3 ? 11.759  -9.937  10.614  1.00 19.34 ? 11  G   F N9    1 
ATOM   889  C  C8    . G   F 1 3 ? 10.599  -10.305 11.264  1.00 17.59 ? 11  G   F C8    1 
ATOM   890  N  N7    . G   F 1 3 ? 9.559   -10.347 10.469  1.00 18.78 ? 11  G   F N7    1 
ATOM   891  C  C5    . G   F 1 3 ? 10.071  -10.013 9.222   1.00 18.33 ? 11  G   F C5    1 
ATOM   892  C  C6    . G   F 1 3 ? 9.422   -9.917  7.959   1.00 20.54 ? 11  G   F C6    1 
ATOM   893  O  O6    . G   F 1 3 ? 8.245   -10.131 7.686   1.00 22.12 ? 11  G   F O6    1 
ATOM   894  N  N1    . G   F 1 3 ? 10.308  -9.535  6.961   1.00 20.56 ? 11  G   F N1    1 
ATOM   895  C  C2    . G   F 1 3 ? 11.649  -9.318  7.142   1.00 22.36 ? 11  G   F C2    1 
ATOM   896  N  N2    . G   F 1 3 ? 12.335  -8.970  6.054   1.00 24.95 ? 11  G   F N2    1 
ATOM   897  N  N3    . G   F 1 3 ? 12.273  -9.440  8.304   1.00 23.53 ? 11  G   F N3    1 
ATOM   898  C  C4    . G   F 1 3 ? 11.425  -9.770  9.295   1.00 20.21 ? 11  G   F C4    1 
ATOM   899  P  P     . U   F 1 4 ? 13.119  -5.568  13.297  1.00 20.78 ? 12  U   F P     1 
ATOM   900  O  OP1   . U   F 1 4 ? 14.058  -4.722  14.096  1.00 23.39 ? 12  U   F OP1   1 
ATOM   901  O  OP2   . U   F 1 4 ? 11.648  -5.531  13.554  1.00 23.03 ? 12  U   F OP2   1 
ATOM   902  O  "O5'" . U   F 1 4 ? 13.234  -5.075  11.780  1.00 19.88 ? 12  U   F "O5'" 1 
ATOM   903  C  "C5'" . U   F 1 4 ? 14.546  -4.944  11.201  1.00 21.04 ? 12  U   F "C5'" 1 
ATOM   904  C  "C4'" . U   F 1 4 ? 14.423  -4.731  9.715   1.00 17.71 ? 12  U   F "C4'" 1 
ATOM   905  O  "O4'" . U   F 1 4 ? 13.843  -5.889  9.052   1.00 19.42 ? 12  U   F "O4'" 1 
ATOM   906  C  "C3'" . U   F 1 4 ? 13.516  -3.564  9.291   1.00 17.86 ? 12  U   F "C3'" 1 
ATOM   907  O  "O3'" . U   F 1 4 ? 14.053  -2.259  9.460   1.00 20.49 ? 12  U   F "O3'" 1 
ATOM   908  C  "C2'" . U   F 1 4 ? 13.220  -3.908  7.849   1.00 19.09 ? 12  U   F "C2'" 1 
ATOM   909  O  "O2'" . U   F 1 4 ? 14.332  -3.692  6.986   1.00 20.85 ? 12  U   F "O2'" 1 
ATOM   910  C  "C1'" . U   F 1 4 ? 13.023  -5.422  7.963   1.00 18.26 ? 12  U   F "C1'" 1 
ATOM   911  N  N1    . U   F 1 4 ? 11.636  -5.868  8.199   1.00 19.03 ? 12  U   F N1    1 
ATOM   912  C  C2    . U   F 1 4 ? 10.808  -5.958  7.092   1.00 19.69 ? 12  U   F C2    1 
ATOM   913  O  O2    . U   F 1 4 ? 11.180  -5.675  5.967   1.00 19.58 ? 12  U   F O2    1 
ATOM   914  N  N3    . U   F 1 4 ? 9.526   -6.355  7.364   1.00 17.44 ? 12  U   F N3    1 
ATOM   915  C  C4    . U   F 1 4 ? 9.000   -6.703  8.597   1.00 16.70 ? 12  U   F C4    1 
ATOM   916  O  O4    . U   F 1 4 ? 7.840   -7.097  8.671   1.00 18.68 ? 12  U   F O4    1 
ATOM   917  C  C5    . U   F 1 4 ? 9.920   -6.599  9.694   1.00 18.00 ? 12  U   F C5    1 
ATOM   918  C  C6    . U   F 1 4 ? 11.177  -6.192  9.465   1.00 18.43 ? 12  U   F C6    1 
ATOM   919  P  P     . A   F 1 5 ? 13.072  -1.027  9.728   1.00 23.66 ? 13  A   F P     1 
ATOM   920  O  OP1   . A   F 1 5 ? 14.102  0.097   10.030  1.00 23.71 ? 13  A   F OP1   1 
ATOM   921  O  OP2   . A   F 1 5 ? 12.069  -1.310  10.730  1.00 24.75 ? 13  A   F OP2   1 
ATOM   922  O  "O5'" . A   F 1 5 ? 12.478  -0.833  8.254   1.00 24.09 ? 13  A   F "O5'" 1 
ATOM   923  C  "C5'" . A   F 1 5 ? 13.247  -0.422  7.118   1.00 21.56 ? 13  A   F "C5'" 1 
ATOM   924  C  "C4'" . A   F 1 5 ? 12.392  -0.363  5.892   1.00 22.69 ? 13  A   F "C4'" 1 
ATOM   925  O  "O4'" . A   F 1 5 ? 11.888  -1.674  5.524   1.00 20.49 ? 13  A   F "O4'" 1 
ATOM   926  C  "C3'" . A   F 1 5 ? 11.138  0.498   5.976   1.00 23.22 ? 13  A   F "C3'" 1 
ATOM   927  O  "O3'" . A   F 1 5 ? 11.421  1.858   5.761   1.00 24.34 ? 13  A   F "O3'" 1 
ATOM   928  C  "C2'" . A   F 1 5 ? 10.352  -0.022  4.790   1.00 21.29 ? 13  A   F "C2'" 1 
ATOM   929  O  "O2'" . A   F 1 5 ? 10.913  0.333   3.534   1.00 23.23 ? 13  A   F "O2'" 1 
ATOM   930  C  "C1'" . A   F 1 5 ? 10.564  -1.531  4.982   1.00 21.30 ? 13  A   F "C1'" 1 
ATOM   931  N  N9    . A   F 1 5 ? 9.606   -2.166  5.899   1.00 19.39 ? 13  A   F N9    1 
ATOM   932  C  C8    . A   F 1 5 ? 9.738   -2.480  7.234   1.00 20.68 ? 13  A   F C8    1 
ATOM   933  N  N7    . A   F 1 5 ? 8.702   -3.123  7.732   1.00 19.67 ? 13  A   F N7    1 
ATOM   934  C  C5    . A   F 1 5 ? 7.846   -3.257  6.645   1.00 17.66 ? 13  A   F C5    1 
ATOM   935  C  C6    . A   F 1 5 ? 6.571   -3.852  6.512   1.00 18.69 ? 13  A   F C6    1 
ATOM   936  N  N6    . A   F 1 5 ? 5.940   -4.449  7.520   1.00 18.48 ? 13  A   F N6    1 
ATOM   937  N  N1    . A   F 1 5 ? 5.940   -3.728  5.323   1.00 17.77 ? 13  A   F N1    1 
ATOM   938  C  C2    . A   F 1 5 ? 6.598   -3.160  4.304   1.00 20.20 ? 13  A   F C2    1 
ATOM   939  N  N3    . A   F 1 5 ? 7.800   -2.563  4.302   1.00 19.90 ? 13  A   F N3    1 
ATOM   940  C  C4    . A   F 1 5 ? 8.380   -2.658  5.515   1.00 18.91 ? 13  A   F C4    1 
HETATM 941  P  P     . RUS F 1 6 ? 10.573  2.951   6.522   1.00 23.41 ? 14  RUS F P     1 
HETATM 942  N  N1    . RUS F 1 6 ? 5.997   0.779   5.014   1.00 17.30 ? 14  RUS F N1    1 
HETATM 943  C  C2    . RUS F 1 6 ? 4.787   0.115   5.111   1.00 16.15 ? 14  RUS F C2    1 
HETATM 944  SE SE2   . RUS F 1 6 ? 3.418   0.185   3.745   0.50 15.79 ? 14  RUS F SE2   1 
HETATM 945  N  N3    . RUS F 1 6 ? 4.592   -0.596  6.252   1.00 17.42 ? 14  RUS F N3    1 
HETATM 946  C  C4    . RUS F 1 6 ? 5.454   -0.733  7.296   1.00 17.44 ? 14  RUS F C4    1 
HETATM 947  O  O4    . RUS F 1 6 ? 5.121   -1.434  8.247   1.00 18.52 ? 14  RUS F O4    1 
HETATM 948  C  C5    . RUS F 1 6 ? 6.662   0.042   7.175   1.00 16.74 ? 14  RUS F C5    1 
HETATM 949  C  C6    . RUS F 1 6 ? 6.917   0.690   6.027   1.00 17.14 ? 14  RUS F C6    1 
HETATM 950  C  "C1'" . RUS F 1 6 ? 6.207   1.538   3.774   1.00 17.17 ? 14  RUS F "C1'" 1 
HETATM 951  C  "C2'" . RUS F 1 6 ? 5.552   2.922   3.822   1.00 17.52 ? 14  RUS F "C2'" 1 
HETATM 952  O  "O2'" . RUS F 1 6 ? 5.226   3.287   2.492   1.00 19.07 ? 14  RUS F "O2'" 1 
HETATM 953  O  O2P   . RUS F 1 6 ? 10.071  2.706   7.877   1.00 22.96 ? 14  RUS F O2P   1 
HETATM 954  C  "C3'" . RUS F 1 6 ? 6.707   3.745   4.364   1.00 19.07 ? 14  RUS F "C3'" 1 
HETATM 955  O  "O3'" . RUS F 1 6 ? 6.516   5.173   4.214   1.00 18.46 ? 14  RUS F "O3'" 1 
HETATM 956  O  O3P   . RUS F 1 6 ? 11.261  4.248   6.148   1.00 26.76 ? 14  RUS F O3P   1 
HETATM 957  C  "C4'" . RUS F 1 6 ? 7.877   3.165   3.590   1.00 18.28 ? 14  RUS F "C4'" 1 
HETATM 958  O  "O4'" . RUS F 1 6 ? 7.610   1.718   3.584   1.00 18.70 ? 14  RUS F "O4'" 1 
HETATM 959  C  "C5'" . RUS F 1 6 ? 9.232   3.424   4.223   1.00 18.72 ? 14  RUS F "C5'" 1 
HETATM 960  O  "O5'" . RUS F 1 6 ? 9.219   3.005   5.638   1.00 20.25 ? 14  RUS F "O5'" 1 
ATOM   961  P  P     . A   F 1 7 ? 5.807   6.024   5.319   1.00 18.64 ? 15  A   F P     1 
ATOM   962  O  OP1   . A   F 1 7 ? 5.957   7.416   4.787   1.00 19.39 ? 15  A   F OP1   1 
ATOM   963  O  OP2   . A   F 1 7 ? 6.234   5.783   6.722   1.00 18.92 ? 15  A   F OP2   1 
ATOM   964  O  "O5'" . A   F 1 7 ? 4.283   5.530   5.354   1.00 17.85 ? 15  A   F "O5'" 1 
ATOM   965  C  "C5'" . A   F 1 7 ? 3.418   5.802   4.210   1.00 16.87 ? 15  A   F "C5'" 1 
ATOM   966  C  "C4'" . A   F 1 7 ? 2.148   5.021   4.390   1.00 18.37 ? 15  A   F "C4'" 1 
ATOM   967  O  "O4'" . A   F 1 7 ? 2.432   3.599   4.544   1.00 18.10 ? 15  A   F "O4'" 1 
ATOM   968  C  "C3'" . A   F 1 7 ? 1.333   5.358   5.631   1.00 16.72 ? 15  A   F "C3'" 1 
ATOM   969  O  "O3'" . A   F 1 7 ? 0.627   6.571   5.515   1.00 18.43 ? 15  A   F "O3'" 1 
ATOM   970  C  "C2'" . A   F 1 7 ? 0.437   4.128   5.752   1.00 16.98 ? 15  A   F "C2'" 1 
ATOM   971  O  "O2'" . A   F 1 7 ? -0.678  4.169   4.852   1.00 17.82 ? 15  A   F "O2'" 1 
ATOM   972  C  "C1'" . A   F 1 7 ? 1.453   3.040   5.405   1.00 17.79 ? 15  A   F "C1'" 1 
ATOM   973  N  N9    . A   F 1 7 ? 2.131   2.461   6.574   1.00 15.45 ? 15  A   F N9    1 
ATOM   974  C  C8    . A   F 1 7 ? 3.426   2.654   6.999   1.00 16.89 ? 15  A   F C8    1 
ATOM   975  N  N7    . A   F 1 7 ? 3.757   1.911   8.031   1.00 18.70 ? 15  A   F N7    1 
ATOM   976  C  C5    . A   F 1 7 ? 2.608   1.183   8.301   1.00 17.65 ? 15  A   F C5    1 
ATOM   977  C  C6    . A   F 1 7 ? 2.309   0.203   9.269   1.00 17.30 ? 15  A   F C6    1 
ATOM   978  N  N6    . A   F 1 7 ? 3.186   -0.218  10.203  1.00 16.71 ? 15  A   F N6    1 
ATOM   979  N  N1    . A   F 1 7 ? 1.086   -0.373  9.221   1.00 18.03 ? 15  A   F N1    1 
ATOM   980  C  C2    . A   F 1 7 ? 0.200   0.085   8.328   1.00 18.09 ? 15  A   F C2    1 
ATOM   981  N  N3    . A   F 1 7 ? 0.363   0.989   7.364   1.00 16.55 ? 15  A   F N3    1 
ATOM   982  C  C4    . A   F 1 7 ? 1.605   1.502   7.398   1.00 16.29 ? 15  A   F C4    1 
ATOM   983  P  P     . C   F 1 8 ? 0.349   7.498   6.784   1.00 19.12 ? 16  C   F P     1 
ATOM   984  O  OP1   . C   F 1 8 ? -0.226  8.765   6.273   1.00 20.25 ? 16  C   F OP1   1 
ATOM   985  O  OP2   . C   F 1 8 ? 1.618   7.516   7.626   1.00 18.83 ? 16  C   F OP2   1 
ATOM   986  O  "O5'" . C   F 1 8 ? -0.720  6.662   7.631   1.00 17.25 ? 16  C   F "O5'" 1 
ATOM   987  C  "C5'" . C   F 1 8 ? -2.069  6.502   7.054   1.00 18.83 ? 16  C   F "C5'" 1 
ATOM   988  C  "C4'" . C   F 1 8 ? -2.836  5.520   7.890   1.00 19.08 ? 16  C   F "C4'" 1 
ATOM   989  O  "O4'" . C   F 1 8 ? -2.136  4.246   7.891   1.00 19.83 ? 16  C   F "O4'" 1 
ATOM   990  C  "C3'" . C   F 1 8 ? -2.925  5.860   9.373   1.00 18.61 ? 16  C   F "C3'" 1 
ATOM   991  O  "O3'" . C   F 1 8 ? -3.874  6.898   9.503   1.00 21.26 ? 16  C   F "O3'" 1 
ATOM   992  C  "C2'" . C   F 1 8 ? -3.246  4.511   9.991   1.00 18.10 ? 16  C   F "C2'" 1 
ATOM   993  O  "O2'" . C   F 1 8 ? -4.578  4.201   9.809   1.00 20.05 ? 16  C   F "O2'" 1 
ATOM   994  C  "C1'" . C   F 1 8 ? -2.366  3.597   9.145   1.00 17.51 ? 16  C   F "C1'" 1 
ATOM   995  N  N1    . C   F 1 8 ? -1.061  3.366   9.809   1.00 17.93 ? 16  C   F N1    1 
ATOM   996  C  C2    . C   F 1 8 ? -0.973  2.281   10.684  1.00 18.52 ? 16  C   F C2    1 
ATOM   997  O  O2    . C   F 1 8 ? -1.991  1.619   10.909  1.00 17.48 ? 16  C   F O2    1 
ATOM   998  N  N3    . C   F 1 8 ? 0.197   2.041   11.333  1.00 17.70 ? 16  C   F N3    1 
ATOM   999  C  C4    . C   F 1 8 ? 1.253   2.830   11.108  1.00 17.86 ? 16  C   F C4    1 
ATOM   1000 N  N4    . C   F 1 8 ? 2.418   2.518   11.692  1.00 19.38 ? 16  C   F N4    1 
ATOM   1001 C  C5    . C   F 1 8 ? 1.193   3.932   10.205  1.00 19.23 ? 16  C   F C5    1 
ATOM   1002 C  C6    . C   F 1 8 ? 0.022   4.176   9.599   1.00 17.40 ? 16  C   F C6    1 
HETATM 1003 K  K     . K   G 2 . ? -1.394  -11.862 -1.304  1.00 15.39 ? 101 K   A K     1 
HETATM 1004 K  K     . K   H 2 . ? 5.390   13.745  -3.963  1.00 22.79 ? 101 K   C K     1 
HETATM 1005 O  O     . HOH I 3 . ? -15.408 5.120   5.948   1.00 21.71 ? 201 HOH A O     1 
HETATM 1006 O  O     . HOH I 3 . ? -4.947  -9.115  0.984   1.00 19.92 ? 202 HOH A O     1 
HETATM 1007 O  O     . HOH I 3 . ? -16.741 2.782   6.586   1.00 34.45 ? 203 HOH A O     1 
HETATM 1008 O  O     . HOH I 3 . ? -0.496  -10.142 -5.577  1.00 25.18 ? 204 HOH A O     1 
HETATM 1009 O  O     . HOH I 3 . ? 1.329   -7.659  -8.427  1.00 26.48 ? 205 HOH A O     1 
HETATM 1010 O  O     . HOH I 3 . ? -7.765  -4.107  -7.055  1.00 25.37 ? 206 HOH A O     1 
HETATM 1011 O  O     . HOH I 3 . ? -6.548  6.372   -4.476  1.00 21.48 ? 207 HOH A O     1 
HETATM 1012 O  O     . HOH I 3 . ? -8.591  -1.663  -5.816  1.00 23.49 ? 208 HOH A O     1 
HETATM 1013 O  O     . HOH I 3 . ? -12.341 0.531   -7.420  1.00 26.91 ? 209 HOH A O     1 
HETATM 1014 O  O     . HOH I 3 . ? -11.261 -0.869  -3.370  1.00 25.12 ? 210 HOH A O     1 
HETATM 1015 O  O     . HOH I 3 . ? -9.675  0.598   -7.219  1.00 29.02 ? 211 HOH A O     1 
HETATM 1016 O  O     . HOH I 3 . ? -26.624 1.268   2.793   1.00 28.56 ? 212 HOH A O     1 
HETATM 1017 O  O     . HOH I 3 . ? -15.010 1.567   0.158   1.00 23.31 ? 213 HOH A O     1 
HETATM 1018 O  O     . HOH I 3 . ? -1.789  1.703   -10.839 1.00 28.26 ? 214 HOH A O     1 
HETATM 1019 O  O     . HOH I 3 . ? -25.289 -1.892  3.670   1.00 28.87 ? 215 HOH A O     1 
HETATM 1020 O  O     . HOH I 3 . ? -4.335  -6.549  -7.502  1.00 32.91 ? 216 HOH A O     1 
HETATM 1021 O  O     . HOH I 3 . ? -12.418 -0.603  -0.464  1.00 27.32 ? 217 HOH A O     1 
HETATM 1022 O  O     . HOH I 3 . ? -17.934 5.267   7.498   1.00 34.35 ? 218 HOH A O     1 
HETATM 1023 O  O     . HOH I 3 . ? -13.155 0.997   -4.189  1.00 32.45 ? 219 HOH A O     1 
HETATM 1024 O  O     . HOH I 3 . ? -6.716  -0.879  -8.216  1.00 34.12 ? 220 HOH A O     1 
HETATM 1025 O  O     . HOH I 3 . ? -17.679 3.457   0.716   1.00 41.16 ? 221 HOH A O     1 
HETATM 1026 O  O     . HOH I 3 . ? -6.448  -11.536 0.831   1.00 35.30 ? 222 HOH A O     1 
HETATM 1027 O  O     . HOH I 3 . ? -10.973 9.120   -6.845  1.00 38.49 ? 223 HOH A O     1 
HETATM 1028 O  O     . HOH I 3 . ? -2.245  -1.293  -12.016 1.00 35.31 ? 224 HOH A O     1 
HETATM 1029 O  O     . HOH I 3 . ? -17.884 2.266   -3.697  1.00 28.31 ? 225 HOH A O     1 
HETATM 1030 O  O     . HOH I 3 . ? -2.379  -3.663  -0.011  1.00 17.14 ? 226 HOH A O     1 
HETATM 1031 O  O     . HOH I 3 . ? 0.165   0.872   -4.047  1.00 27.39 ? 227 HOH A O     1 
HETATM 1032 O  O     . HOH J 3 . ? -13.225 0.553   1.823   1.00 16.90 ? 101 HOH B O     1 
HETATM 1033 O  O     . HOH J 3 . ? -2.292  -0.908  4.515   1.00 19.22 ? 102 HOH B O     1 
HETATM 1034 O  O     . HOH J 3 . ? -14.700 -13.120 -4.223  1.00 20.97 ? 103 HOH B O     1 
HETATM 1035 O  O     . HOH J 3 . ? -14.668 -10.955 -2.291  1.00 21.87 ? 104 HOH B O     1 
HETATM 1036 O  O     . HOH J 3 . ? -10.592 -0.301  5.722   1.00 23.52 ? 105 HOH B O     1 
HETATM 1037 O  O     . HOH J 3 . ? -5.489  -6.477  2.537   1.00 19.86 ? 106 HOH B O     1 
HETATM 1038 O  O     . HOH J 3 . ? -21.150 -11.564 -5.425  1.00 25.84 ? 107 HOH B O     1 
HETATM 1039 O  O     . HOH J 3 . ? -7.748  8.812   -2.079  1.00 33.80 ? 108 HOH B O     1 
HETATM 1040 O  O     . HOH J 3 . ? -11.735 -1.438  2.348   1.00 24.33 ? 109 HOH B O     1 
HETATM 1041 O  O     . HOH J 3 . ? -10.697 -11.753 -0.863  1.00 33.61 ? 110 HOH B O     1 
HETATM 1042 O  O     . HOH J 3 . ? -24.352 -8.897  -6.509  1.00 24.36 ? 111 HOH B O     1 
HETATM 1043 O  O     . HOH J 3 . ? -6.728  -8.214  4.265   1.00 22.51 ? 112 HOH B O     1 
HETATM 1044 O  O     . HOH J 3 . ? -14.437 -12.694 0.083   1.00 29.31 ? 113 HOH B O     1 
HETATM 1045 O  O     . HOH J 3 . ? -11.117 4.188   4.237   1.00 25.97 ? 114 HOH B O     1 
HETATM 1046 O  O     . HOH J 3 . ? -8.476  -9.767  2.616   1.00 23.24 ? 115 HOH B O     1 
HETATM 1047 O  O     . HOH J 3 . ? -9.628  3.382   6.574   1.00 29.10 ? 116 HOH B O     1 
HETATM 1048 O  O     . HOH J 3 . ? -15.331 -4.395  0.586   1.00 30.19 ? 117 HOH B O     1 
HETATM 1049 O  O     . HOH J 3 . ? -8.445  -7.426  8.106   1.00 26.23 ? 118 HOH B O     1 
HETATM 1050 O  O     . HOH J 3 . ? -20.880 -4.499  -12.433 1.00 39.91 ? 119 HOH B O     1 
HETATM 1051 O  O     . HOH J 3 . ? -19.045 -13.046 -5.125  1.00 33.78 ? 120 HOH B O     1 
HETATM 1052 O  O     . HOH J 3 . ? -3.731  11.333  1.323   1.00 26.11 ? 121 HOH B O     1 
HETATM 1053 O  O     . HOH J 3 . ? -15.354 -10.418 5.097   1.00 35.45 ? 122 HOH B O     1 
HETATM 1054 O  O     . HOH J 3 . ? -18.669 -11.481 -1.346  1.00 32.73 ? 123 HOH B O     1 
HETATM 1055 O  O     . HOH J 3 . ? -16.270 -15.105 -2.719  1.00 32.94 ? 124 HOH B O     1 
HETATM 1056 O  O     . HOH J 3 . ? -10.870 -10.538 3.585   1.00 35.78 ? 125 HOH B O     1 
HETATM 1057 O  O     . HOH J 3 . ? -13.247 -3.032  4.008   1.00 27.33 ? 126 HOH B O     1 
HETATM 1058 O  O     . HOH J 3 . ? -12.178 -3.790  -3.934  1.00 31.00 ? 127 HOH B O     1 
HETATM 1059 O  O     . HOH J 3 . ? -3.011  -2.530  2.386   1.00 16.81 ? 128 HOH B O     1 
HETATM 1060 O  O     . HOH K 3 . ? -1.478  10.828  -0.349  1.00 27.12 ? 101 HOH D O     1 
HETATM 1061 O  O     . HOH K 3 . ? 12.204  -0.381  -11.395 1.00 15.36 ? 102 HOH D O     1 
HETATM 1062 O  O     . HOH K 3 . ? -2.065  8.691   4.184   1.00 21.38 ? 103 HOH D O     1 
HETATM 1063 O  O     . HOH K 3 . ? -0.598  3.037   -2.622  1.00 19.57 ? 104 HOH D O     1 
HETATM 1064 O  O     . HOH K 3 . ? 15.551  -3.914  -13.200 1.00 25.56 ? 105 HOH D O     1 
HETATM 1065 O  O     . HOH K 3 . ? 13.870  -2.347  -12.375 1.00 25.59 ? 106 HOH D O     1 
HETATM 1066 O  O     . HOH K 3 . ? 2.717   9.814   -7.024  1.00 28.32 ? 107 HOH D O     1 
HETATM 1067 O  O     . HOH K 3 . ? 13.716  5.009   -12.241 1.00 26.97 ? 108 HOH D O     1 
HETATM 1068 O  O     . HOH K 3 . ? 16.738  -2.414  -10.987 1.00 26.83 ? 109 HOH D O     1 
HETATM 1069 O  O     . HOH K 3 . ? 10.435  1.039   -11.962 1.00 38.09 ? 110 HOH D O     1 
HETATM 1070 O  O     . HOH K 3 . ? -1.091  10.486  -4.549  1.00 30.30 ? 111 HOH D O     1 
HETATM 1071 O  O     . HOH K 3 . ? 1.834   10.824  -4.766  1.00 26.78 ? 112 HOH D O     1 
HETATM 1072 O  O     . HOH K 3 . ? 11.200  7.816   -13.219 1.00 31.24 ? 113 HOH D O     1 
HETATM 1073 O  O     . HOH K 3 . ? 15.344  5.384   -9.518  1.00 31.86 ? 114 HOH D O     1 
HETATM 1074 O  O     . HOH K 3 . ? 23.608  5.939   -11.201 1.00 33.19 ? 115 HOH D O     1 
HETATM 1075 O  O     . HOH K 3 . ? 9.583   5.760   -20.399 1.00 31.60 ? 116 HOH D O     1 
HETATM 1076 O  O     . HOH K 3 . ? -0.205  2.276   0.322   1.00 26.12 ? 117 HOH D O     1 
HETATM 1077 O  O     . HOH K 3 . ? -0.200  4.486   -14.033 1.00 32.57 ? 118 HOH D O     1 
HETATM 1078 O  O     . HOH K 3 . ? 21.792  4.353   -15.311 1.00 32.94 ? 119 HOH D O     1 
HETATM 1079 O  O     . HOH K 3 . ? 0.636   -0.648  -0.711  1.00 37.78 ? 120 HOH D O     1 
HETATM 1080 O  O     . HOH K 3 . ? 7.416   2.525   -22.345 1.00 29.56 ? 121 HOH D O     1 
HETATM 1081 O  O     . HOH K 3 . ? 7.162   8.595   -8.932  1.00 25.64 ? 122 HOH D O     1 
HETATM 1082 O  O     . HOH K 3 . ? 7.386   4.893   -21.023 1.00 28.88 ? 123 HOH D O     1 
HETATM 1083 O  O     . HOH L 3 . ? -3.841  -0.609  8.897   1.00 20.36 ? 101 HOH E O     1 
HETATM 1084 O  O     . HOH L 3 . ? 5.907   3.811   17.049  0.50 15.73 ? 102 HOH E O     1 
HETATM 1085 O  O     . HOH L 3 . ? -0.294  -8.643  7.454   1.00 21.90 ? 103 HOH E O     1 
HETATM 1086 O  O     . HOH L 3 . ? -4.841  -1.474  13.208  1.00 26.01 ? 104 HOH E O     1 
HETATM 1087 O  O     . HOH L 3 . ? -7.221  -6.191  10.495  1.00 28.67 ? 105 HOH E O     1 
HETATM 1088 O  O     . HOH L 3 . ? -1.347  -11.245 1.388   1.00 32.23 ? 106 HOH E O     1 
HETATM 1089 O  O     . HOH L 3 . ? -0.127  -1.746  19.657  1.00 27.31 ? 107 HOH E O     1 
HETATM 1090 O  O     . HOH L 3 . ? 0.649   -9.985  4.099   1.00 32.69 ? 108 HOH E O     1 
HETATM 1091 O  O     . HOH L 3 . ? 4.455   -3.818  12.887  1.00 31.99 ? 109 HOH E O     1 
HETATM 1092 O  O     . HOH L 3 . ? -5.656  -2.191  10.627  1.00 24.42 ? 110 HOH E O     1 
HETATM 1093 O  O     . HOH L 3 . ? 8.619   -4.629  0.479   1.00 24.14 ? 111 HOH E O     1 
HETATM 1094 O  O     . HOH L 3 . ? 3.269   -9.432  5.258   1.00 25.43 ? 112 HOH E O     1 
HETATM 1095 O  O     . HOH L 3 . ? 3.629   -8.306  8.500   1.00 40.68 ? 113 HOH E O     1 
HETATM 1096 O  O     . HOH L 3 . ? -4.146  -2.913  15.522  1.00 35.10 ? 114 HOH E O     1 
HETATM 1097 O  O     . HOH L 3 . ? 4.022   -5.527  10.192  1.00 29.26 ? 115 HOH E O     1 
HETATM 1098 O  O     . HOH L 3 . ? -3.099  -12.302 3.041   1.00 39.85 ? 116 HOH E O     1 
HETATM 1099 O  O     . HOH L 3 . ? 4.690   -2.942  16.442  1.00 47.63 ? 117 HOH E O     1 
HETATM 1100 O  O     . HOH L 3 . ? 6.033   3.197   14.454  1.00 37.90 ? 118 HOH E O     1 
HETATM 1101 O  O     . HOH L 3 . ? 1.767   -6.470  9.848   1.00 28.55 ? 119 HOH E O     1 
HETATM 1102 O  O     . HOH L 3 . ? 3.295   -5.758  14.450  1.00 38.21 ? 120 HOH E O     1 
HETATM 1103 O  O     . HOH L 3 . ? -3.430  -11.001 6.899   1.00 36.60 ? 121 HOH E O     1 
HETATM 1104 O  O     . HOH M 3 . ? 2.062   -4.533  -2.539  1.00 21.26 ? 201 HOH C O     1 
HETATM 1105 O  O     . HOH M 3 . ? 2.757   -6.567  -4.458  1.00 21.61 ? 202 HOH C O     1 
HETATM 1106 O  O     . HOH M 3 . ? 4.453   -0.451  0.665   1.00 26.14 ? 203 HOH C O     1 
HETATM 1107 O  O     . HOH M 3 . ? 11.608  10.685  1.595   1.00 24.28 ? 204 HOH C O     1 
HETATM 1108 O  O     . HOH M 3 . ? 1.414   0.316   -21.439 1.00 23.08 ? 205 HOH C O     1 
HETATM 1109 O  O     . HOH M 3 . ? 6.285   15.083  -5.692  1.00 27.82 ? 206 HOH C O     1 
HETATM 1110 O  O     . HOH M 3 . ? 3.261   1.554   -0.631  1.00 24.90 ? 207 HOH C O     1 
HETATM 1111 O  O     . HOH M 3 . ? -1.448  -4.571  -9.491  1.00 25.27 ? 208 HOH C O     1 
HETATM 1112 O  O     . HOH M 3 . ? 8.878   2.994   -5.781  1.00 36.54 ? 209 HOH C O     1 
HETATM 1113 O  O     . HOH M 3 . ? 5.212   -4.409  -13.400 1.00 23.60 ? 210 HOH C O     1 
HETATM 1114 O  O     . HOH M 3 . ? 7.788   -1.075  -6.316  1.00 25.26 ? 211 HOH C O     1 
HETATM 1115 O  O     . HOH M 3 . ? 7.930   -2.745  -12.888 1.00 27.70 ? 212 HOH C O     1 
HETATM 1116 O  O     . HOH M 3 . ? 10.598  6.986   4.206   1.00 33.58 ? 213 HOH C O     1 
HETATM 1117 O  O     . HOH M 3 . ? 9.764   9.337   -4.759  1.00 32.12 ? 214 HOH C O     1 
HETATM 1118 O  O     . HOH M 3 . ? 7.288   -0.807  -10.985 1.00 34.72 ? 215 HOH C O     1 
HETATM 1119 O  O     . HOH M 3 . ? 11.747  5.658   -4.138  1.00 31.97 ? 216 HOH C O     1 
HETATM 1120 O  O     . HOH M 3 . ? 8.896   2.308   -8.921  1.00 32.71 ? 217 HOH C O     1 
HETATM 1121 O  O     . HOH M 3 . ? 12.167  9.015   3.637   1.00 39.03 ? 218 HOH C O     1 
HETATM 1122 O  O     . HOH M 3 . ? 6.828   10.083  -4.901  1.00 38.72 ? 219 HOH C O     1 
HETATM 1123 O  O     . HOH M 3 . ? 11.231  13.220  2.727   1.00 29.88 ? 220 HOH C O     1 
HETATM 1124 O  O     . HOH M 3 . ? 13.866  13.605  3.848   1.00 50.07 ? 221 HOH C O     1 
HETATM 1125 O  O     . HOH M 3 . ? 8.346   7.580   3.399   1.00 26.51 ? 222 HOH C O     1 
HETATM 1126 O  O     . HOH N 3 . ? 2.866   3.386   1.432   1.00 21.98 ? 101 HOH F O     1 
HETATM 1127 O  O     . HOH N 3 . ? -1.705  1.827   5.588   1.00 19.51 ? 102 HOH F O     1 
HETATM 1128 O  O     . HOH N 3 . ? -6.677  6.191   10.345  1.00 23.21 ? 103 HOH F O     1 
HETATM 1129 O  O     . HOH N 3 . ? -4.809  1.668   10.761  1.00 20.89 ? 104 HOH F O     1 
HETATM 1130 O  O     . HOH N 3 . ? 5.285   -15.721 7.793   0.50 22.26 ? 105 HOH F O     1 
HETATM 1131 O  O     . HOH N 3 . ? 12.926  -13.508 11.872  1.00 20.03 ? 106 HOH F O     1 
HETATM 1132 O  O     . HOH N 3 . ? 12.083  -17.510 15.478  1.00 30.95 ? 107 HOH F O     1 
HETATM 1133 O  O     . HOH N 3 . ? 5.560   -18.432 7.933   1.00 39.33 ? 108 HOH F O     1 
HETATM 1134 O  O     . HOH N 3 . ? 17.363  -6.586  10.273  1.00 29.99 ? 109 HOH F O     1 
HETATM 1135 O  O     . HOH N 3 . ? 3.756   5.969   8.714   1.00 28.35 ? 110 HOH F O     1 
HETATM 1136 O  O     . HOH N 3 . ? 15.350  -9.097  8.832   1.00 33.90 ? 111 HOH F O     1 
HETATM 1137 O  O     . HOH N 3 . ? 3.918   -17.293 10.462  1.00 33.96 ? 112 HOH F O     1 
HETATM 1138 O  O     . HOH N 3 . ? 8.600   -2.018  1.786   1.00 30.84 ? 113 HOH F O     1 
HETATM 1139 O  O     . HOH N 3 . ? 1.019   7.614   10.512  1.00 36.24 ? 114 HOH F O     1 
HETATM 1140 O  O     . HOH N 3 . ? 7.427   -10.878 12.365  1.00 35.79 ? 115 HOH F O     1 
HETATM 1141 O  O     . HOH N 3 . ? 5.811   2.311   9.744   1.00 31.42 ? 116 HOH F O     1 
HETATM 1142 O  O     . HOH N 3 . ? 13.272  -13.668 16.133  1.00 33.01 ? 117 HOH F O     1 
HETATM 1143 O  O     . HOH N 3 . ? 15.474  -12.678 12.128  1.00 32.66 ? 118 HOH F O     1 
HETATM 1144 O  O     . HOH N 3 . ? 5.134   -11.158 15.513  1.00 38.32 ? 119 HOH F O     1 
HETATM 1145 O  O     . HOH N 3 . ? 7.212   -20.496 8.500   1.00 40.23 ? 120 HOH F O     1 
HETATM 1146 O  O     . HOH N 3 . ? 10.365  -17.499 17.732  1.00 35.03 ? 121 HOH F O     1 
HETATM 1147 O  O     . HOH N 3 . ? 9.296   -7.230  13.158  1.00 34.91 ? 122 HOH F O     1 
# 
